data_3WNP
#
_entry.id   3WNP
#
_cell.length_a   60.987
_cell.length_b   172.813
_cell.length_c   172.305
_cell.angle_alpha   90.00
_cell.angle_beta   90.00
_cell.angle_gamma   90.00
#
_symmetry.space_group_name_H-M   'P 21 21 21'
#
loop_
_entity.id
_entity.type
_entity.pdbx_description
1 polymer 'Cycloisomaltooligosaccharide glucanotransferase'
2 branched alpha-D-glucopyranose-(1-6)-alpha-D-glucopyranose-(1-6)-alpha-D-glucopyranose-(1-6)-beta-D-glucopyranose
3 non-polymer 'CALCIUM ION'
4 non-polymer 'SODIUM ION'
5 non-polymer 'SULFATE ION'
6 non-polymer '2-(N-MORPHOLINO)-ETHANESULFONIC ACID'
7 water water
#
_entity_poly.entity_id   1
_entity_poly.type   'polypeptide(L)'
_entity_poly.pdbx_seq_one_letter_code
;MGSGSGGIERVFTDKARYNPGDAVSIRVQAKNGTGSSWSGAARLEIFHLENSVYTSSQSLSLTNGQSTTLTFTWTAPSTD
FRGYFVRIDAGTLGQGATAIDVSSDFTKYPRYGYISEFESGETALESKAKVDQLAQDYHINAWQFYDWMWRHDKMIKRTG
GSIDSTWLDLFNREISWSTLQNQIDAVHDVNGKAMAYAMIYASRENYSPLGISPTWGIYEDSSHTNQFDVDVGDGSTYLY
MFDPQNPNWQNYIHAEYIDSINTAGFDGIHVAQMGQRSNVYDYNGNSIDLSTRFSPFLDQAKSVLSANNPARDNLTYNIV
DGTVNGWAVNDVSKNADLDFLYSEIWYLSDSYNQLKNYIEQLRANGGNKAVVLAAYMNYADNAGTRYEAESASMTNVSTN
TNHAGYTGSGFVDQFASTGDKVSFAINAPEAGYYSLVFRYGNNTGANSTLNLYVDGNFVQKLYFFNQSSWGTWKHDVWSQ
VPLTQGAHTVELRYESGNVGAVNLDSLTLGTFDEHSVRLADAMMSASGATHIELGDDNQMLPHEYYPNRSKTMRSSLKNA
MKDHYNFITAYENLLFDSDVVPNDTGSQFVNLTGVSASGDGSANTVWYINKRTSDYNIVHLINLLGNDNQWRNTASQPSF
QTNLPAKIYIGADETISDVYLASPDLSGGETQELAFTSGTDAGGKYVSFTVPELKYWNMIYMLEHHHHHH
;
_entity_poly.pdbx_strand_id   A,B
#
# COMPACT_ATOMS: atom_id res chain seq x y z
N GLY A 6 -50.30 10.21 24.12
CA GLY A 6 -49.61 9.81 25.40
C GLY A 6 -48.77 10.93 25.98
N GLY A 7 -49.40 11.78 26.79
CA GLY A 7 -48.73 12.84 27.55
C GLY A 7 -47.97 12.33 28.76
N ILE A 8 -47.62 11.04 28.76
CA ILE A 8 -46.52 10.51 29.55
C ILE A 8 -45.29 10.62 28.65
N GLU A 9 -44.47 11.64 28.90
CA GLU A 9 -43.43 12.07 27.93
C GLU A 9 -42.17 11.20 27.98
N ARG A 10 -41.71 10.85 29.18
CA ARG A 10 -40.52 10.01 29.35
C ARG A 10 -40.65 9.04 30.55
N VAL A 11 -39.99 7.88 30.45
CA VAL A 11 -39.85 6.92 31.54
C VAL A 11 -38.41 6.41 31.57
N PHE A 12 -37.70 6.55 32.70
CA PHE A 12 -36.30 6.16 32.74
C PHE A 12 -35.70 5.93 34.12
N THR A 13 -34.42 5.61 34.16
CA THR A 13 -33.72 5.38 35.43
C THR A 13 -32.36 6.12 35.54
N ASP A 14 -32.09 6.66 36.75
CA ASP A 14 -30.83 7.36 37.09
C ASP A 14 -29.61 6.68 36.43
N LYS A 15 -29.41 5.41 36.76
CA LYS A 15 -28.28 4.61 36.30
C LYS A 15 -28.65 3.71 35.11
N ALA A 16 -27.68 3.06 34.50
CA ALA A 16 -27.94 2.36 33.22
C ALA A 16 -27.78 0.85 33.31
N ARG A 17 -27.29 0.42 34.44
CA ARG A 17 -27.27 -0.95 34.80
C ARG A 17 -27.16 -0.88 36.31
N TYR A 18 -27.88 -1.76 37.00
CA TYR A 18 -27.86 -1.79 38.44
C TYR A 18 -27.24 -3.11 38.89
N ASN A 19 -26.76 -3.18 40.12
CA ASN A 19 -26.35 -4.47 40.72
C ASN A 19 -27.48 -5.13 41.54
N PRO A 20 -27.37 -6.44 41.83
CA PRO A 20 -28.37 -7.07 42.71
C PRO A 20 -28.44 -6.43 44.11
N GLY A 21 -29.61 -5.90 44.46
CA GLY A 21 -29.81 -5.24 45.73
C GLY A 21 -29.59 -3.75 45.70
N ASP A 22 -29.37 -3.16 44.53
CA ASP A 22 -29.29 -1.70 44.46
C ASP A 22 -30.69 -1.09 44.48
N ALA A 23 -30.81 0.06 45.13
CA ALA A 23 -31.99 0.90 44.97
C ALA A 23 -32.10 1.23 43.50
N VAL A 24 -33.31 1.48 43.01
CA VAL A 24 -33.51 1.80 41.60
C VAL A 24 -34.63 2.81 41.49
N SER A 25 -34.34 3.95 40.86
CA SER A 25 -35.29 5.03 40.86
C SER A 25 -35.90 5.17 39.49
N ILE A 26 -37.14 4.69 39.37
CA ILE A 26 -37.86 4.77 38.10
C ILE A 26 -38.57 6.09 38.04
N ARG A 27 -38.24 6.88 37.03
CA ARG A 27 -38.75 8.23 36.89
C ARG A 27 -39.83 8.24 35.83
N VAL A 28 -40.80 9.15 35.99
CA VAL A 28 -41.96 9.20 35.10
C VAL A 28 -42.36 10.63 34.85
N GLN A 29 -41.93 11.17 33.71
CA GLN A 29 -42.26 12.54 33.37
C GLN A 29 -43.59 12.55 32.66
N ALA A 30 -44.53 13.32 33.20
CA ALA A 30 -45.87 13.38 32.67
C ALA A 30 -46.24 14.80 32.32
N LYS A 31 -47.22 14.96 31.43
CA LYS A 31 -47.73 16.29 31.09
C LYS A 31 -49.13 16.24 30.46
N ASN A 32 -50.10 16.87 31.15
CA ASN A 32 -51.51 16.96 30.70
C ASN A 32 -51.70 18.05 29.66
N GLY A 33 -52.28 17.68 28.52
CA GLY A 33 -52.52 18.64 27.44
C GLY A 33 -53.84 18.37 26.74
N THR A 34 -54.83 17.94 27.50
CA THR A 34 -56.15 17.60 26.96
C THR A 34 -57.23 18.64 27.33
N GLY A 35 -56.82 19.90 27.44
CA GLY A 35 -57.77 21.00 27.69
C GLY A 35 -58.18 21.24 29.13
N SER A 36 -58.41 20.17 29.90
CA SER A 36 -58.95 20.31 31.27
C SER A 36 -58.33 19.28 32.21
N SER A 37 -58.32 19.62 33.49
CA SER A 37 -57.76 18.77 34.57
C SER A 37 -57.83 17.25 34.32
N TRP A 38 -56.95 16.53 35.02
CA TRP A 38 -56.94 15.07 35.00
C TRP A 38 -56.60 14.60 36.41
N SER A 39 -57.40 13.64 36.91
CA SER A 39 -57.11 12.94 38.16
C SER A 39 -57.15 11.44 37.94
N GLY A 40 -56.20 10.74 38.56
CA GLY A 40 -56.17 9.29 38.45
C GLY A 40 -54.93 8.72 39.09
N ALA A 41 -54.46 7.62 38.51
CA ALA A 41 -53.26 6.96 39.04
C ALA A 41 -52.21 6.69 37.95
N ALA A 42 -51.01 6.36 38.45
CA ALA A 42 -49.93 5.87 37.62
C ALA A 42 -49.58 4.46 38.09
N ARG A 43 -50.00 3.47 37.30
CA ARG A 43 -49.76 2.07 37.61
C ARG A 43 -48.49 1.55 36.94
N LEU A 44 -47.42 1.52 37.74
CA LEU A 44 -46.14 0.90 37.36
C LEU A 44 -46.23 -0.60 37.50
N GLU A 45 -45.86 -1.32 36.44
CA GLU A 45 -45.72 -2.79 36.50
C GLU A 45 -44.47 -3.28 35.78
N ILE A 46 -43.68 -4.10 36.48
CA ILE A 46 -42.39 -4.57 36.01
C ILE A 46 -42.49 -6.07 35.80
N PHE A 47 -41.99 -6.53 34.64
CA PHE A 47 -42.00 -7.93 34.26
C PHE A 47 -40.59 -8.46 34.12
N HIS A 48 -40.45 -9.78 34.28
CA HIS A 48 -39.30 -10.53 33.80
C HIS A 48 -39.84 -11.51 32.77
N LEU A 49 -39.76 -11.11 31.51
CA LEU A 49 -40.27 -11.90 30.39
C LEU A 49 -41.79 -11.93 30.47
N GLU A 50 -42.36 -13.02 30.97
CA GLU A 50 -43.82 -13.10 31.09
C GLU A 50 -44.35 -12.97 32.53
N ASN A 51 -43.48 -12.82 33.52
CA ASN A 51 -43.93 -12.77 34.92
C ASN A 51 -43.84 -11.39 35.55
N SER A 52 -45.00 -10.81 35.90
CA SER A 52 -45.01 -9.59 36.72
C SER A 52 -44.23 -9.87 37.98
N VAL A 53 -43.33 -8.98 38.36
CA VAL A 53 -42.57 -9.19 39.61
C VAL A 53 -42.62 -7.97 40.53
N TYR A 54 -43.28 -6.93 40.05
CA TYR A 54 -43.53 -5.79 40.90
C TYR A 54 -44.71 -5.05 40.36
N THR A 55 -45.48 -4.48 41.27
CA THR A 55 -46.59 -3.63 40.87
C THR A 55 -46.82 -2.60 41.98
N SER A 56 -47.11 -1.37 41.58
CA SER A 56 -47.21 -0.27 42.53
C SER A 56 -47.99 0.87 41.88
N SER A 57 -48.46 1.81 42.70
CA SER A 57 -49.39 2.85 42.24
C SER A 57 -49.19 4.13 43.02
N GLN A 58 -49.49 5.26 42.38
CA GLN A 58 -49.41 6.56 43.03
C GLN A 58 -50.45 7.54 42.52
N SER A 59 -50.99 8.31 43.46
CA SER A 59 -51.94 9.37 43.15
C SER A 59 -51.28 10.36 42.23
N LEU A 60 -52.10 10.91 41.36
CA LEU A 60 -51.63 11.92 40.45
C LEU A 60 -52.79 12.76 39.98
N SER A 61 -52.67 14.07 40.16
CA SER A 61 -53.61 15.04 39.56
C SER A 61 -52.83 16.20 38.94
N LEU A 62 -53.33 16.70 37.82
CA LEU A 62 -52.70 17.80 37.10
C LEU A 62 -53.75 18.66 36.44
N THR A 63 -53.67 19.98 36.62
CA THR A 63 -54.51 20.91 35.88
C THR A 63 -54.19 20.71 34.42
N ASN A 64 -54.94 21.34 33.54
CA ASN A 64 -54.51 21.34 32.16
C ASN A 64 -53.16 22.02 32.13
N GLY A 65 -52.32 21.57 31.21
CA GLY A 65 -51.06 22.19 30.95
C GLY A 65 -49.89 21.80 31.84
N GLN A 66 -50.11 21.28 33.05
CA GLN A 66 -48.97 21.10 34.00
C GLN A 66 -48.25 19.72 33.94
N SER A 67 -47.00 19.74 34.40
CA SER A 67 -46.03 18.65 34.30
C SER A 67 -45.56 18.22 35.66
N THR A 68 -45.18 16.95 35.81
CA THR A 68 -44.45 16.50 37.00
C THR A 68 -43.59 15.28 36.75
N THR A 69 -42.65 15.04 37.68
CA THR A 69 -41.82 13.85 37.63
C THR A 69 -42.00 12.99 38.88
N LEU A 70 -42.61 11.83 38.67
CA LEU A 70 -42.80 10.88 39.75
C LEU A 70 -41.63 9.93 39.85
N THR A 71 -41.30 9.60 41.08
CA THR A 71 -40.34 8.58 41.35
C THR A 71 -41.07 7.34 41.88
N PHE A 72 -40.68 6.18 41.38
CA PHE A 72 -41.10 4.91 41.89
C PHE A 72 -39.85 4.21 42.31
N THR A 73 -39.80 3.68 43.51
CA THR A 73 -38.57 3.04 43.97
C THR A 73 -38.72 1.52 44.01
N TRP A 74 -37.66 0.82 43.60
CA TRP A 74 -37.64 -0.63 43.48
C TRP A 74 -36.33 -1.17 44.04
N THR A 75 -36.34 -2.39 44.51
CA THR A 75 -35.09 -3.08 44.84
C THR A 75 -34.84 -4.16 43.79
N ALA A 76 -33.71 -4.04 43.11
CA ALA A 76 -33.23 -5.09 42.22
C ALA A 76 -33.12 -6.44 42.94
N PRO A 77 -33.78 -7.47 42.40
CA PRO A 77 -33.70 -8.82 42.92
C PRO A 77 -32.29 -9.39 42.98
N SER A 78 -32.02 -10.19 44.02
CA SER A 78 -30.71 -10.82 44.21
C SER A 78 -30.21 -11.69 43.03
N THR A 79 -31.11 -12.11 42.13
CA THR A 79 -30.68 -12.92 40.96
C THR A 79 -29.92 -12.01 40.00
N ASP A 80 -28.65 -12.33 39.79
CA ASP A 80 -27.78 -11.51 38.97
C ASP A 80 -28.15 -11.73 37.51
N PHE A 81 -27.98 -10.71 36.67
CA PHE A 81 -28.05 -10.86 35.21
C PHE A 81 -29.46 -11.11 34.73
N ARG A 82 -30.29 -10.09 34.92
CA ARG A 82 -31.69 -10.19 34.63
C ARG A 82 -32.15 -8.91 33.98
N GLY A 83 -32.88 -9.08 32.88
CA GLY A 83 -33.47 -8.00 32.15
C GLY A 83 -34.95 -7.92 32.47
N TYR A 84 -35.46 -6.70 32.55
CA TYR A 84 -36.81 -6.48 33.00
C TYR A 84 -37.55 -5.47 32.11
N PHE A 85 -38.83 -5.72 31.88
CA PHE A 85 -39.68 -4.75 31.18
C PHE A 85 -40.33 -3.86 32.23
N VAL A 86 -40.64 -2.63 31.85
CA VAL A 86 -41.25 -1.71 32.77
C VAL A 86 -42.44 -1.09 32.06
N ARG A 87 -43.61 -1.22 32.67
CA ARG A 87 -44.82 -0.56 32.18
C ARG A 87 -45.23 0.57 33.13
N ILE A 88 -45.72 1.67 32.57
CA ILE A 88 -46.42 2.71 33.33
C ILE A 88 -47.75 2.96 32.65
N ASP A 89 -48.86 2.83 33.37
CA ASP A 89 -50.17 3.13 32.79
C ASP A 89 -50.82 4.28 33.54
N ALA A 90 -51.34 5.27 32.82
CA ALA A 90 -52.08 6.39 33.43
C ALA A 90 -53.47 6.60 32.82
N GLY A 91 -54.17 5.50 32.51
CA GLY A 91 -55.45 5.59 31.87
C GLY A 91 -55.40 6.53 30.67
N THR A 92 -56.36 7.44 30.61
CA THR A 92 -56.55 8.32 29.44
C THR A 92 -55.42 9.31 29.24
N LEU A 93 -54.60 9.53 30.27
CA LEU A 93 -53.42 10.38 30.16
C LEU A 93 -52.41 9.79 29.18
N GLY A 94 -52.08 8.52 29.37
CA GLY A 94 -51.27 7.78 28.43
C GLY A 94 -50.57 6.60 29.07
N GLN A 95 -49.56 6.09 28.36
CA GLN A 95 -48.63 5.13 28.92
C GLN A 95 -47.23 5.38 28.37
N GLY A 96 -46.27 4.62 28.89
CA GLY A 96 -44.88 4.68 28.44
C GLY A 96 -44.16 3.45 28.95
N ALA A 97 -42.86 3.35 28.63
CA ALA A 97 -42.06 2.21 29.09
C ALA A 97 -40.55 2.45 29.11
N THR A 98 -39.85 1.54 29.77
CA THR A 98 -38.38 1.50 29.83
C THR A 98 -38.03 0.10 30.26
N ALA A 99 -36.74 -0.18 30.35
CA ALA A 99 -36.28 -1.50 30.83
C ALA A 99 -35.18 -1.28 31.85
N ILE A 100 -34.91 -2.34 32.60
CA ILE A 100 -33.93 -2.28 33.66
C ILE A 100 -33.07 -3.51 33.51
N ASP A 101 -31.76 -3.34 33.68
CA ASP A 101 -30.85 -4.45 33.53
C ASP A 101 -30.11 -4.63 34.84
N VAL A 102 -30.27 -5.80 35.44
CA VAL A 102 -29.55 -6.09 36.67
C VAL A 102 -28.43 -7.03 36.33
N SER A 103 -27.19 -6.49 36.40
CA SER A 103 -25.94 -7.18 36.07
C SER A 103 -24.79 -6.57 36.85
N SER A 104 -23.99 -7.39 37.51
CA SER A 104 -22.74 -6.95 38.15
C SER A 104 -21.65 -6.62 37.14
N ASP A 105 -21.87 -6.94 35.88
CA ASP A 105 -20.82 -6.88 34.89
C ASP A 105 -21.46 -6.55 33.54
N PHE A 106 -20.94 -5.49 32.91
CA PHE A 106 -21.51 -4.98 31.65
C PHE A 106 -21.20 -5.92 30.47
N THR A 107 -20.11 -6.68 30.60
CA THR A 107 -19.62 -7.58 29.53
C THR A 107 -20.44 -8.85 29.26
N LYS A 108 -21.48 -9.10 30.05
CA LYS A 108 -22.45 -10.15 29.73
C LYS A 108 -23.46 -9.59 28.76
N TYR A 109 -23.84 -8.32 28.94
CA TYR A 109 -24.85 -7.67 28.09
C TYR A 109 -24.37 -6.28 27.68
N PRO A 110 -23.31 -6.20 26.88
CA PRO A 110 -22.84 -4.89 26.53
C PRO A 110 -23.87 -4.16 25.69
N ARG A 111 -24.14 -2.91 26.03
CA ARG A 111 -24.79 -1.99 25.12
C ARG A 111 -23.77 -0.86 24.98
N TYR A 112 -23.12 -0.82 23.83
CA TYR A 112 -21.88 -0.07 23.65
C TYR A 112 -22.17 1.18 22.85
N GLY A 113 -21.74 2.31 23.39
CA GLY A 113 -21.76 3.58 22.69
C GLY A 113 -20.34 4.11 22.59
N TYR A 114 -20.26 5.42 22.37
CA TYR A 114 -18.99 6.07 22.17
C TYR A 114 -19.00 7.54 22.60
N ILE A 115 -17.80 8.07 22.88
CA ILE A 115 -17.53 9.51 22.95
C ILE A 115 -16.33 9.79 22.05
N SER A 116 -16.43 10.85 21.25
CA SER A 116 -15.36 11.16 20.31
C SER A 116 -14.99 12.63 20.30
N GLU A 117 -15.67 13.46 21.09
CA GLU A 117 -15.37 14.91 21.20
C GLU A 117 -15.00 15.28 22.63
N PHE A 118 -14.09 16.22 22.78
CA PHE A 118 -13.48 16.55 24.06
C PHE A 118 -13.06 18.02 24.12
N GLU A 119 -13.85 18.89 23.53
CA GLU A 119 -13.55 20.31 23.50
C GLU A 119 -13.54 20.90 24.90
N SER A 120 -12.71 21.91 25.11
CA SER A 120 -12.58 22.51 26.43
C SER A 120 -13.72 23.45 26.71
N GLY A 121 -14.41 23.90 25.67
CA GLY A 121 -15.67 24.60 25.87
C GLY A 121 -16.81 23.79 26.49
N GLU A 122 -16.63 22.48 26.62
CA GLU A 122 -17.70 21.62 27.14
C GLU A 122 -17.68 21.63 28.67
N THR A 123 -18.72 22.20 29.25
CA THR A 123 -18.81 22.33 30.70
C THR A 123 -19.05 20.97 31.30
N ALA A 124 -18.79 20.82 32.59
CA ALA A 124 -18.96 19.55 33.24
C ALA A 124 -20.39 19.12 33.13
N LEU A 125 -21.27 20.09 32.96
CA LEU A 125 -22.71 19.84 32.99
C LEU A 125 -23.16 19.33 31.64
N GLU A 126 -22.79 20.03 30.55
CA GLU A 126 -22.93 19.52 29.17
C GLU A 126 -22.39 18.08 29.00
N SER A 127 -21.29 17.78 29.68
CA SER A 127 -20.69 16.47 29.65
C SER A 127 -21.60 15.46 30.30
N LYS A 128 -22.08 15.80 31.49
CA LYS A 128 -22.98 14.91 32.23
C LYS A 128 -24.33 14.73 31.48
N ALA A 129 -24.80 15.79 30.84
CA ALA A 129 -26.06 15.76 30.12
C ALA A 129 -26.03 14.86 28.93
N LYS A 130 -24.88 14.80 28.23
CA LYS A 130 -24.79 14.00 26.96
C LYS A 130 -24.70 12.53 27.30
N VAL A 131 -23.96 12.22 28.37
CA VAL A 131 -23.85 10.87 28.89
C VAL A 131 -25.12 10.37 29.51
N ASP A 132 -25.74 11.17 30.39
CA ASP A 132 -27.07 10.84 30.96
C ASP A 132 -28.11 10.49 29.88
N GLN A 133 -28.11 11.20 28.76
CA GLN A 133 -29.09 10.96 27.70
C GLN A 133 -28.97 9.56 27.07
N LEU A 134 -27.74 9.16 26.78
CA LEU A 134 -27.55 7.81 26.26
C LEU A 134 -27.87 6.77 27.31
N ALA A 135 -27.44 7.00 28.55
CA ALA A 135 -27.72 6.08 29.65
C ALA A 135 -29.23 5.86 29.85
N GLN A 136 -29.99 6.96 29.84
CA GLN A 136 -31.39 6.91 30.14
C GLN A 136 -32.26 6.45 29.00
N ASP A 137 -31.96 6.92 27.79
CA ASP A 137 -32.75 6.61 26.59
C ASP A 137 -32.44 5.23 25.99
N TYR A 138 -31.21 4.73 26.15
CA TYR A 138 -30.82 3.48 25.53
C TYR A 138 -30.10 2.48 26.43
N HIS A 139 -29.90 2.83 27.69
CA HIS A 139 -29.29 1.93 28.68
C HIS A 139 -27.86 1.54 28.31
N ILE A 140 -27.07 2.50 27.85
CA ILE A 140 -25.69 2.18 27.50
C ILE A 140 -24.91 1.83 28.78
N ASN A 141 -24.17 0.74 28.79
CA ASN A 141 -23.37 0.43 29.97
C ASN A 141 -21.88 0.65 29.78
N ALA A 142 -21.44 0.83 28.55
CA ALA A 142 -20.05 1.18 28.32
C ALA A 142 -19.89 2.11 27.12
N TRP A 143 -18.88 2.99 27.21
CA TRP A 143 -18.53 3.93 26.15
C TRP A 143 -17.09 3.72 25.67
N GLN A 144 -16.92 3.63 24.34
CA GLN A 144 -15.61 3.57 23.72
C GLN A 144 -15.20 5.04 23.54
N PHE A 145 -14.09 5.42 24.14
CA PHE A 145 -13.56 6.76 24.00
C PHE A 145 -12.66 6.76 22.79
N TYR A 146 -13.13 7.38 21.70
CA TYR A 146 -12.48 7.38 20.39
C TYR A 146 -11.58 8.57 20.19
N ASP A 147 -10.32 8.33 19.89
CA ASP A 147 -9.37 9.42 19.62
C ASP A 147 -9.36 10.45 20.70
N TRP A 148 -9.20 9.97 21.92
CA TRP A 148 -8.93 10.79 23.09
C TRP A 148 -7.42 11.05 23.21
N MET A 149 -6.62 10.12 22.70
CA MET A 149 -5.18 10.11 23.00
C MET A 149 -4.47 11.20 22.26
N TRP A 150 -3.30 11.55 22.77
CA TRP A 150 -2.41 12.46 22.05
C TRP A 150 -1.75 11.69 20.88
N ARG A 151 -0.84 10.78 21.22
CA ARG A 151 -0.23 9.93 20.21
C ARG A 151 -0.58 8.48 20.47
N HIS A 152 -0.69 7.70 19.42
CA HIS A 152 -1.02 6.29 19.54
C HIS A 152 -0.03 5.54 20.42
N ASP A 153 1.17 6.10 20.55
CA ASP A 153 2.28 5.52 21.27
C ASP A 153 2.74 6.34 22.49
N LYS A 154 1.95 7.35 22.85
CA LYS A 154 2.30 8.25 23.91
C LYS A 154 0.97 8.96 24.18
N MET A 155 0.11 8.26 24.91
CA MET A 155 -1.33 8.56 24.85
C MET A 155 -1.72 9.75 25.70
N ILE A 156 -1.14 9.84 26.88
CA ILE A 156 -1.29 10.99 27.74
C ILE A 156 -0.11 11.88 27.54
N LYS A 157 -0.32 13.12 27.14
CA LYS A 157 0.78 14.05 26.88
C LYS A 157 1.27 14.71 28.14
N ARG A 158 2.55 14.54 28.45
CA ARG A 158 3.11 15.16 29.65
C ARG A 158 4.24 16.09 29.30
N THR A 159 4.34 17.15 30.08
CA THR A 159 5.46 18.04 30.06
C THR A 159 6.20 17.76 31.36
N GLY A 160 7.27 16.99 31.30
CA GLY A 160 7.94 16.56 32.51
C GLY A 160 7.11 15.49 33.19
N GLY A 161 6.61 15.81 34.38
CA GLY A 161 5.71 14.92 35.12
C GLY A 161 4.27 15.38 35.01
N SER A 162 4.11 16.66 34.63
CA SER A 162 2.82 17.28 34.72
C SER A 162 2.01 16.87 33.48
N ILE A 163 0.72 16.66 33.66
CA ILE A 163 -0.14 16.32 32.54
C ILE A 163 -0.68 17.56 31.83
N ASP A 164 -0.49 17.64 30.53
CA ASP A 164 -0.89 18.82 29.77
C ASP A 164 -2.41 18.90 29.75
N SER A 165 -2.94 20.09 29.91
CA SER A 165 -4.38 20.21 30.07
C SER A 165 -5.11 20.14 28.74
N THR A 166 -4.37 20.41 27.67
CA THR A 166 -4.88 20.04 26.35
C THR A 166 -3.78 19.44 25.50
N TRP A 167 -4.19 18.77 24.44
CA TRP A 167 -3.25 18.43 23.41
C TRP A 167 -3.94 18.28 22.08
N LEU A 168 -3.15 18.35 21.02
CA LEU A 168 -3.69 18.22 19.68
C LEU A 168 -3.56 16.78 19.18
N ASP A 169 -4.68 16.19 18.75
CA ASP A 169 -4.66 14.82 18.25
C ASP A 169 -4.15 14.78 16.79
N LEU A 170 -4.19 13.61 16.16
CA LEU A 170 -3.53 13.45 14.87
C LEU A 170 -4.24 14.14 13.70
N PHE A 171 -5.50 14.53 13.83
CA PHE A 171 -6.14 15.46 12.87
C PHE A 171 -6.23 16.87 13.46
N ASN A 172 -5.41 17.10 14.46
CA ASN A 172 -5.23 18.43 14.98
C ASN A 172 -6.37 19.03 15.78
N ARG A 173 -7.25 18.17 16.28
CA ARG A 173 -8.28 18.59 17.21
C ARG A 173 -7.68 18.83 18.58
N GLU A 174 -8.27 19.78 19.26
CA GLU A 174 -7.95 20.03 20.65
C GLU A 174 -8.73 19.05 21.54
N ILE A 175 -7.97 18.28 22.32
CA ILE A 175 -8.51 17.38 23.32
C ILE A 175 -8.24 17.99 24.69
N SER A 176 -9.29 18.19 25.49
CA SER A 176 -9.19 18.80 26.81
C SER A 176 -9.26 17.79 27.92
N TRP A 177 -8.30 17.84 28.84
CA TRP A 177 -8.16 16.79 29.87
C TRP A 177 -9.32 16.88 30.86
N SER A 178 -9.66 18.09 31.30
CA SER A 178 -10.79 18.27 32.19
C SER A 178 -12.06 17.68 31.56
N THR A 179 -12.39 18.06 30.32
CA THR A 179 -13.54 17.49 29.61
C THR A 179 -13.50 15.95 29.60
N LEU A 180 -12.33 15.42 29.29
CA LEU A 180 -12.17 14.00 29.28
C LEU A 180 -12.48 13.40 30.66
N GLN A 181 -11.81 13.94 31.69
CA GLN A 181 -12.04 13.48 33.07
C GLN A 181 -13.50 13.59 33.48
N ASN A 182 -14.18 14.67 33.07
CA ASN A 182 -15.58 14.87 33.42
C ASN A 182 -16.46 13.83 32.82
N GLN A 183 -16.20 13.49 31.58
CA GLN A 183 -16.97 12.51 30.87
C GLN A 183 -16.84 11.16 31.57
N ILE A 184 -15.63 10.78 31.93
CA ILE A 184 -15.42 9.52 32.63
C ILE A 184 -16.17 9.43 33.98
N ASP A 185 -16.26 10.56 34.67
CA ASP A 185 -17.01 10.63 35.92
C ASP A 185 -18.52 10.45 35.64
N ALA A 186 -19.02 11.25 34.70
CA ALA A 186 -20.41 11.12 34.25
C ALA A 186 -20.74 9.69 33.83
N VAL A 187 -19.76 9.02 33.21
CA VAL A 187 -19.94 7.64 32.77
C VAL A 187 -20.06 6.82 34.01
N HIS A 188 -19.09 6.97 34.89
CA HIS A 188 -19.12 6.30 36.18
C HIS A 188 -20.41 6.58 37.04
N ASP A 189 -20.96 7.79 37.05
CA ASP A 189 -22.27 8.02 37.71
C ASP A 189 -23.39 7.10 37.33
N VAL A 190 -23.50 6.77 36.05
CA VAL A 190 -24.54 5.89 35.60
C VAL A 190 -24.12 4.43 35.69
N ASN A 191 -23.15 4.16 36.57
CA ASN A 191 -22.47 2.86 36.65
C ASN A 191 -22.08 2.46 35.25
N GLY A 192 -21.59 3.43 34.49
CA GLY A 192 -21.07 3.18 33.16
C GLY A 192 -19.64 2.73 33.22
N LYS A 193 -19.16 2.25 32.09
CA LYS A 193 -17.73 1.95 31.95
C LYS A 193 -17.15 2.65 30.76
N ALA A 194 -15.90 3.06 30.92
CA ALA A 194 -15.16 3.82 29.94
C ALA A 194 -14.04 2.97 29.38
N MET A 195 -14.19 2.57 28.12
CA MET A 195 -13.17 1.80 27.42
C MET A 195 -12.29 2.75 26.63
N ALA A 196 -10.96 2.63 26.76
CA ALA A 196 -10.03 3.46 25.97
C ALA A 196 -9.72 2.87 24.65
N TYR A 197 -9.87 3.65 23.58
CA TYR A 197 -9.36 3.23 22.31
C TYR A 197 -7.83 3.19 22.31
N ALA A 198 -7.27 2.14 21.75
CA ALA A 198 -5.84 2.09 21.46
C ALA A 198 -5.59 1.09 20.39
N MET A 199 -4.54 1.31 19.62
CA MET A 199 -4.19 0.35 18.56
C MET A 199 -3.38 -0.74 19.22
N ILE A 200 -3.48 -1.94 18.67
CA ILE A 200 -2.65 -3.05 19.09
C ILE A 200 -1.18 -2.96 18.66
N TYR A 201 -0.88 -2.16 17.63
CA TYR A 201 0.45 -2.18 16.98
C TYR A 201 1.02 -0.88 16.41
N ALA A 202 0.43 0.26 16.74
CA ALA A 202 0.73 1.49 16.05
C ALA A 202 1.55 2.44 16.89
N SER A 203 2.60 2.98 16.30
CA SER A 203 3.22 4.20 16.73
C SER A 203 2.88 5.29 15.72
N ARG A 204 3.06 6.53 16.13
CA ARG A 204 2.94 7.61 15.20
C ARG A 204 4.33 7.75 14.64
N GLU A 205 4.49 8.72 13.74
CA GLU A 205 5.77 8.93 13.04
C GLU A 205 6.85 9.47 13.95
N ASN A 206 8.12 9.27 13.58
CA ASN A 206 9.23 9.89 14.29
C ASN A 206 9.25 9.40 15.73
N TYR A 207 9.12 8.09 15.82
CA TYR A 207 8.99 7.39 17.08
C TYR A 207 10.33 7.05 17.76
N SER A 208 11.44 7.23 17.06
CA SER A 208 12.72 6.88 17.63
C SER A 208 13.09 7.60 18.92
N PRO A 209 12.93 8.92 18.96
CA PRO A 209 13.25 9.59 20.22
C PRO A 209 12.28 9.29 21.40
N LEU A 210 11.31 8.39 21.22
CA LEU A 210 10.51 7.90 22.33
C LEU A 210 11.06 6.56 22.79
N GLY A 211 12.12 6.08 22.13
CA GLY A 211 12.80 4.85 22.49
C GLY A 211 12.13 3.62 21.97
N ILE A 212 11.25 3.81 20.98
CA ILE A 212 10.67 2.70 20.20
C ILE A 212 11.69 2.28 19.13
N SER A 213 11.85 0.99 18.91
CA SER A 213 12.87 0.51 17.98
C SER A 213 12.24 -0.11 16.73
N PRO A 214 12.76 0.25 15.55
CA PRO A 214 12.25 -0.40 14.33
C PRO A 214 12.39 -1.91 14.40
N THR A 215 13.34 -2.41 15.19
CA THR A 215 13.56 -3.84 15.30
C THR A 215 12.33 -4.53 15.86
N TRP A 216 11.43 -3.78 16.52
CA TRP A 216 10.13 -4.31 17.00
C TRP A 216 9.07 -4.29 15.91
N GLY A 217 9.42 -3.76 14.72
CA GLY A 217 8.40 -3.50 13.70
C GLY A 217 7.94 -4.70 12.87
N ILE A 218 6.82 -4.55 12.17
CA ILE A 218 6.49 -5.48 11.08
C ILE A 218 6.73 -4.82 9.74
N TYR A 219 7.07 -5.65 8.75
CA TYR A 219 7.57 -5.13 7.47
C TYR A 219 6.96 -5.81 6.25
N GLU A 220 6.80 -5.00 5.20
CA GLU A 220 6.21 -5.45 3.93
C GLU A 220 7.10 -6.52 3.22
N ASP A 221 8.38 -6.53 3.59
CA ASP A 221 9.42 -7.39 3.00
C ASP A 221 10.38 -7.96 4.05
N SER A 222 11.35 -8.75 3.60
CA SER A 222 12.30 -9.42 4.50
C SER A 222 13.71 -8.78 4.58
N SER A 223 13.87 -7.54 4.11
CA SER A 223 15.14 -6.80 4.30
C SER A 223 14.97 -5.64 5.28
N HIS A 224 13.85 -5.64 6.02
CA HIS A 224 13.47 -4.53 6.88
C HIS A 224 13.66 -3.14 6.20
N THR A 225 13.24 -3.05 4.95
CA THR A 225 13.38 -1.81 4.19
C THR A 225 12.08 -1.02 4.19
N ASN A 226 10.91 -1.68 4.22
CA ASN A 226 9.60 -0.96 4.37
C ASN A 226 8.66 -1.42 5.47
N GLN A 227 8.55 -0.59 6.50
CA GLN A 227 7.62 -0.86 7.59
C GLN A 227 6.21 -0.61 7.09
N PHE A 228 5.32 -1.54 7.41
CA PHE A 228 3.91 -1.32 7.15
C PHE A 228 3.55 -0.01 7.77
N ASP A 229 2.63 0.74 7.16
CA ASP A 229 2.25 2.05 7.71
C ASP A 229 0.80 2.45 7.36
N VAL A 230 0.42 3.69 7.62
CA VAL A 230 -0.92 4.14 7.25
C VAL A 230 -0.81 5.62 6.95
N ASP A 231 -1.03 6.02 5.69
CA ASP A 231 -0.96 7.44 5.35
C ASP A 231 -2.28 8.02 5.80
N VAL A 232 -2.27 8.93 6.78
CA VAL A 232 -3.50 9.56 7.25
C VAL A 232 -3.84 10.70 6.32
N GLY A 233 -2.80 11.22 5.66
CA GLY A 233 -2.96 12.00 4.45
C GLY A 233 -2.68 13.49 4.55
N ASP A 234 -1.70 13.88 5.37
CA ASP A 234 -1.17 15.25 5.29
C ASP A 234 0.32 15.28 4.91
N GLY A 235 0.90 14.13 4.56
CA GLY A 235 2.31 14.06 4.18
C GLY A 235 3.30 13.98 5.35
N SER A 236 2.86 14.36 6.54
CA SER A 236 3.67 14.22 7.74
C SER A 236 3.22 13.05 8.63
N THR A 237 1.91 12.92 8.77
CA THR A 237 1.33 12.15 9.83
C THR A 237 1.08 10.74 9.38
N TYR A 238 1.69 9.81 10.09
CA TYR A 238 1.66 8.41 9.71
C TYR A 238 1.50 7.55 10.94
N LEU A 239 0.84 6.41 10.77
CA LEU A 239 0.98 5.30 11.71
C LEU A 239 1.98 4.22 11.21
N TYR A 240 2.88 3.78 12.07
CA TYR A 240 3.80 2.72 11.72
C TYR A 240 3.43 1.51 12.54
N MET A 241 3.48 0.34 11.91
CA MET A 241 2.95 -0.84 12.54
C MET A 241 4.05 -1.69 13.10
N PHE A 242 3.63 -2.54 14.04
CA PHE A 242 4.52 -3.31 14.90
C PHE A 242 4.08 -4.73 15.18
N ASP A 243 4.98 -5.53 15.70
CA ASP A 243 4.69 -6.96 15.91
C ASP A 243 4.05 -7.25 17.29
N PRO A 244 2.73 -7.56 17.30
CA PRO A 244 2.04 -7.86 18.53
C PRO A 244 2.66 -8.98 19.38
N GLN A 245 3.40 -9.91 18.77
CA GLN A 245 4.05 -10.97 19.59
C GLN A 245 5.40 -10.56 20.10
N ASN A 246 5.98 -9.50 19.57
CA ASN A 246 7.27 -9.06 20.06
C ASN A 246 7.18 -8.60 21.54
N PRO A 247 8.06 -9.11 22.41
CA PRO A 247 7.92 -8.77 23.85
C PRO A 247 8.22 -7.28 24.19
N ASN A 248 9.25 -6.69 23.60
CA ASN A 248 9.52 -5.28 23.81
C ASN A 248 8.33 -4.37 23.35
N TRP A 249 7.63 -4.73 22.28
CA TRP A 249 6.48 -3.91 21.87
C TRP A 249 5.38 -4.08 22.89
N GLN A 250 5.12 -5.33 23.25
CA GLN A 250 4.14 -5.63 24.30
C GLN A 250 4.43 -4.78 25.53
N ASN A 251 5.69 -4.83 25.94
CA ASN A 251 6.13 -4.08 27.09
C ASN A 251 5.86 -2.60 26.94
N TYR A 252 6.35 -1.99 25.86
CA TYR A 252 6.15 -0.54 25.65
C TYR A 252 4.71 -0.16 25.74
N ILE A 253 3.87 -0.88 25.02
CA ILE A 253 2.54 -0.38 24.73
C ILE A 253 1.58 -0.77 25.84
N HIS A 254 1.82 -1.93 26.44
CA HIS A 254 1.05 -2.32 27.60
C HIS A 254 1.23 -1.28 28.70
N ALA A 255 2.45 -0.77 28.81
CA ALA A 255 2.75 0.26 29.75
C ALA A 255 1.87 1.49 29.52
N GLU A 256 1.61 1.85 28.28
CA GLU A 256 0.76 3.04 28.05
C GLU A 256 -0.71 2.66 28.31
N TYR A 257 -0.99 1.37 28.25
CA TYR A 257 -2.35 0.92 28.46
C TYR A 257 -2.60 1.16 29.93
N ILE A 258 -1.62 0.72 30.75
CA ILE A 258 -1.69 0.82 32.19
C ILE A 258 -1.65 2.26 32.68
N ASP A 259 -0.83 3.07 32.03
CA ASP A 259 -0.78 4.49 32.27
C ASP A 259 -2.17 5.09 32.07
N SER A 260 -2.90 4.62 31.06
CA SER A 260 -4.25 5.20 30.76
C SER A 260 -5.32 4.84 31.78
N ILE A 261 -5.13 3.68 32.41
CA ILE A 261 -6.11 3.14 33.31
C ILE A 261 -5.92 3.90 34.59
N ASN A 262 -4.68 3.87 35.07
CA ASN A 262 -4.33 4.52 36.31
C ASN A 262 -4.35 6.03 36.23
N THR A 263 -3.98 6.63 35.13
CA THR A 263 -3.88 8.09 35.14
C THR A 263 -5.18 8.77 34.71
N ALA A 264 -5.95 8.14 33.83
CA ALA A 264 -7.15 8.75 33.26
C ALA A 264 -8.42 8.22 33.89
N GLY A 265 -8.33 7.09 34.58
CA GLY A 265 -9.49 6.49 35.20
C GLY A 265 -10.34 5.65 34.28
N PHE A 266 -9.75 5.12 33.21
CA PHE A 266 -10.46 4.21 32.30
C PHE A 266 -10.61 2.84 32.97
N ASP A 267 -11.58 2.06 32.49
CA ASP A 267 -11.97 0.77 33.11
C ASP A 267 -11.51 -0.39 32.31
N GLY A 268 -10.88 -0.09 31.19
CA GLY A 268 -10.40 -1.10 30.26
C GLY A 268 -10.02 -0.47 28.94
N ILE A 269 -9.61 -1.32 28.00
CA ILE A 269 -9.05 -0.90 26.73
C ILE A 269 -9.78 -1.56 25.58
N HIS A 270 -10.27 -0.72 24.67
CA HIS A 270 -10.75 -1.17 23.36
C HIS A 270 -9.53 -1.19 22.41
N VAL A 271 -8.95 -2.35 22.21
CA VAL A 271 -7.84 -2.51 21.25
C VAL A 271 -8.34 -2.60 19.79
N ALA A 272 -7.83 -1.72 18.95
CA ALA A 272 -8.15 -1.77 17.53
C ALA A 272 -7.00 -2.31 16.71
N GLN A 273 -7.30 -2.47 15.42
CA GLN A 273 -6.35 -2.85 14.38
C GLN A 273 -6.87 -2.35 13.04
N MET A 274 -5.93 -2.28 12.08
CA MET A 274 -6.21 -1.90 10.68
C MET A 274 -6.80 -3.03 9.87
N GLY A 275 -6.77 -4.25 10.38
CA GLY A 275 -7.22 -5.37 9.59
C GLY A 275 -6.10 -6.02 8.81
N GLN A 276 -6.52 -6.79 7.81
CA GLN A 276 -5.74 -7.85 7.18
C GLN A 276 -4.55 -7.35 6.43
N ARG A 277 -3.46 -8.11 6.53
CA ARG A 277 -2.22 -7.76 5.85
C ARG A 277 -1.53 -9.04 5.50
N SER A 278 -0.93 -9.07 4.33
CA SER A 278 -0.36 -10.29 3.80
C SER A 278 1.14 -10.18 3.53
N ASN A 279 1.78 -11.34 3.52
CA ASN A 279 3.22 -11.44 3.22
C ASN A 279 3.93 -10.43 4.12
N VAL A 280 3.96 -10.83 5.41
CA VAL A 280 4.39 -9.98 6.52
C VAL A 280 5.64 -10.57 7.14
N TYR A 281 6.59 -9.69 7.43
CA TYR A 281 7.85 -10.11 8.01
C TYR A 281 8.21 -9.32 9.25
N ASP A 282 8.98 -9.93 10.16
CA ASP A 282 9.69 -9.18 11.21
C ASP A 282 11.04 -8.59 10.74
N TYR A 283 11.68 -7.83 11.62
CA TYR A 283 12.87 -7.07 11.25
C TYR A 283 13.96 -8.03 10.73
N ASN A 284 14.11 -9.16 11.43
CA ASN A 284 15.17 -10.11 11.12
C ASN A 284 14.97 -10.88 9.85
N GLY A 285 13.75 -10.83 9.33
CA GLY A 285 13.43 -11.37 8.01
C GLY A 285 12.44 -12.52 8.00
N ASN A 286 12.14 -13.10 9.15
CA ASN A 286 11.20 -14.25 9.22
C ASN A 286 9.78 -13.96 8.74
N SER A 287 9.30 -14.80 7.84
CA SER A 287 7.94 -14.75 7.39
C SER A 287 7.03 -15.09 8.59
N ILE A 288 5.87 -14.44 8.69
CA ILE A 288 4.99 -14.61 9.86
C ILE A 288 3.56 -14.31 9.53
N ASP A 289 2.67 -15.18 10.00
CA ASP A 289 1.21 -15.05 9.87
C ASP A 289 0.65 -14.14 10.95
N LEU A 290 0.46 -12.88 10.61
CA LEU A 290 -0.08 -11.91 11.56
C LEU A 290 -1.45 -12.35 12.16
N SER A 291 -2.22 -13.14 11.46
CA SER A 291 -3.59 -13.38 11.89
C SER A 291 -3.61 -14.12 13.22
N THR A 292 -2.57 -14.87 13.51
CA THR A 292 -2.54 -15.66 14.76
C THR A 292 -1.86 -14.92 15.94
N ARG A 293 -1.25 -13.78 15.64
CA ARG A 293 -0.42 -13.04 16.59
C ARG A 293 -1.09 -12.08 17.63
N PHE A 294 -2.39 -11.88 17.52
CA PHE A 294 -3.02 -10.94 18.39
C PHE A 294 -3.36 -11.62 19.71
N SER A 295 -3.83 -12.86 19.62
CA SER A 295 -4.18 -13.68 20.80
C SER A 295 -3.09 -13.74 21.90
N PRO A 296 -1.82 -13.97 21.52
CA PRO A 296 -0.80 -13.87 22.59
C PRO A 296 -0.74 -12.49 23.24
N PHE A 297 -0.86 -11.42 22.44
CA PHE A 297 -0.73 -10.02 22.92
C PHE A 297 -1.93 -9.74 23.79
N LEU A 298 -3.10 -10.06 23.26
CA LEU A 298 -4.31 -9.90 24.03
C LEU A 298 -4.29 -10.69 25.37
N ASP A 299 -3.64 -11.83 25.36
CA ASP A 299 -3.60 -12.67 26.56
C ASP A 299 -2.75 -11.93 27.59
N GLN A 300 -1.54 -11.57 27.19
CA GLN A 300 -0.63 -10.85 28.06
C GLN A 300 -1.18 -9.48 28.47
N ALA A 301 -1.92 -8.85 27.57
CA ALA A 301 -2.59 -7.58 27.87
C ALA A 301 -3.47 -7.81 29.07
N LYS A 302 -4.37 -8.78 28.94
CA LYS A 302 -5.36 -9.08 29.99
C LYS A 302 -4.68 -9.39 31.30
N SER A 303 -3.57 -10.11 31.21
CA SER A 303 -2.89 -10.51 32.39
C SER A 303 -2.31 -9.31 33.17
N VAL A 304 -1.74 -8.32 32.48
CA VAL A 304 -1.18 -7.18 33.21
C VAL A 304 -2.30 -6.24 33.66
N LEU A 305 -3.35 -6.08 32.85
CA LEU A 305 -4.51 -5.29 33.26
C LEU A 305 -5.15 -5.78 34.57
N SER A 306 -5.32 -7.10 34.66
CA SER A 306 -5.96 -7.72 35.82
C SER A 306 -5.05 -7.65 37.05
N ALA A 307 -3.74 -7.82 36.87
CA ALA A 307 -2.80 -7.63 37.98
C ALA A 307 -2.83 -6.17 38.41
N ASN A 308 -2.71 -5.25 37.47
CA ASN A 308 -2.83 -3.86 37.83
C ASN A 308 -4.13 -3.62 38.58
N ASN A 309 -5.25 -4.21 38.14
CA ASN A 309 -6.55 -3.80 38.73
C ASN A 309 -7.77 -4.51 38.18
N PRO A 310 -8.24 -5.56 38.88
CA PRO A 310 -9.36 -6.41 38.42
C PRO A 310 -10.69 -5.67 38.20
N ALA A 311 -10.90 -4.58 38.92
CA ALA A 311 -12.06 -3.73 38.70
C ALA A 311 -11.98 -2.91 37.41
N ARG A 312 -10.77 -2.69 36.87
CA ARG A 312 -10.57 -1.92 35.62
C ARG A 312 -9.67 -2.65 34.59
N ASP A 313 -10.02 -3.89 34.28
CA ASP A 313 -9.22 -4.75 33.44
C ASP A 313 -10.02 -5.24 32.23
N ASN A 314 -11.00 -4.46 31.80
CA ASN A 314 -11.84 -4.86 30.69
C ASN A 314 -11.12 -4.81 29.36
N LEU A 315 -11.49 -5.73 28.47
CA LEU A 315 -10.73 -5.87 27.24
C LEU A 315 -11.58 -6.35 26.08
N THR A 316 -11.41 -5.73 24.92
CA THR A 316 -11.91 -6.31 23.68
C THR A 316 -10.98 -5.97 22.54
N TYR A 317 -11.26 -6.56 21.37
CA TYR A 317 -10.40 -6.45 20.18
C TYR A 317 -11.28 -6.39 18.98
N ASN A 318 -10.89 -5.54 18.05
CA ASN A 318 -11.61 -5.43 16.80
C ASN A 318 -11.21 -6.46 15.76
N ILE A 319 -12.12 -7.37 15.45
CA ILE A 319 -11.92 -8.31 14.36
C ILE A 319 -12.48 -7.62 13.14
N VAL A 320 -11.60 -7.05 12.35
CA VAL A 320 -11.96 -6.19 11.23
C VAL A 320 -12.32 -6.95 9.97
N ASP A 321 -13.41 -6.57 9.31
CA ASP A 321 -13.83 -7.18 8.05
C ASP A 321 -14.47 -8.52 8.39
N GLY A 322 -15.36 -8.47 9.37
CA GLY A 322 -16.05 -9.65 9.85
C GLY A 322 -16.81 -10.41 8.78
N THR A 323 -16.61 -11.73 8.80
CA THR A 323 -17.31 -12.69 7.93
C THR A 323 -17.05 -14.08 8.50
N VAL A 324 -17.78 -15.07 8.00
CA VAL A 324 -17.57 -16.46 8.41
C VAL A 324 -16.17 -16.91 8.00
N ASN A 325 -15.40 -17.40 8.99
CA ASN A 325 -13.98 -17.79 8.85
C ASN A 325 -13.10 -16.74 8.22
N GLY A 326 -13.39 -15.47 8.50
CA GLY A 326 -12.61 -14.35 7.92
C GLY A 326 -11.23 -14.28 8.52
N TRP A 327 -10.49 -13.23 8.18
CA TRP A 327 -9.12 -13.09 8.67
C TRP A 327 -9.06 -12.98 10.18
N ALA A 328 -8.16 -13.75 10.79
CA ALA A 328 -8.03 -13.79 12.25
C ALA A 328 -9.35 -13.99 13.02
N VAL A 329 -10.41 -14.37 12.31
CA VAL A 329 -11.68 -14.50 12.96
C VAL A 329 -11.60 -15.64 13.98
N ASN A 330 -11.18 -16.82 13.54
CA ASN A 330 -11.14 -17.98 14.43
C ASN A 330 -10.14 -17.87 15.55
N ASP A 331 -8.91 -17.47 15.24
CA ASP A 331 -7.89 -17.47 16.29
C ASP A 331 -8.23 -16.57 17.50
N VAL A 332 -8.77 -15.39 17.19
CA VAL A 332 -9.07 -14.38 18.19
C VAL A 332 -10.27 -14.79 19.01
N SER A 333 -11.37 -15.07 18.33
CA SER A 333 -12.62 -15.47 18.98
C SER A 333 -12.44 -16.71 19.82
N LYS A 334 -11.56 -17.61 19.39
CA LYS A 334 -11.43 -18.88 20.09
C LYS A 334 -10.42 -18.79 21.21
N ASN A 335 -9.28 -18.16 20.98
CA ASN A 335 -8.17 -18.22 21.96
C ASN A 335 -7.81 -16.95 22.70
N ALA A 336 -8.34 -15.82 22.25
CA ALA A 336 -7.93 -14.56 22.82
C ALA A 336 -8.73 -14.36 24.07
N ASP A 337 -8.01 -14.01 25.13
CA ASP A 337 -8.58 -13.82 26.46
C ASP A 337 -9.35 -12.48 26.65
N LEU A 338 -10.31 -12.22 25.76
CA LEU A 338 -11.14 -11.02 25.74
C LEU A 338 -12.37 -11.21 26.60
N ASP A 339 -12.98 -10.10 26.97
CA ASP A 339 -14.20 -10.15 27.80
C ASP A 339 -15.45 -10.20 26.97
N PHE A 340 -15.40 -9.57 25.82
CA PHE A 340 -16.47 -9.72 24.86
C PHE A 340 -15.89 -9.45 23.51
N LEU A 341 -16.56 -10.01 22.50
CA LEU A 341 -16.02 -10.02 21.17
C LEU A 341 -16.59 -8.81 20.47
N TYR A 342 -15.83 -8.29 19.51
CA TYR A 342 -16.19 -7.09 18.77
C TYR A 342 -15.69 -7.19 17.34
N SER A 343 -16.53 -6.86 16.39
CA SER A 343 -16.16 -6.95 14.97
C SER A 343 -16.75 -5.84 14.12
N GLU A 344 -15.89 -5.28 13.29
CA GLU A 344 -16.28 -4.26 12.33
C GLU A 344 -16.60 -4.98 11.02
N ILE A 345 -17.84 -4.86 10.59
CA ILE A 345 -18.25 -5.46 9.29
C ILE A 345 -18.03 -4.50 8.12
N TRP A 346 -17.29 -4.97 7.12
CA TRP A 346 -17.24 -4.27 5.85
C TRP A 346 -18.07 -4.95 4.76
N TYR A 347 -17.46 -5.41 3.67
CA TYR A 347 -18.27 -5.83 2.51
C TYR A 347 -18.24 -7.37 2.26
N LEU A 348 -17.96 -8.17 3.29
CA LEU A 348 -17.94 -9.63 3.18
C LEU A 348 -19.04 -10.33 4.02
N SER A 349 -20.10 -9.62 4.37
CA SER A 349 -21.24 -10.26 5.02
C SER A 349 -22.49 -9.44 4.75
N ASP A 350 -22.72 -9.16 3.47
CA ASP A 350 -23.70 -8.16 3.06
C ASP A 350 -25.15 -8.58 3.22
N SER A 351 -25.43 -9.85 3.06
CA SER A 351 -26.81 -10.32 3.18
C SER A 351 -27.17 -10.42 4.66
N TYR A 352 -28.40 -10.08 5.01
CA TYR A 352 -28.86 -10.27 6.38
C TYR A 352 -28.40 -11.66 6.87
N ASN A 353 -28.50 -12.65 5.99
CA ASN A 353 -28.22 -14.05 6.38
C ASN A 353 -26.74 -14.33 6.55
N GLN A 354 -25.92 -13.87 5.60
CA GLN A 354 -24.47 -13.95 5.74
C GLN A 354 -24.02 -13.43 7.08
N LEU A 355 -24.64 -12.32 7.49
CA LEU A 355 -24.27 -11.67 8.74
C LEU A 355 -24.79 -12.46 9.92
N LYS A 356 -25.99 -13.02 9.78
CA LYS A 356 -26.54 -13.90 10.82
C LYS A 356 -25.62 -15.09 11.08
N ASN A 357 -25.04 -15.62 10.02
CA ASN A 357 -24.17 -16.77 10.14
C ASN A 357 -22.85 -16.40 10.78
N TYR A 358 -22.41 -15.15 10.63
CA TYR A 358 -21.13 -14.70 11.21
C TYR A 358 -21.24 -14.51 12.73
N ILE A 359 -22.23 -13.74 13.13
CA ILE A 359 -22.54 -13.62 14.53
C ILE A 359 -22.63 -15.01 15.18
N GLU A 360 -23.32 -15.96 14.50
CA GLU A 360 -23.50 -17.35 15.02
C GLU A 360 -22.17 -18.03 15.27
N GLN A 361 -21.24 -17.85 14.32
CA GLN A 361 -19.88 -18.37 14.47
C GLN A 361 -19.15 -17.76 15.65
N LEU A 362 -19.29 -16.45 15.79
CA LEU A 362 -18.67 -15.77 16.90
C LEU A 362 -19.16 -16.34 18.22
N ARG A 363 -20.49 -16.38 18.39
CA ARG A 363 -21.08 -16.85 19.65
C ARG A 363 -20.55 -18.26 19.94
N ALA A 364 -20.60 -19.12 18.93
CA ALA A 364 -20.11 -20.49 19.05
C ALA A 364 -18.64 -20.51 19.48
N ASN A 365 -17.79 -19.80 18.75
CA ASN A 365 -16.34 -19.83 19.02
C ASN A 365 -15.93 -19.23 20.38
N GLY A 366 -16.67 -18.22 20.83
CA GLY A 366 -16.37 -17.51 22.06
C GLY A 366 -16.99 -18.15 23.29
N GLY A 367 -17.83 -19.16 23.10
CA GLY A 367 -18.48 -19.83 24.24
C GLY A 367 -19.64 -19.01 24.71
N ASN A 368 -20.44 -18.55 23.74
CA ASN A 368 -21.58 -17.65 23.96
C ASN A 368 -21.23 -16.37 24.79
N LYS A 369 -19.99 -15.87 24.68
CA LYS A 369 -19.67 -14.55 25.26
C LYS A 369 -20.15 -13.49 24.26
N ALA A 370 -20.70 -12.38 24.80
CA ALA A 370 -21.42 -11.36 24.00
C ALA A 370 -20.62 -10.84 22.84
N VAL A 371 -21.34 -10.52 21.78
CA VAL A 371 -20.78 -9.95 20.56
C VAL A 371 -21.41 -8.58 20.30
N VAL A 372 -20.55 -7.65 19.92
CA VAL A 372 -20.97 -6.33 19.49
C VAL A 372 -20.42 -6.21 18.09
N LEU A 373 -21.26 -5.71 17.19
CA LEU A 373 -20.83 -5.35 15.84
C LEU A 373 -20.75 -3.85 15.61
N ALA A 374 -19.74 -3.46 14.85
CA ALA A 374 -19.66 -2.14 14.29
C ALA A 374 -20.01 -2.33 12.83
N ALA A 375 -21.08 -1.69 12.40
CA ALA A 375 -21.65 -1.89 11.10
C ALA A 375 -22.32 -0.60 10.70
N TYR A 376 -21.59 0.25 9.99
CA TYR A 376 -22.04 1.63 9.79
C TYR A 376 -23.16 1.72 8.77
N MET A 377 -24.36 2.03 9.24
CA MET A 377 -25.57 1.97 8.43
C MET A 377 -25.61 3.05 7.38
N ASN A 378 -26.08 2.67 6.19
CA ASN A 378 -26.29 3.62 5.11
C ASN A 378 -24.97 4.30 4.74
N TYR A 379 -23.88 3.55 4.93
CA TYR A 379 -22.52 4.06 4.70
C TYR A 379 -22.35 4.56 3.28
N ALA A 380 -22.82 3.78 2.32
CA ALA A 380 -22.57 4.12 0.91
C ALA A 380 -23.58 5.16 0.44
N ASP A 381 -24.69 5.30 1.16
CA ASP A 381 -25.85 5.98 0.67
C ASP A 381 -25.96 7.40 1.20
N ASN A 382 -26.33 8.30 0.30
CA ASN A 382 -26.44 9.72 0.54
C ASN A 382 -27.90 9.99 0.90
N ALA A 383 -28.35 9.34 1.97
CA ALA A 383 -29.76 9.32 2.32
C ALA A 383 -30.23 10.60 2.98
N GLY A 384 -31.53 10.83 2.84
CA GLY A 384 -32.18 12.01 3.33
C GLY A 384 -32.77 12.78 2.17
N THR A 385 -33.43 13.89 2.52
CA THR A 385 -34.14 14.74 1.59
C THR A 385 -33.19 15.52 0.71
N ARG A 386 -33.37 15.42 -0.60
CA ARG A 386 -32.45 16.08 -1.55
C ARG A 386 -32.99 17.36 -2.08
N TYR A 387 -32.12 18.34 -2.16
CA TYR A 387 -32.44 19.61 -2.74
C TYR A 387 -31.47 19.75 -3.93
N GLU A 388 -32.03 19.68 -5.14
CA GLU A 388 -31.22 19.71 -6.33
C GLU A 388 -30.53 21.05 -6.51
N ALA A 389 -29.25 21.02 -6.84
CA ALA A 389 -28.49 22.27 -7.03
C ALA A 389 -28.96 23.10 -8.22
N GLU A 390 -29.58 22.45 -9.19
CA GLU A 390 -30.05 23.12 -10.38
C GLU A 390 -31.53 23.59 -10.25
N SER A 391 -32.20 23.17 -9.18
CA SER A 391 -33.48 23.79 -8.80
C SER A 391 -33.27 25.07 -8.00
N ALA A 392 -32.05 25.26 -7.50
CA ALA A 392 -31.76 26.28 -6.50
C ALA A 392 -31.50 27.65 -7.13
N SER A 393 -31.02 28.57 -6.27
CA SER A 393 -30.71 29.97 -6.63
C SER A 393 -29.20 30.28 -6.76
N MET A 394 -28.73 30.37 -8.01
CA MET A 394 -27.31 30.49 -8.33
C MET A 394 -27.04 31.88 -8.86
N THR A 395 -26.11 32.59 -8.22
CA THR A 395 -25.52 33.80 -8.76
C THR A 395 -24.15 33.50 -9.46
N ASN A 396 -24.09 33.74 -10.78
CA ASN A 396 -22.86 33.73 -11.62
C ASN A 396 -22.43 32.39 -12.19
N VAL A 397 -23.38 31.49 -12.31
CA VAL A 397 -23.08 30.12 -12.65
C VAL A 397 -24.36 29.51 -13.25
N SER A 398 -24.22 28.63 -14.26
CA SER A 398 -25.39 28.03 -14.90
C SER A 398 -25.43 26.51 -14.67
N THR A 399 -26.50 25.85 -15.14
CA THR A 399 -26.57 24.39 -15.05
C THR A 399 -25.87 23.82 -16.26
N ASN A 400 -25.47 22.56 -16.16
CA ASN A 400 -25.06 21.80 -17.32
C ASN A 400 -25.53 20.37 -17.15
N THR A 401 -25.18 19.51 -18.10
CA THR A 401 -25.40 18.07 -18.02
C THR A 401 -24.27 17.27 -18.70
N ASN A 402 -23.11 17.90 -18.92
CA ASN A 402 -22.08 17.32 -19.80
C ASN A 402 -21.38 16.07 -19.20
N HIS A 403 -20.86 16.16 -17.98
CA HIS A 403 -20.32 14.97 -17.26
C HIS A 403 -21.46 14.21 -16.62
N ALA A 404 -21.38 12.88 -16.54
CA ALA A 404 -22.57 12.05 -16.18
C ALA A 404 -22.49 11.47 -14.78
N GLY A 405 -23.61 10.90 -14.33
CA GLY A 405 -23.76 10.34 -12.97
C GLY A 405 -24.48 11.28 -12.02
N TYR A 406 -24.72 12.51 -12.48
CA TYR A 406 -25.43 13.52 -11.70
C TYR A 406 -26.87 13.05 -11.51
N THR A 407 -27.58 13.70 -10.59
CA THR A 407 -28.95 13.34 -10.29
C THR A 407 -29.92 14.48 -10.64
N GLY A 408 -31.20 14.13 -10.72
CA GLY A 408 -32.20 15.00 -11.34
C GLY A 408 -31.75 15.43 -12.73
N SER A 409 -31.94 16.70 -13.05
CA SER A 409 -31.79 17.19 -14.42
C SER A 409 -30.39 17.66 -14.78
N GLY A 410 -29.53 17.81 -13.78
CA GLY A 410 -28.17 18.28 -14.02
C GLY A 410 -27.44 18.73 -12.78
N PHE A 411 -26.66 19.78 -12.95
CA PHE A 411 -25.81 20.26 -11.90
C PHE A 411 -25.31 21.63 -12.26
N VAL A 412 -24.62 22.24 -11.30
CA VAL A 412 -24.06 23.56 -11.49
C VAL A 412 -22.58 23.42 -11.87
N ASP A 413 -22.16 24.07 -12.95
CA ASP A 413 -20.73 24.02 -13.38
C ASP A 413 -19.88 25.20 -12.89
N GLN A 414 -18.60 25.14 -13.21
CA GLN A 414 -17.65 26.24 -13.01
C GLN A 414 -18.03 27.14 -11.86
N PHE A 415 -18.04 26.53 -10.69
CA PHE A 415 -18.06 27.23 -9.45
C PHE A 415 -16.60 27.65 -9.15
N ALA A 416 -16.03 28.46 -10.05
CA ALA A 416 -14.60 28.81 -10.02
C ALA A 416 -14.26 30.13 -9.34
N SER A 417 -15.09 31.15 -9.51
CA SER A 417 -14.62 32.54 -9.37
C SER A 417 -15.23 33.31 -8.20
N THR A 418 -14.44 34.24 -7.65
CA THR A 418 -14.87 35.14 -6.56
C THR A 418 -16.25 35.75 -6.91
N GLY A 419 -17.03 35.99 -5.85
CA GLY A 419 -18.43 36.35 -5.97
C GLY A 419 -19.39 35.34 -6.64
N ASP A 420 -19.01 34.06 -6.74
CA ASP A 420 -19.97 33.00 -7.15
C ASP A 420 -20.77 32.56 -5.92
N LYS A 421 -21.93 31.96 -6.18
CA LYS A 421 -22.93 31.73 -5.14
C LYS A 421 -23.98 30.68 -5.53
N VAL A 422 -24.30 29.81 -4.59
CA VAL A 422 -25.46 28.96 -4.71
C VAL A 422 -26.20 28.92 -3.39
N SER A 423 -27.52 29.05 -3.47
CA SER A 423 -28.42 29.24 -2.30
C SER A 423 -29.63 28.31 -2.36
N PHE A 424 -29.77 27.53 -1.29
CA PHE A 424 -30.76 26.48 -1.14
C PHE A 424 -31.84 26.95 -0.15
N ALA A 425 -33.08 27.06 -0.65
CA ALA A 425 -34.22 27.39 0.19
C ALA A 425 -34.76 26.09 0.70
N ILE A 426 -34.51 25.79 1.98
CA ILE A 426 -34.87 24.49 2.60
C ILE A 426 -35.80 24.66 3.77
N ASN A 427 -36.43 23.56 4.14
CA ASN A 427 -37.34 23.50 5.24
C ASN A 427 -36.99 22.36 6.19
N ALA A 428 -37.00 22.67 7.47
CA ALA A 428 -36.59 21.73 8.49
C ALA A 428 -37.81 21.25 9.28
N PRO A 429 -38.24 20.00 9.05
CA PRO A 429 -39.52 19.53 9.61
C PRO A 429 -39.72 19.82 11.10
N GLU A 430 -38.66 19.62 11.87
CA GLU A 430 -38.71 19.74 13.31
C GLU A 430 -37.38 20.37 13.75
N ALA A 431 -37.37 20.96 14.93
CA ALA A 431 -36.14 21.57 15.42
C ALA A 431 -35.10 20.47 15.61
N GLY A 432 -33.82 20.84 15.48
CA GLY A 432 -32.72 19.93 15.82
C GLY A 432 -31.56 20.01 14.87
N TYR A 433 -30.67 19.01 14.94
CA TYR A 433 -29.42 19.04 14.17
C TYR A 433 -29.62 18.42 12.81
N TYR A 434 -29.10 19.10 11.80
CA TYR A 434 -29.27 18.69 10.42
C TYR A 434 -27.92 18.61 9.75
N SER A 435 -27.67 17.52 9.03
CA SER A 435 -26.41 17.27 8.31
C SER A 435 -26.52 17.85 6.92
N LEU A 436 -25.64 18.77 6.56
CA LEU A 436 -25.72 19.38 5.24
C LEU A 436 -24.69 18.68 4.38
N VAL A 437 -25.16 17.88 3.44
CA VAL A 437 -24.32 16.97 2.68
C VAL A 437 -24.34 17.44 1.23
N PHE A 438 -23.17 17.70 0.70
CA PHE A 438 -23.05 18.16 -0.65
C PHE A 438 -22.49 17.10 -1.57
N ARG A 439 -23.16 16.91 -2.72
CA ARG A 439 -22.62 16.04 -3.77
C ARG A 439 -21.90 16.89 -4.81
N TYR A 440 -20.63 16.56 -5.06
CA TYR A 440 -19.78 17.40 -5.89
C TYR A 440 -18.87 16.68 -6.87
N GLY A 441 -18.30 17.47 -7.77
CA GLY A 441 -17.19 17.09 -8.63
C GLY A 441 -16.02 18.04 -8.40
N ASN A 442 -14.80 17.52 -8.47
CA ASN A 442 -13.57 18.32 -8.38
C ASN A 442 -12.45 17.56 -9.09
N ASN A 443 -11.96 18.14 -10.19
CA ASN A 443 -10.79 17.61 -10.88
C ASN A 443 -9.79 18.72 -11.16
N THR A 444 -9.84 19.75 -10.31
CA THR A 444 -8.93 20.87 -10.42
C THR A 444 -7.52 20.35 -10.36
N GLY A 445 -7.26 19.48 -9.39
CA GLY A 445 -5.92 18.92 -9.20
C GLY A 445 -5.52 19.01 -7.75
N ALA A 446 -6.10 19.95 -7.02
CA ALA A 446 -6.03 19.90 -5.57
C ALA A 446 -7.44 20.05 -5.00
N ASN A 447 -7.48 20.10 -3.68
CA ASN A 447 -8.60 20.61 -2.95
C ASN A 447 -9.14 21.92 -3.49
N SER A 448 -10.46 22.00 -3.57
CA SER A 448 -11.16 23.23 -3.83
C SER A 448 -11.86 23.66 -2.53
N THR A 449 -12.02 24.96 -2.28
CA THR A 449 -12.83 25.40 -1.14
C THR A 449 -14.02 26.28 -1.53
N LEU A 450 -14.99 26.30 -0.62
CA LEU A 450 -16.14 27.21 -0.66
C LEU A 450 -16.55 27.55 0.77
N ASN A 451 -17.17 28.73 0.94
CA ASN A 451 -17.63 29.15 2.27
C ASN A 451 -19.11 28.94 2.46
N LEU A 452 -19.43 28.37 3.62
CA LEU A 452 -20.77 27.91 3.97
C LEU A 452 -21.49 28.92 4.86
N TYR A 453 -22.53 29.50 4.28
CA TYR A 453 -23.40 30.41 4.99
C TYR A 453 -24.75 29.74 5.26
N VAL A 454 -25.19 29.78 6.52
CA VAL A 454 -26.54 29.33 6.86
C VAL A 454 -27.32 30.49 7.42
N ASP A 455 -28.39 30.86 6.71
CA ASP A 455 -29.22 31.98 7.05
C ASP A 455 -28.34 33.21 7.18
N GLY A 456 -27.66 33.56 6.10
CA GLY A 456 -26.77 34.71 6.10
C GLY A 456 -25.54 34.68 7.00
N ASN A 457 -25.43 33.72 7.93
CA ASN A 457 -24.24 33.55 8.80
C ASN A 457 -23.23 32.48 8.30
N PHE A 458 -21.95 32.85 8.25
CA PHE A 458 -20.84 31.93 7.91
C PHE A 458 -20.67 30.83 8.97
N VAL A 459 -20.66 29.56 8.56
CA VAL A 459 -20.46 28.44 9.49
C VAL A 459 -19.04 27.87 9.49
N GLN A 460 -18.47 27.71 8.30
CA GLN A 460 -17.25 26.95 8.04
C GLN A 460 -16.74 27.24 6.67
N LYS A 461 -15.42 27.16 6.52
CA LYS A 461 -14.81 26.92 5.22
C LYS A 461 -14.93 25.42 4.94
N LEU A 462 -15.16 25.08 3.69
CA LEU A 462 -15.56 23.71 3.35
C LEU A 462 -14.69 23.14 2.22
N TYR A 463 -13.91 22.11 2.53
CA TYR A 463 -12.89 21.61 1.60
C TYR A 463 -13.39 20.44 0.74
N PHE A 464 -13.42 20.66 -0.56
CA PHE A 464 -13.83 19.65 -1.53
C PHE A 464 -12.62 18.89 -2.10
N PHE A 465 -12.65 17.55 -2.00
CA PHE A 465 -11.47 16.73 -2.33
C PHE A 465 -11.33 16.53 -3.81
N ASN A 466 -10.08 16.41 -4.27
CA ASN A 466 -9.80 16.14 -5.69
C ASN A 466 -10.06 14.68 -6.04
N GLN A 467 -10.53 14.44 -7.25
CA GLN A 467 -10.98 13.12 -7.66
C GLN A 467 -10.36 12.72 -9.00
N SER A 468 -10.56 11.45 -9.35
CA SER A 468 -10.03 10.86 -10.61
C SER A 468 -10.39 11.71 -11.84
N SER A 469 -11.65 11.68 -12.27
CA SER A 469 -12.13 12.55 -13.36
C SER A 469 -13.12 13.62 -12.85
N TRP A 470 -13.66 14.41 -13.78
CA TRP A 470 -14.85 15.23 -13.52
C TRP A 470 -16.13 14.38 -13.45
N GLY A 471 -16.18 13.25 -14.14
CA GLY A 471 -17.31 12.30 -14.03
C GLY A 471 -17.36 11.54 -12.70
N THR A 472 -16.37 11.78 -11.82
CA THR A 472 -16.35 11.21 -10.48
C THR A 472 -17.10 12.10 -9.45
N TRP A 473 -18.27 11.62 -9.01
CA TRP A 473 -19.08 12.34 -8.00
C TRP A 473 -18.83 11.76 -6.63
N LYS A 474 -18.90 12.61 -5.61
CA LYS A 474 -18.79 12.22 -4.19
C LYS A 474 -19.71 13.03 -3.29
N HIS A 475 -20.02 12.51 -2.10
CA HIS A 475 -20.80 13.24 -1.09
C HIS A 475 -20.19 13.22 0.30
N ASP A 476 -18.88 13.37 0.40
CA ASP A 476 -18.18 13.19 1.68
C ASP A 476 -17.75 14.52 2.32
N VAL A 477 -18.50 15.58 2.02
CA VAL A 477 -18.28 16.91 2.56
C VAL A 477 -19.59 17.39 3.13
N TRP A 478 -19.58 17.69 4.42
CA TRP A 478 -20.79 17.94 5.18
C TRP A 478 -20.54 18.95 6.31
N SER A 479 -21.59 19.38 6.98
CA SER A 479 -21.48 20.22 8.16
C SER A 479 -22.76 19.98 8.94
N GLN A 480 -22.64 19.75 10.24
CA GLN A 480 -23.83 19.56 11.04
C GLN A 480 -24.18 20.87 11.69
N VAL A 481 -25.43 21.30 11.52
CA VAL A 481 -25.86 22.56 12.13
C VAL A 481 -27.19 22.41 12.79
N PRO A 482 -27.39 23.13 13.91
CA PRO A 482 -28.68 23.20 14.60
C PRO A 482 -29.64 24.17 13.87
N LEU A 483 -30.91 23.84 13.89
CA LEU A 483 -31.91 24.60 13.15
C LEU A 483 -33.26 24.60 13.87
N THR A 484 -33.88 25.77 13.88
CA THR A 484 -35.27 25.91 14.27
C THR A 484 -36.17 25.31 13.17
N GLN A 485 -37.31 24.72 13.55
CA GLN A 485 -38.27 24.25 12.56
C GLN A 485 -38.56 25.35 11.56
N GLY A 486 -38.87 24.99 10.31
CA GLY A 486 -39.33 25.95 9.31
C GLY A 486 -38.30 26.34 8.27
N ALA A 487 -38.65 27.30 7.43
CA ALA A 487 -37.79 27.67 6.31
C ALA A 487 -36.41 28.09 6.79
N HIS A 488 -35.40 27.82 5.97
CA HIS A 488 -34.02 28.23 6.22
C HIS A 488 -33.29 28.39 4.89
N THR A 489 -32.21 29.16 4.93
CA THR A 489 -31.33 29.33 3.77
C THR A 489 -29.95 28.73 4.06
N VAL A 490 -29.53 27.82 3.18
CA VAL A 490 -28.17 27.27 3.17
C VAL A 490 -27.54 27.74 1.87
N GLU A 491 -26.41 28.42 1.94
CA GLU A 491 -25.71 28.82 0.73
C GLU A 491 -24.18 28.72 0.82
N LEU A 492 -23.60 28.43 -0.34
CA LEU A 492 -22.16 28.43 -0.52
C LEU A 492 -21.79 29.62 -1.37
N ARG A 493 -20.72 30.31 -0.97
CA ARG A 493 -20.20 31.45 -1.73
C ARG A 493 -18.75 31.20 -2.11
N TYR A 494 -18.41 31.30 -3.39
CA TYR A 494 -17.01 31.41 -3.79
C TYR A 494 -16.57 32.84 -3.49
N GLU A 495 -15.92 33.02 -2.35
CA GLU A 495 -15.48 34.32 -1.93
C GLU A 495 -13.98 34.48 -2.14
N SER A 496 -13.37 35.46 -1.46
CA SER A 496 -11.93 35.69 -1.51
C SER A 496 -11.23 34.76 -0.51
N GLY A 497 -10.13 34.14 -0.96
CA GLY A 497 -9.50 33.04 -0.21
C GLY A 497 -9.96 31.64 -0.63
N ASN A 498 -11.17 31.52 -1.15
CA ASN A 498 -11.57 30.27 -1.76
C ASN A 498 -10.69 29.93 -2.97
N VAL A 499 -10.40 28.64 -3.12
CA VAL A 499 -9.53 28.12 -4.20
C VAL A 499 -10.20 27.03 -5.01
N GLY A 500 -9.77 26.89 -6.24
CA GLY A 500 -10.19 25.74 -7.02
C GLY A 500 -11.56 25.97 -7.58
N ALA A 501 -12.35 24.92 -7.69
CA ALA A 501 -13.60 24.98 -8.44
C ALA A 501 -14.36 23.69 -8.26
N VAL A 502 -15.68 23.72 -8.32
CA VAL A 502 -16.45 22.48 -8.20
C VAL A 502 -17.63 22.43 -9.16
N ASN A 503 -18.10 21.22 -9.42
CA ASN A 503 -19.42 21.06 -9.96
C ASN A 503 -20.30 20.72 -8.74
N LEU A 504 -21.53 21.22 -8.71
CA LEU A 504 -22.39 20.99 -7.58
C LEU A 504 -23.67 20.34 -8.01
N ASP A 505 -24.00 19.23 -7.38
CA ASP A 505 -25.09 18.40 -7.82
C ASP A 505 -26.29 18.58 -6.90
N SER A 506 -26.06 18.65 -5.59
CA SER A 506 -27.15 18.69 -4.65
C SER A 506 -26.76 19.01 -3.23
N LEU A 507 -27.77 19.40 -2.46
CA LEU A 507 -27.71 19.44 -1.01
C LEU A 507 -28.66 18.36 -0.53
N THR A 508 -28.20 17.52 0.39
CA THR A 508 -29.04 16.55 1.05
C THR A 508 -28.97 16.71 2.56
N LEU A 509 -30.11 16.58 3.21
CA LEU A 509 -30.12 16.59 4.64
C LEU A 509 -29.79 15.16 5.11
N GLY A 510 -28.52 14.93 5.42
CA GLY A 510 -28.01 13.61 5.76
C GLY A 510 -28.83 12.99 6.85
N THR A 511 -29.57 11.95 6.52
CA THR A 511 -30.48 11.31 7.47
C THR A 511 -30.32 9.80 7.40
N PHE A 512 -30.23 9.15 8.57
CA PHE A 512 -30.28 7.70 8.64
C PHE A 512 -31.68 7.31 8.26
N ASP A 513 -31.79 6.16 7.60
CA ASP A 513 -33.05 5.64 7.08
C ASP A 513 -33.64 4.67 8.10
N GLU A 514 -34.66 5.15 8.79
CA GLU A 514 -35.33 4.40 9.86
C GLU A 514 -35.59 2.92 9.57
N HIS A 515 -35.97 2.62 8.33
CA HIS A 515 -36.43 1.29 7.97
C HIS A 515 -35.22 0.36 7.97
N SER A 516 -34.19 0.70 7.20
CA SER A 516 -32.99 -0.12 7.17
C SER A 516 -32.47 -0.43 8.58
N VAL A 517 -32.49 0.60 9.42
CA VAL A 517 -31.80 0.56 10.70
C VAL A 517 -32.52 -0.30 11.71
N ARG A 518 -33.85 -0.21 11.71
CA ARG A 518 -34.66 -1.04 12.59
C ARG A 518 -34.45 -2.48 12.23
N LEU A 519 -34.41 -2.73 10.92
CA LEU A 519 -34.23 -4.08 10.42
C LEU A 519 -32.86 -4.57 10.78
N ALA A 520 -31.83 -3.76 10.48
CA ALA A 520 -30.47 -4.18 10.76
C ALA A 520 -30.31 -4.53 12.24
N ASP A 521 -30.83 -3.67 13.12
CA ASP A 521 -30.73 -3.93 14.55
C ASP A 521 -31.46 -5.20 14.99
N ALA A 522 -32.72 -5.35 14.57
CA ALA A 522 -33.53 -6.56 14.83
C ALA A 522 -32.76 -7.80 14.43
N MET A 523 -32.25 -7.76 13.21
CA MET A 523 -31.46 -8.85 12.69
C MET A 523 -30.33 -9.18 13.67
N MET A 524 -29.57 -8.19 14.08
CA MET A 524 -28.39 -8.46 14.90
C MET A 524 -28.76 -9.01 16.26
N SER A 525 -29.73 -8.36 16.89
CA SER A 525 -30.15 -8.81 18.19
C SER A 525 -30.77 -10.19 18.13
N ALA A 526 -31.65 -10.42 17.15
CA ALA A 526 -32.21 -11.75 16.93
C ALA A 526 -31.10 -12.81 16.84
N SER A 527 -30.15 -12.50 15.96
CA SER A 527 -29.00 -13.34 15.75
C SER A 527 -28.10 -13.50 16.97
N GLY A 528 -28.26 -12.65 17.99
CA GLY A 528 -27.46 -12.70 19.22
C GLY A 528 -26.39 -11.61 19.40
N ALA A 529 -26.57 -10.48 18.74
CA ALA A 529 -25.57 -9.41 18.86
C ALA A 529 -26.10 -8.00 19.24
N THR A 530 -25.16 -7.13 19.58
CA THR A 530 -25.46 -5.72 19.77
C THR A 530 -24.60 -4.90 18.86
N HIS A 531 -24.95 -3.61 18.75
CA HIS A 531 -24.51 -2.78 17.65
C HIS A 531 -24.02 -1.43 18.20
N ILE A 532 -22.71 -1.21 18.20
CA ILE A 532 -22.20 0.13 18.56
C ILE A 532 -22.58 1.13 17.46
N GLU A 533 -23.55 1.97 17.82
CA GLU A 533 -24.14 2.86 16.87
C GLU A 533 -24.61 4.20 17.45
N LEU A 534 -24.56 4.37 18.77
CA LEU A 534 -24.93 5.66 19.37
C LEU A 534 -23.82 6.22 20.21
N GLY A 535 -23.70 7.54 20.20
CA GLY A 535 -22.64 8.21 20.96
C GLY A 535 -22.73 9.73 21.01
N ASP A 536 -21.82 10.33 21.77
CA ASP A 536 -21.79 11.78 22.00
C ASP A 536 -23.21 12.29 22.38
N ASP A 537 -23.62 13.42 21.81
CA ASP A 537 -24.93 14.02 22.10
C ASP A 537 -25.99 13.38 21.18
N ASN A 538 -26.27 12.12 21.47
CA ASN A 538 -27.30 11.41 20.73
C ASN A 538 -27.03 11.39 19.21
N GLN A 539 -25.75 11.20 18.83
CA GLN A 539 -25.39 10.90 17.45
C GLN A 539 -25.41 9.40 17.21
N MET A 540 -25.64 9.06 15.94
CA MET A 540 -25.56 7.70 15.43
C MET A 540 -24.36 7.61 14.52
N LEU A 541 -23.71 6.45 14.52
CA LEU A 541 -22.41 6.31 13.92
C LEU A 541 -22.47 6.06 12.41
N PRO A 542 -21.97 7.02 11.63
CA PRO A 542 -22.19 6.92 10.20
C PRO A 542 -20.96 6.47 9.44
N HIS A 543 -19.86 6.25 10.15
CA HIS A 543 -18.56 6.06 9.53
C HIS A 543 -17.57 5.47 10.56
N GLU A 544 -16.41 5.03 10.12
CA GLU A 544 -15.38 4.50 11.02
C GLU A 544 -14.69 5.62 11.81
N TYR A 545 -14.83 6.86 11.38
CA TYR A 545 -14.25 7.99 12.06
C TYR A 545 -15.45 8.59 12.80
N TYR A 546 -15.47 8.28 14.09
CA TYR A 546 -16.64 8.45 14.94
C TYR A 546 -17.09 9.91 15.02
N PRO A 547 -16.15 10.87 14.88
CA PRO A 547 -16.55 12.29 14.87
C PRO A 547 -17.25 12.71 13.62
N ASN A 548 -17.49 11.79 12.70
CA ASN A 548 -18.18 12.12 11.49
C ASN A 548 -19.65 12.27 11.84
N ARG A 549 -20.21 13.41 11.45
CA ARG A 549 -21.62 13.69 11.70
C ARG A 549 -22.35 13.90 10.38
N SER A 550 -22.01 13.10 9.37
CA SER A 550 -22.54 13.31 8.01
C SER A 550 -23.96 12.76 7.85
N LYS A 551 -24.61 12.42 8.97
CA LYS A 551 -25.98 11.92 8.97
C LYS A 551 -26.53 12.01 10.37
N THR A 552 -27.82 12.28 10.47
CA THR A 552 -28.45 12.51 11.74
C THR A 552 -29.71 11.66 11.83
N MET A 553 -30.08 11.27 13.04
CA MET A 553 -31.37 10.66 13.24
C MET A 553 -32.38 11.78 13.45
N ARG A 554 -33.60 11.60 12.93
CA ARG A 554 -34.73 12.45 13.31
C ARG A 554 -35.53 11.76 14.41
N SER A 555 -36.21 12.58 15.22
CA SER A 555 -37.20 12.14 16.24
C SER A 555 -37.83 10.76 16.00
N SER A 556 -38.20 10.50 14.76
CA SER A 556 -38.80 9.22 14.45
C SER A 556 -37.88 8.03 14.74
N LEU A 557 -36.66 8.08 14.22
CA LEU A 557 -35.73 7.01 14.47
C LEU A 557 -35.22 7.03 15.93
N LYS A 558 -35.17 8.21 16.54
CA LYS A 558 -34.75 8.28 17.94
C LYS A 558 -35.77 7.51 18.77
N ASN A 559 -37.04 7.71 18.48
CA ASN A 559 -38.10 6.93 19.13
C ASN A 559 -37.95 5.43 18.91
N ALA A 560 -37.73 5.04 17.66
CA ALA A 560 -37.54 3.63 17.34
C ALA A 560 -36.42 2.98 18.14
N MET A 561 -35.36 3.74 18.39
CA MET A 561 -34.17 3.21 19.04
C MET A 561 -34.38 3.09 20.53
N LYS A 562 -35.17 4.01 21.07
CA LYS A 562 -35.55 3.94 22.48
C LYS A 562 -36.36 2.67 22.68
N ASP A 563 -37.28 2.44 21.76
CA ASP A 563 -38.11 1.25 21.79
C ASP A 563 -37.21 0.03 21.64
N HIS A 564 -36.32 0.09 20.66
CA HIS A 564 -35.44 -1.02 20.40
C HIS A 564 -34.52 -1.31 21.58
N TYR A 565 -33.93 -0.27 22.18
CA TYR A 565 -32.90 -0.48 23.21
C TYR A 565 -33.51 -0.90 24.54
N ASN A 566 -34.76 -0.46 24.81
CA ASN A 566 -35.58 -1.08 25.89
C ASN A 566 -35.76 -2.56 25.63
N PHE A 567 -36.10 -2.88 24.39
CA PHE A 567 -36.35 -4.25 24.02
C PHE A 567 -35.16 -5.20 24.28
N ILE A 568 -33.98 -4.84 23.80
CA ILE A 568 -32.81 -5.72 23.94
C ILE A 568 -32.19 -5.65 25.32
N THR A 569 -32.75 -4.78 26.15
CA THR A 569 -32.41 -4.71 27.54
C THR A 569 -33.31 -5.65 28.35
N ALA A 570 -34.63 -5.52 28.16
CA ALA A 570 -35.64 -6.29 28.90
C ALA A 570 -35.58 -7.80 28.65
N TYR A 571 -35.54 -8.14 27.37
CA TYR A 571 -35.50 -9.52 26.92
C TYR A 571 -34.08 -9.99 26.64
N GLU A 572 -33.13 -9.44 27.36
CA GLU A 572 -31.73 -9.70 27.06
C GLU A 572 -31.39 -11.14 27.39
N ASN A 573 -32.10 -11.74 28.35
CA ASN A 573 -31.86 -13.12 28.74
C ASN A 573 -32.26 -14.06 27.63
N LEU A 574 -33.25 -13.66 26.84
CA LEU A 574 -33.73 -14.46 25.72
C LEU A 574 -32.89 -14.29 24.47
N LEU A 575 -32.23 -13.15 24.32
CA LEU A 575 -31.42 -12.88 23.12
C LEU A 575 -29.96 -13.24 23.30
N PHE A 576 -29.39 -12.96 24.48
CA PHE A 576 -27.94 -12.89 24.65
C PHE A 576 -27.36 -13.80 25.74
N ASP A 577 -28.22 -14.41 26.53
CA ASP A 577 -27.75 -15.19 27.67
C ASP A 577 -26.88 -16.33 27.13
N SER A 578 -26.10 -16.96 28.01
CA SER A 578 -25.11 -17.94 27.59
C SER A 578 -25.70 -19.25 27.01
N ASP A 579 -26.96 -19.55 27.31
CA ASP A 579 -27.63 -20.76 26.77
C ASP A 579 -28.63 -20.48 25.64
N VAL A 580 -28.56 -19.29 25.02
CA VAL A 580 -29.41 -18.91 23.90
C VAL A 580 -28.75 -19.34 22.60
N VAL A 581 -29.12 -20.51 22.10
CA VAL A 581 -28.42 -21.11 20.98
C VAL A 581 -29.39 -21.30 19.81
N PRO A 582 -28.83 -21.46 18.58
CA PRO A 582 -29.71 -21.71 17.41
C PRO A 582 -30.40 -23.04 17.51
N ASN A 583 -31.61 -23.15 16.96
CA ASN A 583 -32.36 -24.39 17.01
C ASN A 583 -32.52 -24.97 15.61
N ASP A 584 -31.40 -25.43 15.05
CA ASP A 584 -31.28 -25.62 13.59
C ASP A 584 -31.55 -27.04 13.11
N THR A 585 -31.05 -28.05 13.84
CA THR A 585 -31.18 -29.46 13.41
C THR A 585 -32.58 -30.02 13.70
N GLY A 586 -33.47 -29.86 12.74
CA GLY A 586 -34.78 -30.49 12.78
C GLY A 586 -35.67 -30.22 11.58
N SER A 587 -35.09 -29.79 10.46
CA SER A 587 -35.84 -29.39 9.27
C SER A 587 -36.88 -28.30 9.63
N GLN A 588 -36.61 -27.54 10.69
CA GLN A 588 -37.62 -26.67 11.34
C GLN A 588 -38.22 -25.59 10.43
N PHE A 589 -39.52 -25.37 10.58
CA PHE A 589 -40.28 -24.71 9.54
C PHE A 589 -41.44 -23.90 10.13
N VAL A 590 -41.66 -22.73 9.54
CA VAL A 590 -42.77 -21.86 9.94
C VAL A 590 -43.63 -21.58 8.72
N ASN A 591 -44.94 -21.80 8.90
CA ASN A 591 -45.89 -21.58 7.83
C ASN A 591 -46.74 -20.33 8.09
N LEU A 592 -46.88 -19.51 7.06
CA LEU A 592 -47.57 -18.23 7.20
C LEU A 592 -48.56 -18.01 6.08
N THR A 593 -49.82 -17.80 6.48
CA THR A 593 -50.93 -17.77 5.53
C THR A 593 -51.10 -16.41 4.87
N GLY A 594 -50.97 -16.38 3.55
CA GLY A 594 -51.10 -15.16 2.78
C GLY A 594 -49.73 -14.68 2.34
N VAL A 595 -48.72 -14.92 3.16
CA VAL A 595 -47.38 -14.40 2.90
C VAL A 595 -46.40 -15.53 2.81
N SER A 596 -45.44 -15.38 1.89
CA SER A 596 -44.36 -16.33 1.74
C SER A 596 -43.29 -16.02 2.77
N ALA A 597 -42.69 -17.07 3.31
CA ALA A 597 -41.65 -16.95 4.31
C ALA A 597 -40.31 -17.48 3.81
N SER A 598 -39.29 -17.38 4.65
CA SER A 598 -37.98 -17.95 4.37
C SER A 598 -37.21 -18.03 5.67
N GLY A 599 -36.21 -18.92 5.71
CA GLY A 599 -35.34 -19.09 6.88
C GLY A 599 -33.93 -18.60 6.60
N ASP A 600 -33.68 -18.16 5.36
CA ASP A 600 -32.35 -17.69 4.98
C ASP A 600 -32.39 -16.21 4.52
N GLY A 601 -33.30 -15.44 5.13
CA GLY A 601 -33.38 -14.00 4.88
C GLY A 601 -33.38 -13.64 3.41
N SER A 602 -34.42 -14.10 2.71
CA SER A 602 -34.61 -13.88 1.26
C SER A 602 -35.44 -12.62 1.02
N ALA A 603 -35.05 -11.84 0.01
CA ALA A 603 -35.78 -10.61 -0.31
C ALA A 603 -37.30 -10.81 -0.36
N ASN A 604 -38.04 -9.78 0.06
CA ASN A 604 -39.49 -9.75 -0.03
C ASN A 604 -40.16 -10.89 0.73
N THR A 605 -39.65 -11.24 1.91
CA THR A 605 -40.28 -12.29 2.68
C THR A 605 -40.36 -11.93 4.14
N VAL A 606 -40.96 -12.84 4.90
CA VAL A 606 -40.91 -12.81 6.32
C VAL A 606 -39.87 -13.84 6.72
N TRP A 607 -38.87 -13.38 7.45
CA TRP A 607 -37.77 -14.23 7.80
C TRP A 607 -38.03 -14.72 9.22
N TYR A 608 -38.18 -16.04 9.36
CA TYR A 608 -38.16 -16.65 10.70
C TYR A 608 -36.72 -17.01 11.01
N ILE A 609 -36.26 -16.72 12.24
CA ILE A 609 -34.94 -17.15 12.70
C ILE A 609 -35.15 -18.02 13.91
N ASN A 610 -34.46 -19.15 13.97
CA ASN A 610 -34.81 -20.19 14.92
C ASN A 610 -33.80 -20.43 16.01
N LYS A 611 -34.16 -19.92 17.17
CA LYS A 611 -33.32 -19.93 18.34
C LYS A 611 -34.11 -20.62 19.45
N ARG A 612 -33.38 -21.05 20.49
CA ARG A 612 -33.99 -21.66 21.67
C ARG A 612 -33.07 -21.56 22.87
N THR A 613 -33.67 -21.68 24.07
CA THR A 613 -32.93 -21.76 25.34
C THR A 613 -33.32 -23.04 26.03
N SER A 614 -32.89 -23.18 27.28
CA SER A 614 -33.32 -24.31 28.11
C SER A 614 -34.85 -24.37 28.21
N ASP A 615 -35.48 -23.26 28.57
CA ASP A 615 -36.91 -23.21 28.89
C ASP A 615 -37.86 -22.73 27.78
N TYR A 616 -37.32 -22.19 26.68
CA TYR A 616 -38.16 -21.50 25.67
C TYR A 616 -37.83 -21.90 24.23
N ASN A 617 -38.87 -22.11 23.43
CA ASN A 617 -38.71 -22.14 21.99
C ASN A 617 -39.01 -20.75 21.43
N ILE A 618 -38.07 -20.24 20.64
CA ILE A 618 -38.09 -18.83 20.24
C ILE A 618 -38.03 -18.71 18.75
N VAL A 619 -39.03 -18.05 18.19
CA VAL A 619 -38.96 -17.64 16.82
C VAL A 619 -38.93 -16.13 16.76
N HIS A 620 -38.05 -15.61 15.91
CA HIS A 620 -38.05 -14.21 15.54
C HIS A 620 -38.61 -14.10 14.12
N LEU A 621 -39.39 -13.07 13.87
CA LEU A 621 -39.86 -12.80 12.52
C LEU A 621 -39.37 -11.44 12.11
N ILE A 622 -38.82 -11.37 10.90
CA ILE A 622 -38.27 -10.11 10.43
C ILE A 622 -38.87 -9.71 9.08
N ASN A 623 -39.71 -8.70 9.12
CA ASN A 623 -40.50 -8.37 7.97
C ASN A 623 -39.65 -7.72 6.88
N LEU A 624 -39.13 -8.58 6.01
CA LEU A 624 -38.50 -8.18 4.75
C LEU A 624 -39.48 -8.07 3.57
N LEU A 625 -40.78 -7.98 3.84
CA LEU A 625 -41.74 -7.87 2.72
C LEU A 625 -41.51 -6.56 1.97
N GLY A 626 -41.29 -6.67 0.68
CA GLY A 626 -41.10 -5.51 -0.18
C GLY A 626 -39.72 -4.90 -0.05
N ASN A 627 -38.78 -5.64 0.53
CA ASN A 627 -37.43 -5.12 0.73
C ASN A 627 -36.38 -6.14 0.38
N ASP A 628 -35.22 -5.66 -0.08
CA ASP A 628 -34.17 -6.54 -0.61
C ASP A 628 -33.48 -7.32 0.53
N ASN A 629 -32.32 -7.94 0.26
CA ASN A 629 -31.65 -8.71 1.33
C ASN A 629 -30.27 -8.17 1.82
N GLN A 630 -29.92 -6.94 1.45
CA GLN A 630 -28.73 -6.30 2.03
C GLN A 630 -29.12 -5.66 3.37
N TRP A 631 -28.25 -5.78 4.36
CA TRP A 631 -28.51 -5.20 5.70
C TRP A 631 -28.16 -3.70 5.80
N ARG A 632 -27.20 -3.25 4.99
CA ARG A 632 -26.58 -1.93 5.14
C ARG A 632 -27.28 -0.81 4.38
N ASN A 633 -27.85 -1.15 3.22
CA ASN A 633 -28.48 -0.15 2.34
C ASN A 633 -29.82 0.36 2.88
N THR A 634 -30.23 1.54 2.41
CA THR A 634 -31.54 2.11 2.75
C THR A 634 -32.67 1.19 2.31
N ALA A 635 -33.89 1.48 2.74
CA ALA A 635 -34.99 0.55 2.57
C ALA A 635 -36.33 1.26 2.53
N SER A 636 -37.31 0.60 1.94
CA SER A 636 -38.69 1.08 1.97
C SER A 636 -39.37 0.60 3.24
N GLN A 637 -40.48 1.22 3.57
CA GLN A 637 -41.24 0.76 4.71
C GLN A 637 -41.73 -0.65 4.38
N PRO A 638 -41.43 -1.66 5.22
CA PRO A 638 -41.98 -2.99 4.99
C PRO A 638 -43.50 -3.01 4.82
N SER A 639 -44.02 -4.06 4.18
CA SER A 639 -45.46 -4.26 4.08
C SER A 639 -46.02 -4.70 5.44
N PHE A 640 -46.66 -3.77 6.12
CA PHE A 640 -47.18 -4.05 7.44
C PHE A 640 -48.29 -5.09 7.33
N GLN A 641 -48.16 -6.14 8.12
CA GLN A 641 -49.13 -7.23 8.16
C GLN A 641 -50.00 -7.18 9.44
N THR A 642 -51.30 -7.30 9.28
CA THR A 642 -52.21 -7.27 10.43
C THR A 642 -52.99 -8.60 10.43
N ASN A 643 -53.23 -9.17 11.61
CA ASN A 643 -53.91 -10.47 11.77
C ASN A 643 -53.41 -11.53 10.81
N LEU A 644 -52.37 -12.24 11.24
CA LEU A 644 -51.62 -13.11 10.33
C LEU A 644 -51.52 -14.50 10.90
N PRO A 645 -52.08 -15.51 10.19
CA PRO A 645 -52.08 -16.87 10.70
C PRO A 645 -50.73 -17.58 10.55
N ALA A 646 -50.20 -18.07 11.66
CA ALA A 646 -48.87 -18.69 11.70
C ALA A 646 -48.88 -20.11 12.29
N LYS A 647 -47.95 -20.92 11.78
CA LYS A 647 -47.84 -22.34 12.14
C LYS A 647 -46.37 -22.71 12.34
N ILE A 648 -46.06 -23.27 13.52
CA ILE A 648 -44.68 -23.57 13.92
C ILE A 648 -44.51 -25.04 14.26
N TYR A 649 -43.49 -25.67 13.68
CA TYR A 649 -43.23 -27.07 13.90
C TYR A 649 -42.17 -27.28 14.96
N ILE A 650 -42.20 -28.45 15.61
CA ILE A 650 -41.36 -28.76 16.78
C ILE A 650 -40.99 -30.24 16.88
N GLY A 651 -40.06 -30.56 17.78
CA GLY A 651 -39.71 -31.95 18.10
C GLY A 651 -40.85 -32.62 18.85
N ALA A 652 -41.02 -33.93 18.67
CA ALA A 652 -42.12 -34.68 19.30
C ALA A 652 -42.05 -34.71 20.84
N ASP A 653 -40.85 -34.53 21.39
CA ASP A 653 -40.63 -34.45 22.83
C ASP A 653 -40.67 -33.01 23.40
N GLU A 654 -41.46 -32.13 22.76
CA GLU A 654 -41.53 -30.72 23.16
C GLU A 654 -42.98 -30.19 23.20
N THR A 655 -43.55 -30.10 24.39
CA THR A 655 -44.91 -29.57 24.56
C THR A 655 -44.91 -28.17 25.17
N ILE A 656 -45.86 -27.36 24.69
CA ILE A 656 -45.89 -25.90 24.84
C ILE A 656 -46.94 -25.45 25.86
N SER A 657 -46.47 -25.15 27.07
CA SER A 657 -47.28 -24.62 28.16
C SER A 657 -47.99 -23.31 27.76
N ASP A 658 -47.24 -22.30 27.26
CA ASP A 658 -47.85 -21.03 26.79
C ASP A 658 -47.06 -20.40 25.62
N VAL A 659 -47.63 -19.35 25.01
CA VAL A 659 -47.02 -18.68 23.83
C VAL A 659 -47.13 -17.15 23.89
N TYR A 660 -45.98 -16.49 23.80
CA TYR A 660 -45.85 -15.05 23.97
C TYR A 660 -45.20 -14.39 22.77
N LEU A 661 -45.60 -13.15 22.51
CA LEU A 661 -44.98 -12.37 21.47
C LEU A 661 -44.71 -10.96 22.00
N ALA A 662 -43.41 -10.62 22.05
CA ALA A 662 -42.94 -9.27 22.38
C ALA A 662 -42.27 -8.66 21.14
N SER A 663 -42.62 -7.41 20.85
CA SER A 663 -42.04 -6.65 19.74
C SER A 663 -41.91 -5.19 20.10
N PRO A 664 -40.76 -4.57 19.77
CA PRO A 664 -40.54 -3.15 20.01
C PRO A 664 -41.43 -2.22 19.16
N ASP A 665 -42.03 -2.76 18.09
CA ASP A 665 -42.89 -1.98 17.20
C ASP A 665 -44.31 -1.89 17.80
N LEU A 666 -44.49 -2.51 18.96
CA LEU A 666 -45.81 -2.86 19.49
C LEU A 666 -45.88 -2.70 21.03
N SER A 667 -46.43 -1.57 21.46
CA SER A 667 -46.59 -1.23 22.88
C SER A 667 -45.25 -1.20 23.60
N GLY A 668 -44.27 -0.53 23.00
CA GLY A 668 -42.94 -0.41 23.60
C GLY A 668 -42.27 -1.74 23.94
N GLY A 669 -42.79 -2.82 23.35
CA GLY A 669 -42.20 -4.13 23.50
C GLY A 669 -42.84 -4.95 24.60
N GLU A 670 -44.00 -4.55 25.08
CA GLU A 670 -44.63 -5.34 26.16
C GLU A 670 -44.96 -6.72 25.61
N THR A 671 -44.86 -7.74 26.47
CA THR A 671 -45.27 -9.10 26.11
C THR A 671 -46.81 -9.24 26.10
N GLN A 672 -47.34 -9.93 25.09
CA GLN A 672 -48.76 -10.29 25.01
C GLN A 672 -48.91 -11.81 24.77
N GLU A 673 -49.78 -12.47 25.56
CA GLU A 673 -50.11 -13.92 25.36
C GLU A 673 -51.10 -14.08 24.23
N LEU A 674 -51.01 -15.19 23.49
CA LEU A 674 -51.94 -15.43 22.38
C LEU A 674 -52.73 -16.74 22.52
N ALA A 675 -53.83 -16.84 21.78
CA ALA A 675 -54.61 -18.08 21.74
C ALA A 675 -53.91 -19.08 20.81
N PHE A 676 -53.94 -20.36 21.19
CA PHE A 676 -53.26 -21.43 20.46
C PHE A 676 -53.65 -22.82 21.01
N THR A 677 -53.72 -23.81 20.11
CA THR A 677 -53.62 -25.23 20.48
C THR A 677 -52.63 -25.86 19.50
N SER A 678 -52.49 -27.19 19.56
CA SER A 678 -51.74 -27.90 18.52
C SER A 678 -52.37 -29.23 18.16
N GLY A 679 -51.85 -29.81 17.09
CA GLY A 679 -52.19 -31.17 16.69
C GLY A 679 -50.97 -31.82 16.04
N THR A 680 -51.21 -32.42 14.87
CA THR A 680 -50.18 -33.15 14.14
C THR A 680 -50.62 -33.39 12.69
N ASP A 681 -49.66 -33.53 11.77
CA ASP A 681 -49.99 -33.78 10.36
C ASP A 681 -48.80 -34.32 9.55
N ALA A 682 -48.97 -34.37 8.21
CA ALA A 682 -47.96 -34.89 7.28
C ALA A 682 -46.53 -34.38 7.56
N GLY A 683 -46.36 -33.06 7.59
CA GLY A 683 -45.08 -32.45 7.90
C GLY A 683 -44.79 -32.27 9.40
N GLY A 684 -44.89 -33.36 10.16
CA GLY A 684 -44.53 -33.34 11.58
C GLY A 684 -45.58 -32.76 12.51
N LYS A 685 -45.20 -32.60 13.78
CA LYS A 685 -46.08 -32.13 14.84
C LYS A 685 -46.06 -30.59 14.91
N TYR A 686 -47.23 -29.95 14.93
CA TYR A 686 -47.32 -28.48 14.84
C TYR A 686 -47.74 -27.73 16.11
N VAL A 687 -47.73 -26.40 16.02
CA VAL A 687 -48.52 -25.52 16.91
C VAL A 687 -48.89 -24.27 16.10
N SER A 688 -50.03 -23.65 16.43
CA SER A 688 -50.55 -22.56 15.57
C SER A 688 -51.26 -21.42 16.31
N PHE A 689 -51.22 -20.25 15.69
CA PHE A 689 -51.84 -19.04 16.26
C PHE A 689 -51.83 -17.92 15.25
N THR A 690 -52.58 -16.87 15.55
CA THR A 690 -52.61 -15.67 14.73
C THR A 690 -51.68 -14.58 15.32
N VAL A 691 -50.82 -14.02 14.47
CA VAL A 691 -49.98 -12.90 14.85
C VAL A 691 -50.78 -11.59 14.70
N PRO A 692 -51.08 -10.88 15.81
CA PRO A 692 -51.95 -9.71 15.65
C PRO A 692 -51.41 -8.66 14.65
N GLU A 693 -50.13 -8.31 14.80
CA GLU A 693 -49.43 -7.40 13.88
C GLU A 693 -47.97 -7.80 13.76
N LEU A 694 -47.47 -7.68 12.52
CA LEU A 694 -46.04 -7.73 12.23
C LEU A 694 -45.65 -6.45 11.49
N LYS A 695 -44.64 -5.73 12.01
CA LYS A 695 -44.19 -4.48 11.44
C LYS A 695 -42.75 -4.59 10.94
N TYR A 696 -41.83 -4.75 11.89
CA TYR A 696 -40.40 -4.97 11.62
C TYR A 696 -39.93 -6.26 12.26
N TRP A 697 -40.15 -6.38 13.57
CA TRP A 697 -39.57 -7.46 14.30
C TRP A 697 -40.51 -7.96 15.37
N ASN A 698 -40.89 -9.24 15.27
CA ASN A 698 -41.62 -9.94 16.33
C ASN A 698 -40.73 -11.00 16.98
N MET A 699 -40.69 -11.00 18.32
CA MET A 699 -40.09 -12.12 19.03
C MET A 699 -41.16 -13.01 19.69
N ILE A 700 -41.54 -14.07 18.99
CA ILE A 700 -42.33 -15.13 19.59
C ILE A 700 -41.44 -15.97 20.51
N TYR A 701 -41.85 -16.14 21.75
CA TYR A 701 -41.19 -17.07 22.63
C TYR A 701 -42.23 -17.91 23.32
N MET A 702 -41.99 -19.22 23.27
CA MET A 702 -42.95 -20.20 23.72
C MET A 702 -42.30 -21.00 24.85
N LEU A 703 -42.98 -21.01 26.00
CA LEU A 703 -42.55 -21.73 27.20
C LEU A 703 -42.90 -23.22 27.07
N GLU A 704 -41.96 -24.11 27.44
CA GLU A 704 -42.17 -25.57 27.37
C GLU A 704 -41.72 -26.28 28.64
N GLY B 6 50.42 4.25 -24.82
CA GLY B 6 49.80 3.99 -26.15
C GLY B 6 49.35 5.24 -26.89
N GLY B 7 49.67 5.30 -28.19
CA GLY B 7 49.18 6.31 -29.12
C GLY B 7 48.27 5.67 -30.17
N ILE B 8 47.86 4.41 -29.91
CA ILE B 8 46.75 3.77 -30.61
C ILE B 8 45.49 4.12 -29.82
N GLU B 9 44.76 5.16 -30.24
CA GLU B 9 43.76 5.80 -29.37
C GLU B 9 42.44 5.04 -29.27
N ARG B 10 41.97 4.47 -30.38
CA ARG B 10 40.71 3.69 -30.40
C ARG B 10 40.83 2.58 -31.44
N VAL B 11 40.16 1.47 -31.16
CA VAL B 11 39.99 0.38 -32.13
C VAL B 11 38.54 -0.09 -32.07
N PHE B 12 37.83 -0.11 -33.20
CA PHE B 12 36.40 -0.43 -33.15
C PHE B 12 35.82 -0.84 -34.51
N THR B 13 34.53 -1.20 -34.52
CA THR B 13 33.82 -1.51 -35.75
C THR B 13 32.49 -0.73 -35.99
N ASP B 14 32.19 -0.52 -37.28
CA ASP B 14 30.99 0.22 -37.71
C ASP B 14 29.73 -0.26 -36.96
N LYS B 15 29.60 -1.58 -36.79
CA LYS B 15 28.41 -2.21 -36.19
C LYS B 15 28.70 -2.98 -34.88
N ALA B 16 27.65 -3.27 -34.13
CA ALA B 16 27.84 -3.88 -32.82
C ALA B 16 27.76 -5.37 -32.92
N ARG B 17 27.24 -5.84 -34.03
CA ARG B 17 27.07 -7.26 -34.24
C ARG B 17 26.96 -7.53 -35.75
N TYR B 18 27.62 -8.60 -36.21
CA TYR B 18 27.73 -8.93 -37.62
C TYR B 18 27.07 -10.29 -37.90
N ASN B 19 26.44 -10.48 -39.06
CA ASN B 19 25.97 -11.82 -39.45
C ASN B 19 27.10 -12.62 -40.12
N PRO B 20 26.93 -13.95 -40.22
CA PRO B 20 27.89 -14.71 -41.00
C PRO B 20 27.82 -14.27 -42.45
N GLY B 21 28.99 -13.91 -43.00
CA GLY B 21 29.06 -13.43 -44.36
C GLY B 21 29.35 -11.95 -44.48
N ASP B 22 28.92 -11.15 -43.51
CA ASP B 22 29.04 -9.69 -43.63
C ASP B 22 30.50 -9.21 -43.71
N ALA B 23 30.72 -8.23 -44.57
CA ALA B 23 31.91 -7.38 -44.46
C ALA B 23 32.00 -6.77 -43.07
N VAL B 24 33.21 -6.48 -42.61
CA VAL B 24 33.43 -5.92 -41.28
C VAL B 24 34.58 -4.95 -41.39
N SER B 25 34.39 -3.73 -40.94
CA SER B 25 35.46 -2.79 -41.03
C SER B 25 35.95 -2.59 -39.64
N ILE B 26 37.27 -2.64 -39.49
CA ILE B 26 37.91 -2.53 -38.21
C ILE B 26 38.73 -1.28 -38.31
N ARG B 27 38.57 -0.39 -37.34
CA ARG B 27 39.05 0.95 -37.48
C ARG B 27 40.06 1.16 -36.41
N VAL B 28 41.16 1.80 -36.79
CA VAL B 28 42.29 1.96 -35.91
C VAL B 28 42.70 3.40 -35.99
N GLN B 29 42.24 4.18 -35.00
CA GLN B 29 42.64 5.57 -34.90
C GLN B 29 43.96 5.68 -34.13
N ALA B 30 44.95 6.31 -34.76
CA ALA B 30 46.26 6.40 -34.15
C ALA B 30 46.82 7.81 -34.22
N LYS B 31 47.68 8.12 -33.26
CA LYS B 31 48.31 9.44 -33.16
C LYS B 31 49.69 9.34 -32.49
N ASN B 32 50.68 10.03 -33.07
CA ASN B 32 52.09 9.99 -32.63
C ASN B 32 52.52 11.18 -31.74
N GLY B 33 53.03 10.87 -30.56
CA GLY B 33 53.54 11.87 -29.61
C GLY B 33 54.83 11.42 -28.96
N THR B 34 55.70 10.78 -29.75
CA THR B 34 57.06 10.44 -29.30
C THR B 34 58.07 11.53 -29.75
N GLY B 35 57.55 12.70 -30.11
CA GLY B 35 58.38 13.86 -30.40
C GLY B 35 59.26 13.71 -31.62
N SER B 36 58.76 13.07 -32.68
CA SER B 36 59.52 12.87 -33.93
C SER B 36 58.69 12.04 -34.87
N SER B 37 59.09 11.95 -36.13
CA SER B 37 58.42 11.06 -37.08
C SER B 37 58.48 9.59 -36.60
N TRP B 38 57.56 8.79 -37.15
CA TRP B 38 57.47 7.36 -36.89
C TRP B 38 57.01 6.64 -38.15
N SER B 39 57.72 5.57 -38.52
CA SER B 39 57.34 4.71 -39.64
C SER B 39 57.50 3.25 -39.22
N GLY B 40 56.42 2.49 -39.34
CA GLY B 40 56.41 1.08 -38.95
C GLY B 40 55.20 0.38 -39.53
N ALA B 41 54.74 -0.67 -38.84
CA ALA B 41 53.59 -1.44 -39.30
C ALA B 41 52.49 -1.49 -38.25
N ALA B 42 51.28 -1.80 -38.72
CA ALA B 42 50.15 -2.09 -37.85
C ALA B 42 49.64 -3.50 -38.16
N ARG B 43 49.91 -4.40 -37.23
CA ARG B 43 49.65 -5.82 -37.43
C ARG B 43 48.37 -6.20 -36.68
N LEU B 44 47.29 -6.36 -37.44
CA LEU B 44 46.00 -6.85 -36.91
C LEU B 44 46.01 -8.35 -36.85
N GLU B 45 45.75 -8.90 -35.66
CA GLU B 45 45.54 -10.36 -35.45
C GLU B 45 44.20 -10.59 -34.71
N ILE B 46 43.40 -11.52 -35.22
CA ILE B 46 42.07 -11.80 -34.70
C ILE B 46 42.08 -13.23 -34.17
N PHE B 47 41.51 -13.40 -32.98
CA PHE B 47 41.49 -14.68 -32.28
C PHE B 47 40.07 -15.21 -32.16
N HIS B 48 39.90 -16.54 -32.28
CA HIS B 48 38.77 -17.20 -31.64
C HIS B 48 39.28 -18.05 -30.47
N LEU B 49 39.09 -17.51 -29.26
CA LEU B 49 39.60 -18.10 -28.04
C LEU B 49 41.10 -18.12 -28.17
N GLU B 50 41.68 -19.30 -28.30
CA GLU B 50 43.13 -19.46 -28.46
C GLU B 50 43.64 -19.50 -29.93
N ASN B 51 42.77 -19.64 -30.92
CA ASN B 51 43.23 -19.75 -32.32
C ASN B 51 43.25 -18.43 -33.09
N SER B 52 44.40 -18.05 -33.64
CA SER B 52 44.43 -17.01 -34.68
C SER B 52 43.55 -17.48 -35.82
N VAL B 53 42.73 -16.59 -36.36
CA VAL B 53 41.90 -16.92 -37.53
C VAL B 53 41.99 -15.87 -38.63
N TYR B 54 42.80 -14.82 -38.39
CA TYR B 54 43.13 -13.85 -39.42
C TYR B 54 44.31 -13.08 -38.98
N THR B 55 45.17 -12.71 -39.93
CA THR B 55 46.29 -11.85 -39.60
C THR B 55 46.58 -10.96 -40.80
N SER B 56 46.76 -9.67 -40.56
CA SER B 56 47.00 -8.73 -41.67
C SER B 56 47.82 -7.53 -41.18
N SER B 57 48.46 -6.86 -42.12
CA SER B 57 49.40 -5.79 -41.78
C SER B 57 49.23 -4.67 -42.79
N GLN B 58 49.48 -3.44 -42.38
CA GLN B 58 49.69 -2.39 -43.39
C GLN B 58 50.63 -1.30 -42.93
N SER B 59 51.33 -0.79 -43.94
CA SER B 59 52.43 0.14 -43.73
C SER B 59 51.85 1.40 -43.13
N LEU B 60 52.46 1.87 -42.04
CA LEU B 60 51.99 3.08 -41.42
C LEU B 60 53.15 3.96 -41.07
N SER B 61 53.14 5.19 -41.61
CA SER B 61 54.06 6.23 -41.18
C SER B 61 53.32 7.56 -40.98
N LEU B 62 53.85 8.38 -40.08
CA LEU B 62 53.32 9.72 -39.83
C LEU B 62 54.21 10.55 -38.88
N THR B 63 54.21 11.86 -39.10
CA THR B 63 55.10 12.80 -38.37
C THR B 63 54.74 12.83 -36.90
N ASN B 64 55.52 13.59 -36.12
CA ASN B 64 55.08 13.93 -34.79
C ASN B 64 53.73 14.63 -34.90
N GLY B 65 52.82 14.27 -33.99
CA GLY B 65 51.50 14.90 -33.89
C GLY B 65 50.50 14.61 -35.00
N GLN B 66 50.84 13.69 -35.91
CA GLN B 66 49.93 13.34 -37.01
C GLN B 66 48.92 12.26 -36.56
N SER B 67 47.70 12.36 -37.09
CA SER B 67 46.62 11.41 -36.78
C SER B 67 46.10 10.75 -38.04
N THR B 68 45.65 9.52 -37.92
CA THR B 68 44.96 8.85 -39.04
C THR B 68 44.11 7.71 -38.53
N THR B 69 43.15 7.31 -39.36
CA THR B 69 42.27 6.19 -39.06
C THR B 69 42.41 5.13 -40.13
N LEU B 70 42.96 3.98 -39.74
CA LEU B 70 43.14 2.88 -40.69
C LEU B 70 41.93 1.99 -40.67
N THR B 71 41.66 1.39 -41.82
CA THR B 71 40.66 0.39 -41.96
C THR B 71 41.30 -0.95 -42.33
N PHE B 72 40.70 -2.03 -41.83
CA PHE B 72 41.08 -3.37 -42.09
C PHE B 72 39.83 -4.12 -42.44
N THR B 73 39.69 -4.59 -43.66
CA THR B 73 38.51 -5.35 -44.01
C THR B 73 38.68 -6.84 -43.62
N TRP B 74 37.56 -7.48 -43.25
CA TRP B 74 37.52 -8.90 -42.79
C TRP B 74 36.14 -9.52 -42.97
N THR B 75 36.07 -10.72 -43.51
CA THR B 75 34.76 -11.34 -43.69
C THR B 75 34.43 -12.21 -42.49
N ALA B 76 33.31 -11.93 -41.86
CA ALA B 76 32.79 -12.75 -40.79
C ALA B 76 32.59 -14.17 -41.29
N PRO B 77 33.30 -15.12 -40.66
CA PRO B 77 33.20 -16.56 -40.92
C PRO B 77 31.77 -17.10 -40.97
N SER B 78 31.59 -18.19 -41.72
CA SER B 78 30.27 -18.80 -41.92
C SER B 78 29.64 -19.45 -40.66
N THR B 79 30.42 -19.72 -39.62
CA THR B 79 29.86 -20.30 -38.38
C THR B 79 29.17 -19.25 -37.48
N ASP B 80 27.87 -19.43 -37.33
CA ASP B 80 27.07 -18.49 -36.56
C ASP B 80 27.47 -18.49 -35.10
N PHE B 81 27.19 -17.38 -34.42
CA PHE B 81 27.29 -17.31 -32.98
C PHE B 81 28.67 -17.67 -32.47
N ARG B 82 29.64 -16.83 -32.79
CA ARG B 82 30.99 -16.96 -32.32
C ARG B 82 31.54 -15.55 -32.03
N GLY B 83 32.30 -15.43 -30.95
CA GLY B 83 32.93 -14.17 -30.53
C GLY B 83 34.44 -14.19 -30.73
N TYR B 84 35.01 -13.04 -31.08
CA TYR B 84 36.43 -12.94 -31.42
C TYR B 84 37.15 -11.84 -30.66
N PHE B 85 38.44 -12.03 -30.46
CA PHE B 85 39.32 -10.98 -29.93
C PHE B 85 40.02 -10.30 -31.10
N VAL B 86 40.38 -9.05 -30.94
CA VAL B 86 41.01 -8.33 -32.03
C VAL B 86 42.21 -7.62 -31.42
N ARG B 87 43.39 -8.01 -31.89
CA ARG B 87 44.64 -7.34 -31.52
C ARG B 87 45.12 -6.48 -32.69
N ILE B 88 45.63 -5.29 -32.36
CA ILE B 88 46.36 -4.40 -33.26
C ILE B 88 47.66 -4.08 -32.56
N ASP B 89 48.78 -4.35 -33.23
CA ASP B 89 50.08 -4.04 -32.66
C ASP B 89 50.79 -3.06 -33.57
N ALA B 90 51.32 -1.99 -32.98
CA ALA B 90 52.03 -0.98 -33.75
C ALA B 90 53.45 -0.73 -33.22
N GLY B 91 54.13 -1.82 -32.84
CA GLY B 91 55.46 -1.73 -32.29
C GLY B 91 55.51 -0.67 -31.21
N THR B 92 56.50 0.22 -31.31
CA THR B 92 56.78 1.22 -30.29
C THR B 92 55.73 2.34 -30.26
N LEU B 93 54.90 2.41 -31.30
CA LEU B 93 53.75 3.33 -31.28
C LEU B 93 52.73 2.93 -30.20
N GLY B 94 52.47 1.62 -30.08
CA GLY B 94 51.64 1.08 -29.02
C GLY B 94 50.81 -0.09 -29.51
N GLN B 95 49.96 -0.62 -28.64
CA GLN B 95 48.92 -1.57 -29.03
C GLN B 95 47.53 -1.12 -28.58
N GLY B 96 46.50 -1.75 -29.15
CA GLY B 96 45.11 -1.52 -28.74
C GLY B 96 44.27 -2.73 -29.10
N ALA B 97 43.02 -2.80 -28.61
CA ALA B 97 42.17 -3.98 -28.92
C ALA B 97 40.69 -3.67 -29.05
N THR B 98 39.96 -4.64 -29.60
CA THR B 98 38.49 -4.64 -29.56
C THR B 98 38.03 -6.06 -29.79
N ALA B 99 36.73 -6.23 -29.98
CA ALA B 99 36.11 -7.53 -30.16
C ALA B 99 34.95 -7.47 -31.15
N ILE B 100 34.61 -8.64 -31.67
CA ILE B 100 33.67 -8.75 -32.74
C ILE B 100 32.77 -9.91 -32.41
N ASP B 101 31.48 -9.75 -32.69
CA ASP B 101 30.50 -10.77 -32.37
C ASP B 101 29.80 -11.15 -33.65
N VAL B 102 29.91 -12.42 -34.04
CA VAL B 102 29.20 -12.91 -35.20
C VAL B 102 28.00 -13.72 -34.75
N SER B 103 26.83 -13.08 -34.76
CA SER B 103 25.54 -13.68 -34.37
C SER B 103 24.46 -13.17 -35.27
N SER B 104 23.62 -14.07 -35.80
CA SER B 104 22.42 -13.69 -36.57
C SER B 104 21.29 -13.24 -35.67
N ASP B 105 21.50 -13.27 -34.35
CA ASP B 105 20.44 -13.02 -33.38
C ASP B 105 21.08 -12.52 -32.08
N PHE B 106 20.65 -11.34 -31.65
CA PHE B 106 21.24 -10.65 -30.49
C PHE B 106 20.86 -11.36 -29.17
N THR B 107 19.73 -12.07 -29.21
CA THR B 107 19.20 -12.73 -28.03
C THR B 107 19.99 -13.94 -27.53
N LYS B 108 21.00 -14.40 -28.27
CA LYS B 108 21.89 -15.43 -27.70
C LYS B 108 22.90 -14.75 -26.82
N TYR B 109 23.46 -13.62 -27.28
CA TYR B 109 24.46 -12.85 -26.50
C TYR B 109 24.02 -11.39 -26.40
N PRO B 110 23.03 -11.10 -25.54
CA PRO B 110 22.55 -9.76 -25.44
C PRO B 110 23.58 -8.93 -24.72
N ARG B 111 23.86 -7.74 -25.25
CA ARG B 111 24.56 -6.71 -24.50
C ARG B 111 23.59 -5.54 -24.53
N TYR B 112 22.91 -5.34 -23.41
CA TYR B 112 21.73 -4.53 -23.33
C TYR B 112 22.15 -3.19 -22.73
N GLY B 113 21.73 -2.12 -23.39
CA GLY B 113 21.81 -0.78 -22.85
C GLY B 113 20.43 -0.15 -22.85
N TYR B 114 20.43 1.18 -22.77
CA TYR B 114 19.18 1.89 -22.73
C TYR B 114 19.26 3.22 -23.44
N ILE B 115 18.10 3.74 -23.82
CA ILE B 115 17.87 5.15 -24.19
C ILE B 115 16.68 5.65 -23.36
N SER B 116 16.85 6.82 -22.73
CA SER B 116 15.80 7.35 -21.85
C SER B 116 15.49 8.80 -22.05
N GLU B 117 16.33 9.54 -22.79
CA GLU B 117 16.02 10.93 -23.17
C GLU B 117 15.59 10.99 -24.62
N PHE B 118 14.81 12.00 -24.96
CA PHE B 118 14.17 12.10 -26.26
C PHE B 118 13.86 13.56 -26.58
N GLU B 119 14.71 14.47 -26.11
CA GLU B 119 14.44 15.88 -26.27
C GLU B 119 14.43 16.28 -27.75
N SER B 120 13.63 17.29 -28.07
CA SER B 120 13.49 17.72 -29.46
C SER B 120 14.66 18.58 -29.86
N GLY B 121 15.36 19.11 -28.87
CA GLY B 121 16.66 19.76 -29.11
C GLY B 121 17.81 18.80 -29.43
N GLU B 122 17.52 17.58 -29.88
CA GLU B 122 18.55 16.60 -30.17
C GLU B 122 18.51 16.29 -31.64
N THR B 123 19.45 16.87 -32.35
CA THR B 123 19.64 16.65 -33.78
C THR B 123 19.77 15.19 -34.13
N ALA B 124 19.60 14.90 -35.42
CA ALA B 124 19.76 13.54 -35.90
C ALA B 124 21.19 13.08 -35.67
N LEU B 125 22.12 14.02 -35.55
CA LEU B 125 23.53 13.72 -35.50
C LEU B 125 23.92 13.36 -34.08
N GLU B 126 23.41 14.11 -33.11
CA GLU B 126 23.62 13.77 -31.68
C GLU B 126 23.08 12.38 -31.35
N SER B 127 21.90 12.07 -31.90
CA SER B 127 21.29 10.76 -31.70
C SER B 127 22.15 9.62 -32.23
N LYS B 128 22.75 9.82 -33.40
CA LYS B 128 23.67 8.84 -34.00
C LYS B 128 24.98 8.71 -33.22
N ALA B 129 25.47 9.80 -32.64
CA ALA B 129 26.77 9.79 -31.99
C ALA B 129 26.72 9.02 -30.68
N LYS B 130 25.60 9.14 -29.99
CA LYS B 130 25.42 8.55 -28.66
C LYS B 130 25.22 7.05 -28.77
N VAL B 131 24.59 6.64 -29.86
CA VAL B 131 24.30 5.24 -30.15
C VAL B 131 25.52 4.59 -30.71
N ASP B 132 26.12 5.25 -31.71
CA ASP B 132 27.44 4.82 -32.23
C ASP B 132 28.44 4.63 -31.08
N GLN B 133 28.42 5.54 -30.10
CA GLN B 133 29.38 5.46 -28.99
C GLN B 133 29.21 4.19 -28.18
N LEU B 134 27.97 3.81 -27.93
CA LEU B 134 27.76 2.60 -27.17
C LEU B 134 27.98 1.36 -27.99
N ALA B 135 27.66 1.41 -29.29
CA ALA B 135 27.88 0.25 -30.18
C ALA B 135 29.38 -0.04 -30.44
N GLN B 136 30.19 1.02 -30.43
CA GLN B 136 31.61 0.94 -30.72
C GLN B 136 32.50 0.64 -29.52
N ASP B 137 32.24 1.34 -28.41
CA ASP B 137 33.02 1.20 -27.17
C ASP B 137 32.72 -0.12 -26.43
N TYR B 138 31.47 -0.57 -26.47
CA TYR B 138 31.01 -1.70 -25.67
C TYR B 138 30.17 -2.77 -26.42
N HIS B 139 30.01 -2.62 -27.73
CA HIS B 139 29.26 -3.61 -28.55
C HIS B 139 27.80 -3.84 -28.13
N ILE B 140 27.13 -2.80 -27.64
CA ILE B 140 25.73 -2.95 -27.22
C ILE B 140 24.89 -3.29 -28.45
N ASN B 141 24.20 -4.43 -28.44
CA ASN B 141 23.40 -4.84 -29.60
C ASN B 141 21.92 -4.68 -29.45
N ALA B 142 21.45 -4.34 -28.25
CA ALA B 142 20.04 -3.95 -28.08
C ALA B 142 19.92 -2.83 -27.08
N TRP B 143 18.99 -1.91 -27.36
CA TRP B 143 18.71 -0.80 -26.47
C TRP B 143 17.29 -0.86 -25.94
N GLN B 144 17.13 -0.72 -24.62
CA GLN B 144 15.78 -0.65 -24.01
C GLN B 144 15.36 0.82 -24.04
N PHE B 145 14.28 1.12 -24.76
CA PHE B 145 13.80 2.50 -24.83
C PHE B 145 12.90 2.71 -23.65
N TYR B 146 13.40 3.46 -22.67
CA TYR B 146 12.73 3.66 -21.38
C TYR B 146 11.94 4.98 -21.30
N ASP B 147 10.70 4.87 -20.88
CA ASP B 147 9.76 6.00 -20.75
C ASP B 147 9.66 6.84 -22.01
N TRP B 148 9.51 6.14 -23.12
CA TRP B 148 9.36 6.82 -24.40
C TRP B 148 7.89 7.13 -24.63
N MET B 149 7.03 6.37 -23.96
CA MET B 149 5.61 6.34 -24.32
C MET B 149 4.86 7.53 -23.74
N TRP B 150 3.67 7.77 -24.27
CA TRP B 150 2.85 8.88 -23.75
C TRP B 150 2.13 8.43 -22.48
N ARG B 151 1.12 7.59 -22.65
CA ARG B 151 0.55 6.88 -21.51
C ARG B 151 0.89 5.40 -21.55
N HIS B 152 0.96 4.77 -20.38
CA HIS B 152 1.24 3.34 -20.24
C HIS B 152 0.22 2.45 -20.99
N ASP B 153 -0.98 3.01 -21.23
CA ASP B 153 -2.09 2.32 -21.86
C ASP B 153 -2.48 2.93 -23.20
N LYS B 154 -1.61 3.77 -23.73
CA LYS B 154 -1.91 4.54 -24.93
C LYS B 154 -0.58 5.17 -25.28
N MET B 155 0.22 4.41 -26.00
CA MET B 155 1.64 4.61 -25.98
C MET B 155 2.07 5.67 -26.99
N ILE B 156 1.48 5.58 -28.18
CA ILE B 156 1.64 6.62 -29.16
C ILE B 156 0.46 7.52 -29.09
N LYS B 157 0.72 8.81 -28.90
CA LYS B 157 -0.32 9.83 -28.76
C LYS B 157 -0.71 10.34 -30.09
N ARG B 158 -1.99 10.20 -30.43
CA ARG B 158 -2.51 10.68 -31.71
C ARG B 158 -3.62 11.70 -31.54
N THR B 159 -3.66 12.65 -32.46
CA THR B 159 -4.78 13.57 -32.62
C THR B 159 -5.54 13.08 -33.83
N GLY B 160 -6.55 12.25 -33.62
CA GLY B 160 -7.30 11.66 -34.70
C GLY B 160 -6.56 10.46 -35.22
N GLY B 161 -6.00 10.62 -36.42
CA GLY B 161 -5.18 9.59 -37.04
C GLY B 161 -3.73 10.00 -37.09
N SER B 162 -3.47 11.24 -36.74
CA SER B 162 -2.18 11.85 -36.99
C SER B 162 -1.34 11.69 -35.74
N ILE B 163 -0.08 11.32 -35.91
CA ILE B 163 0.80 11.10 -34.77
C ILE B 163 1.30 12.43 -34.21
N ASP B 164 0.99 12.73 -32.95
CA ASP B 164 1.42 13.99 -32.36
C ASP B 164 2.95 14.06 -32.43
N SER B 165 3.45 15.19 -32.88
CA SER B 165 4.87 15.31 -33.08
C SER B 165 5.58 15.36 -31.76
N THR B 166 4.87 15.65 -30.68
CA THR B 166 5.47 15.51 -29.34
C THR B 166 4.44 15.25 -28.25
N TRP B 167 4.92 14.81 -27.09
CA TRP B 167 4.02 14.59 -26.01
C TRP B 167 4.71 14.62 -24.67
N LEU B 168 3.92 14.75 -23.62
CA LEU B 168 4.46 14.84 -22.27
C LEU B 168 4.24 13.52 -21.53
N ASP B 169 5.33 12.93 -21.00
CA ASP B 169 5.20 11.66 -20.33
C ASP B 169 4.67 11.81 -18.88
N LEU B 170 4.75 10.76 -18.07
CA LEU B 170 4.12 10.79 -16.76
C LEU B 170 4.85 11.75 -15.79
N PHE B 171 6.12 12.05 -16.04
CA PHE B 171 6.79 13.09 -15.25
C PHE B 171 6.93 14.41 -15.99
N ASN B 172 6.15 14.56 -17.05
CA ASN B 172 6.07 15.83 -17.73
C ASN B 172 7.22 16.20 -18.66
N ARG B 173 8.05 15.22 -19.01
CA ARG B 173 9.08 15.42 -20.02
C ARG B 173 8.47 15.51 -21.43
N GLU B 174 9.10 16.36 -22.25
CA GLU B 174 8.76 16.38 -23.63
C GLU B 174 9.50 15.25 -24.33
N ILE B 175 8.71 14.34 -24.88
CA ILE B 175 9.18 13.28 -25.77
C ILE B 175 8.92 13.73 -27.21
N SER B 176 9.96 13.72 -28.05
CA SER B 176 9.89 14.11 -29.45
C SER B 176 9.89 12.93 -30.39
N TRP B 177 8.87 12.85 -31.21
CA TRP B 177 8.71 11.69 -32.07
C TRP B 177 9.90 11.54 -33.01
N SER B 178 10.31 12.64 -33.63
CA SER B 178 11.39 12.58 -34.58
C SER B 178 12.67 12.16 -33.86
N THR B 179 12.95 12.68 -32.67
CA THR B 179 14.13 12.20 -31.87
C THR B 179 14.03 10.68 -31.63
N LEU B 180 12.87 10.24 -31.23
CA LEU B 180 12.66 8.83 -31.09
C LEU B 180 12.96 8.02 -32.38
N GLN B 181 12.41 8.47 -33.51
CA GLN B 181 12.57 7.74 -34.78
C GLN B 181 14.03 7.78 -35.20
N ASN B 182 14.68 8.93 -34.98
CA ASN B 182 16.07 9.06 -35.28
C ASN B 182 16.97 8.07 -34.56
N GLN B 183 16.63 7.81 -33.31
CA GLN B 183 17.43 6.98 -32.45
C GLN B 183 17.25 5.54 -32.87
N ILE B 184 16.00 5.14 -33.02
CA ILE B 184 15.68 3.81 -33.50
C ILE B 184 16.37 3.53 -34.84
N ASP B 185 16.53 4.55 -35.68
CA ASP B 185 17.25 4.38 -36.92
C ASP B 185 18.72 4.12 -36.60
N ALA B 186 19.31 4.98 -35.75
CA ALA B 186 20.72 4.87 -35.44
C ALA B 186 21.04 3.50 -34.82
N VAL B 187 20.05 2.95 -34.12
CA VAL B 187 20.19 1.64 -33.51
C VAL B 187 20.25 0.65 -34.63
N HIS B 188 19.32 0.78 -35.55
CA HIS B 188 19.24 -0.12 -36.67
C HIS B 188 20.52 -0.08 -37.53
N ASP B 189 21.12 1.09 -37.71
CA ASP B 189 22.37 1.25 -38.47
C ASP B 189 23.59 0.59 -37.88
N VAL B 190 23.51 0.12 -36.65
CA VAL B 190 24.60 -0.63 -36.08
C VAL B 190 24.16 -2.06 -35.87
N ASN B 191 23.21 -2.50 -36.69
CA ASN B 191 22.58 -3.83 -36.53
C ASN B 191 22.11 -3.98 -35.11
N GLY B 192 21.57 -2.89 -34.56
CA GLY B 192 21.02 -2.90 -33.23
C GLY B 192 19.57 -3.30 -33.22
N LYS B 193 19.08 -3.67 -32.05
CA LYS B 193 17.65 -3.75 -31.83
C LYS B 193 17.16 -2.78 -30.76
N ALA B 194 15.95 -2.26 -31.02
CA ALA B 194 15.21 -1.37 -30.13
C ALA B 194 14.07 -2.11 -29.43
N MET B 195 14.21 -2.30 -28.12
CA MET B 195 13.16 -2.91 -27.30
C MET B 195 12.37 -1.78 -26.64
N ALA B 196 11.05 -1.84 -26.77
CA ALA B 196 10.14 -0.84 -26.17
C ALA B 196 9.78 -1.24 -24.78
N TYR B 197 10.01 -0.32 -23.85
CA TYR B 197 9.57 -0.51 -22.50
C TYR B 197 8.04 -0.45 -22.50
N ALA B 198 7.40 -1.44 -21.89
CA ALA B 198 5.98 -1.37 -21.59
C ALA B 198 5.65 -2.18 -20.35
N MET B 199 4.59 -1.81 -19.65
CA MET B 199 4.19 -2.57 -18.46
C MET B 199 3.30 -3.68 -18.96
N ILE B 200 3.28 -4.77 -18.23
CA ILE B 200 2.35 -5.89 -18.45
C ILE B 200 0.90 -5.68 -17.94
N TYR B 201 0.68 -4.71 -17.07
CA TYR B 201 -0.61 -4.60 -16.44
C TYR B 201 -1.10 -3.21 -16.07
N ALA B 202 -0.40 -2.19 -16.53
CA ALA B 202 -0.64 -0.85 -16.09
C ALA B 202 -1.40 -0.10 -17.13
N SER B 203 -2.42 0.59 -16.66
CA SER B 203 -2.97 1.76 -17.33
C SER B 203 -2.64 2.96 -16.44
N ARG B 204 -2.83 4.15 -16.98
CA ARG B 204 -2.66 5.35 -16.24
C ARG B 204 -4.04 5.64 -15.72
N GLU B 205 -4.18 6.78 -15.04
CA GLU B 205 -5.45 7.16 -14.39
C GLU B 205 -6.52 7.60 -15.37
N ASN B 206 -7.78 7.59 -14.95
CA ASN B 206 -8.87 8.13 -15.76
C ASN B 206 -8.92 7.40 -17.10
N TYR B 207 -8.92 6.09 -16.96
CA TYR B 207 -8.78 5.20 -18.09
C TYR B 207 -10.10 4.80 -18.75
N SER B 208 -11.22 5.16 -18.15
CA SER B 208 -12.55 4.78 -18.64
C SER B 208 -12.88 5.20 -20.07
N PRO B 209 -12.64 6.49 -20.41
CA PRO B 209 -12.83 7.01 -21.77
C PRO B 209 -11.94 6.36 -22.83
N LEU B 210 -10.89 5.67 -22.42
CA LEU B 210 -10.11 4.90 -23.35
C LEU B 210 -10.74 3.56 -23.64
N GLY B 211 -11.79 3.20 -22.90
CA GLY B 211 -12.55 1.97 -23.14
C GLY B 211 -12.08 0.79 -22.34
N ILE B 212 -11.20 1.06 -21.38
CA ILE B 212 -10.70 0.05 -20.44
C ILE B 212 -11.74 -0.11 -19.35
N SER B 213 -12.07 -1.34 -19.00
CA SER B 213 -13.06 -1.62 -17.97
C SER B 213 -12.35 -2.03 -16.69
N PRO B 214 -12.76 -1.45 -15.55
CA PRO B 214 -12.29 -1.91 -14.24
C PRO B 214 -12.44 -3.42 -14.08
N THR B 215 -13.41 -3.99 -14.76
CA THR B 215 -13.63 -5.41 -14.65
C THR B 215 -12.42 -6.24 -15.08
N TRP B 216 -11.51 -5.66 -15.85
CA TRP B 216 -10.24 -6.31 -16.21
C TRP B 216 -9.17 -6.17 -15.11
N GLY B 217 -9.48 -5.41 -14.05
CA GLY B 217 -8.49 -5.09 -13.02
C GLY B 217 -8.16 -6.20 -12.03
N ILE B 218 -7.01 -6.10 -11.36
CA ILE B 218 -6.74 -6.88 -10.17
C ILE B 218 -7.00 -6.03 -8.93
N TYR B 219 -7.42 -6.67 -7.84
CA TYR B 219 -7.82 -5.93 -6.64
C TYR B 219 -7.17 -6.39 -5.35
N GLU B 220 -7.12 -5.46 -4.41
CA GLU B 220 -6.49 -5.68 -3.09
C GLU B 220 -7.35 -6.60 -2.19
N ASP B 221 -8.65 -6.67 -2.52
CA ASP B 221 -9.70 -7.35 -1.74
C ASP B 221 -10.67 -8.11 -2.65
N SER B 222 -11.59 -8.85 -2.03
CA SER B 222 -12.59 -9.65 -2.75
C SER B 222 -13.87 -8.92 -3.20
N SER B 223 -13.99 -7.61 -2.95
CA SER B 223 -15.24 -6.90 -3.29
C SER B 223 -15.07 -5.86 -4.42
N HIS B 224 -13.95 -5.94 -5.14
CA HIS B 224 -13.58 -4.93 -6.15
C HIS B 224 -13.68 -3.47 -5.64
N THR B 225 -13.23 -3.26 -4.40
CA THR B 225 -13.31 -1.94 -3.77
C THR B 225 -12.08 -1.08 -4.07
N ASN B 226 -10.87 -1.68 -3.98
CA ASN B 226 -9.60 -0.98 -4.27
C ASN B 226 -8.71 -1.68 -5.27
N GLN B 227 -8.54 -1.04 -6.42
CA GLN B 227 -7.68 -1.58 -7.47
C GLN B 227 -6.25 -1.34 -7.04
N PHE B 228 -5.41 -2.34 -7.20
CA PHE B 228 -4.00 -2.16 -6.99
C PHE B 228 -3.54 -0.98 -7.81
N ASP B 229 -2.64 -0.16 -7.26
CA ASP B 229 -2.17 1.04 -7.97
C ASP B 229 -0.70 1.39 -7.65
N VAL B 230 -0.24 2.52 -8.17
CA VAL B 230 1.11 3.01 -7.90
C VAL B 230 1.08 4.53 -7.83
N ASP B 231 1.30 5.09 -6.66
CA ASP B 231 1.25 6.54 -6.51
C ASP B 231 2.61 7.01 -7.00
N VAL B 232 2.65 7.70 -8.14
CA VAL B 232 3.94 8.27 -8.60
C VAL B 232 4.28 9.46 -7.71
N GLY B 233 3.25 10.20 -7.29
CA GLY B 233 3.41 11.13 -6.20
C GLY B 233 3.34 12.60 -6.57
N ASP B 234 2.42 12.93 -7.48
CA ASP B 234 1.87 14.27 -7.56
C ASP B 234 0.41 14.30 -7.12
N GLY B 235 -0.16 13.14 -6.81
CA GLY B 235 -1.56 13.06 -6.37
C GLY B 235 -2.60 13.13 -7.49
N SER B 236 -2.16 13.37 -8.73
CA SER B 236 -3.02 13.19 -9.89
C SER B 236 -2.63 11.92 -10.66
N THR B 237 -1.33 11.77 -10.87
CA THR B 237 -0.77 10.76 -11.73
C THR B 237 -0.64 9.48 -10.98
N TYR B 238 -1.23 8.44 -11.53
CA TYR B 238 -1.33 7.16 -10.89
C TYR B 238 -1.25 6.09 -11.94
N LEU B 239 -0.70 4.93 -11.56
CA LEU B 239 -0.85 3.70 -12.35
C LEU B 239 -1.86 2.74 -11.70
N TYR B 240 -2.84 2.25 -12.46
CA TYR B 240 -3.69 1.18 -11.97
C TYR B 240 -3.37 -0.14 -12.66
N MET B 241 -3.52 -1.24 -11.92
CA MET B 241 -3.03 -2.53 -12.33
C MET B 241 -4.17 -3.43 -12.73
N PHE B 242 -3.84 -4.38 -13.61
CA PHE B 242 -4.83 -5.20 -14.30
C PHE B 242 -4.34 -6.62 -14.34
N ASP B 243 -5.19 -7.51 -14.81
CA ASP B 243 -4.97 -8.94 -14.62
C ASP B 243 -4.36 -9.54 -15.88
N PRO B 244 -3.06 -9.88 -15.83
CA PRO B 244 -2.36 -10.40 -17.00
C PRO B 244 -3.02 -11.57 -17.71
N GLN B 245 -3.84 -12.37 -17.00
CA GLN B 245 -4.55 -13.50 -17.67
C GLN B 245 -5.88 -13.10 -18.28
N ASN B 246 -6.40 -11.93 -17.93
CA ASN B 246 -7.68 -11.53 -18.50
C ASN B 246 -7.53 -11.39 -20.02
N PRO B 247 -8.51 -11.91 -20.79
CA PRO B 247 -8.41 -11.86 -22.25
C PRO B 247 -8.63 -10.45 -22.84
N ASN B 248 -9.61 -9.70 -22.35
CA ASN B 248 -9.79 -8.32 -22.78
C ASN B 248 -8.59 -7.39 -22.45
N TRP B 249 -7.88 -7.64 -21.34
CA TRP B 249 -6.70 -6.84 -21.06
C TRP B 249 -5.62 -7.23 -22.05
N GLN B 250 -5.41 -8.52 -22.23
CA GLN B 250 -4.44 -9.02 -23.21
C GLN B 250 -4.74 -8.41 -24.58
N ASN B 251 -5.99 -8.54 -25.01
CA ASN B 251 -6.46 -7.90 -26.23
C ASN B 251 -6.03 -6.45 -26.26
N TYR B 252 -6.48 -5.68 -25.29
CA TYR B 252 -6.23 -4.23 -25.34
C TYR B 252 -4.78 -3.90 -25.41
N ILE B 253 -3.98 -4.50 -24.55
CA ILE B 253 -2.63 -4.01 -24.35
C ILE B 253 -1.69 -4.59 -25.38
N HIS B 254 -2.01 -5.81 -25.83
CA HIS B 254 -1.27 -6.39 -26.95
C HIS B 254 -1.45 -5.53 -28.21
N ALA B 255 -2.65 -4.94 -28.37
CA ALA B 255 -2.89 -4.12 -29.51
C ALA B 255 -1.96 -2.88 -29.49
N GLU B 256 -1.66 -2.35 -28.31
CA GLU B 256 -0.73 -1.22 -28.22
C GLU B 256 0.71 -1.70 -28.39
N TYR B 257 0.99 -2.97 -28.11
CA TYR B 257 2.35 -3.49 -28.30
C TYR B 257 2.61 -3.54 -29.80
N ILE B 258 1.58 -4.02 -30.51
CA ILE B 258 1.61 -4.15 -31.94
C ILE B 258 1.62 -2.78 -32.63
N ASP B 259 0.84 -1.85 -32.09
CA ASP B 259 0.88 -0.48 -32.53
C ASP B 259 2.30 0.05 -32.44
N SER B 260 2.98 -0.24 -31.35
CA SER B 260 4.32 0.32 -31.13
C SER B 260 5.38 -0.22 -32.09
N ILE B 261 5.30 -1.53 -32.35
CA ILE B 261 6.20 -2.19 -33.26
C ILE B 261 5.97 -1.63 -34.67
N ASN B 262 4.71 -1.61 -35.11
CA ASN B 262 4.39 -1.22 -36.49
C ASN B 262 4.46 0.27 -36.73
N THR B 263 4.25 1.09 -35.73
CA THR B 263 4.15 2.54 -36.00
C THR B 263 5.44 3.24 -35.66
N ALA B 264 6.14 2.77 -34.64
CA ALA B 264 7.39 3.39 -34.24
C ALA B 264 8.61 2.70 -34.82
N GLY B 265 8.48 1.49 -35.31
CA GLY B 265 9.63 0.72 -35.80
C GLY B 265 10.42 -0.07 -34.78
N PHE B 266 9.89 -0.26 -33.57
CA PHE B 266 10.54 -1.08 -32.56
C PHE B 266 10.65 -2.54 -33.00
N ASP B 267 11.62 -3.27 -32.42
CA ASP B 267 11.93 -4.64 -32.81
C ASP B 267 11.42 -5.62 -31.82
N GLY B 268 10.83 -5.11 -30.74
CA GLY B 268 10.30 -5.98 -29.69
C GLY B 268 9.83 -5.20 -28.47
N ILE B 269 9.34 -5.94 -27.47
CA ILE B 269 8.83 -5.34 -26.26
C ILE B 269 9.52 -5.87 -25.02
N HIS B 270 10.16 -4.96 -24.30
CA HIS B 270 10.63 -5.22 -22.92
C HIS B 270 9.46 -4.99 -21.94
N VAL B 271 8.81 -6.06 -21.51
CA VAL B 271 7.70 -5.98 -20.59
C VAL B 271 8.15 -5.86 -19.11
N ALA B 272 7.57 -4.90 -18.40
CA ALA B 272 7.90 -4.72 -17.00
C ALA B 272 6.73 -4.99 -16.09
N GLN B 273 7.05 -5.06 -14.80
CA GLN B 273 6.09 -5.17 -13.69
C GLN B 273 6.64 -4.46 -12.46
N MET B 274 5.72 -4.15 -11.54
CA MET B 274 6.01 -3.61 -10.22
C MET B 274 6.56 -4.66 -9.27
N GLY B 275 6.39 -5.93 -9.61
CA GLY B 275 6.86 -6.99 -8.73
C GLY B 275 5.79 -7.46 -7.75
N GLN B 276 6.27 -8.17 -6.75
CA GLN B 276 5.45 -9.06 -5.95
C GLN B 276 4.30 -8.36 -5.26
N ARG B 277 3.18 -9.08 -5.25
CA ARG B 277 1.94 -8.58 -4.68
C ARG B 277 1.15 -9.76 -4.15
N SER B 278 0.49 -9.53 -3.03
CA SER B 278 -0.07 -10.61 -2.26
C SER B 278 -1.55 -10.41 -2.00
N ASN B 279 -2.25 -11.52 -1.89
CA ASN B 279 -3.65 -11.47 -1.54
C ASN B 279 -4.33 -10.57 -2.57
N VAL B 280 -4.41 -11.18 -3.76
CA VAL B 280 -4.79 -10.52 -5.01
C VAL B 280 -6.07 -11.16 -5.53
N TYR B 281 -7.08 -10.33 -5.79
CA TYR B 281 -8.32 -10.82 -6.34
C TYR B 281 -8.69 -10.20 -7.68
N ASP B 282 -9.58 -10.85 -8.43
CA ASP B 282 -10.16 -10.25 -9.66
C ASP B 282 -11.45 -9.51 -9.33
N TYR B 283 -12.07 -8.90 -10.34
CA TYR B 283 -13.20 -8.01 -10.09
C TYR B 283 -14.30 -8.77 -9.34
N ASN B 284 -14.61 -9.96 -9.84
CA ASN B 284 -15.68 -10.76 -9.26
C ASN B 284 -15.42 -11.28 -7.85
N GLY B 285 -14.16 -11.30 -7.42
CA GLY B 285 -13.80 -11.71 -6.08
C GLY B 285 -12.99 -12.99 -5.97
N ASN B 286 -12.65 -13.61 -7.09
CA ASN B 286 -11.84 -14.82 -7.01
C ASN B 286 -10.46 -14.51 -6.49
N SER B 287 -10.01 -15.30 -5.54
CA SER B 287 -8.64 -15.19 -5.10
C SER B 287 -7.79 -15.77 -6.21
N ILE B 288 -6.64 -15.15 -6.48
CA ILE B 288 -5.75 -15.56 -7.58
C ILE B 288 -4.29 -15.35 -7.25
N ASP B 289 -3.44 -16.27 -7.70
CA ASP B 289 -1.97 -16.25 -7.53
C ASP B 289 -1.26 -15.55 -8.70
N LEU B 290 -1.12 -14.24 -8.59
CA LEU B 290 -0.39 -13.45 -9.60
C LEU B 290 0.94 -14.10 -10.10
N SER B 291 1.70 -14.75 -9.24
CA SER B 291 3.04 -15.19 -9.68
C SER B 291 2.99 -16.10 -10.91
N THR B 292 1.90 -16.86 -11.09
CA THR B 292 1.82 -17.80 -12.23
C THR B 292 1.12 -17.25 -13.47
N ARG B 293 0.58 -16.04 -13.36
CA ARG B 293 -0.24 -15.39 -14.39
C ARG B 293 0.49 -14.59 -15.52
N PHE B 294 1.79 -14.44 -15.44
CA PHE B 294 2.50 -13.68 -16.44
C PHE B 294 2.83 -14.55 -17.63
N SER B 295 3.11 -15.84 -17.38
CA SER B 295 3.40 -16.82 -18.44
C SER B 295 2.30 -16.91 -19.52
N PRO B 296 1.03 -17.07 -19.11
CA PRO B 296 -0.03 -17.04 -20.12
C PRO B 296 -0.02 -15.75 -20.95
N PHE B 297 0.09 -14.60 -20.30
CA PHE B 297 0.15 -13.31 -21.01
C PHE B 297 1.35 -13.31 -21.95
N LEU B 298 2.52 -13.59 -21.41
CA LEU B 298 3.73 -13.59 -22.22
C LEU B 298 3.73 -14.65 -23.34
N ASP B 299 3.03 -15.75 -23.15
CA ASP B 299 2.96 -16.76 -24.21
C ASP B 299 2.15 -16.17 -25.36
N GLN B 300 0.98 -15.63 -25.01
CA GLN B 300 0.10 -15.01 -25.97
C GLN B 300 0.74 -13.76 -26.58
N ALA B 301 1.41 -12.99 -25.76
CA ALA B 301 2.11 -11.82 -26.26
C ALA B 301 3.00 -12.22 -27.42
N LYS B 302 3.82 -13.25 -27.21
CA LYS B 302 4.77 -13.72 -28.23
C LYS B 302 4.10 -14.23 -29.49
N SER B 303 2.95 -14.87 -29.33
CA SER B 303 2.25 -15.41 -30.47
C SER B 303 1.82 -14.29 -31.44
N VAL B 304 1.08 -13.30 -30.96
CA VAL B 304 0.66 -12.18 -31.81
C VAL B 304 1.84 -11.38 -32.34
N LEU B 305 2.87 -11.19 -31.54
CA LEU B 305 4.09 -10.54 -32.05
C LEU B 305 4.70 -11.22 -33.29
N SER B 306 4.89 -12.53 -33.21
CA SER B 306 5.51 -13.29 -34.30
C SER B 306 4.60 -13.33 -35.53
N ALA B 307 3.31 -13.53 -35.33
CA ALA B 307 2.35 -13.44 -36.42
C ALA B 307 2.45 -12.05 -37.08
N ASN B 308 2.52 -11.01 -36.27
CA ASN B 308 2.61 -9.68 -36.83
C ASN B 308 3.88 -9.54 -37.63
N ASN B 309 5.02 -9.97 -37.10
CA ASN B 309 6.29 -9.73 -37.81
C ASN B 309 7.46 -10.41 -37.12
N PRO B 310 7.87 -11.59 -37.64
CA PRO B 310 8.85 -12.47 -36.97
C PRO B 310 10.24 -11.86 -36.84
N ALA B 311 10.52 -10.85 -37.64
CA ALA B 311 11.77 -10.11 -37.56
C ALA B 311 11.76 -9.09 -36.42
N ARG B 312 10.56 -8.79 -35.87
CA ARG B 312 10.38 -7.75 -34.84
C ARG B 312 9.44 -8.26 -33.74
N ASP B 313 9.78 -9.43 -33.18
CA ASP B 313 8.94 -10.10 -32.21
C ASP B 313 9.76 -10.47 -30.99
N ASN B 314 10.77 -9.65 -30.69
CA ASN B 314 11.60 -9.91 -29.53
C ASN B 314 10.86 -9.62 -28.23
N LEU B 315 11.13 -10.42 -27.21
CA LEU B 315 10.33 -10.33 -26.01
C LEU B 315 11.11 -10.70 -24.77
N THR B 316 11.05 -9.84 -23.75
CA THR B 316 11.46 -10.30 -22.44
C THR B 316 10.59 -9.71 -21.35
N TYR B 317 10.96 -10.03 -20.10
CA TYR B 317 10.12 -9.75 -18.94
C TYR B 317 10.94 -9.56 -17.70
N ASN B 318 10.63 -8.51 -16.96
CA ASN B 318 11.35 -8.25 -15.74
C ASN B 318 10.87 -9.09 -14.58
N ILE B 319 11.74 -9.96 -14.10
CA ILE B 319 11.48 -10.72 -12.88
C ILE B 319 12.06 -9.86 -11.75
N VAL B 320 11.17 -9.11 -11.11
CA VAL B 320 11.54 -8.16 -10.09
C VAL B 320 11.92 -8.83 -8.75
N ASP B 321 13.04 -8.41 -8.17
CA ASP B 321 13.50 -8.91 -6.87
C ASP B 321 14.13 -10.29 -7.03
N GLY B 322 14.98 -10.39 -8.04
CA GLY B 322 15.69 -11.63 -8.33
C GLY B 322 16.37 -12.27 -7.13
N THR B 323 16.06 -13.53 -6.91
CA THR B 323 16.74 -14.37 -5.92
C THR B 323 16.39 -15.83 -6.19
N VAL B 324 17.24 -16.74 -5.75
CA VAL B 324 16.96 -18.17 -5.80
C VAL B 324 15.52 -18.46 -5.28
N ASN B 325 14.69 -19.08 -6.13
CA ASN B 325 13.27 -19.35 -5.85
C ASN B 325 12.41 -18.18 -5.42
N GLY B 326 12.79 -16.96 -5.82
CA GLY B 326 12.01 -15.75 -5.50
C GLY B 326 10.66 -15.71 -6.18
N TRP B 327 9.97 -14.59 -6.07
CA TRP B 327 8.61 -14.49 -6.59
C TRP B 327 8.54 -14.55 -8.12
N ALA B 328 7.62 -15.39 -8.61
CA ALA B 328 7.43 -15.62 -10.05
C ALA B 328 8.72 -16.10 -10.76
N VAL B 329 9.75 -16.37 -9.98
CA VAL B 329 11.02 -16.73 -10.57
C VAL B 329 10.94 -18.06 -11.35
N ASN B 330 10.47 -19.13 -10.71
CA ASN B 330 10.30 -20.44 -11.35
C ASN B 330 9.33 -20.45 -12.48
N ASP B 331 8.14 -19.89 -12.29
CA ASP B 331 7.13 -19.94 -13.36
C ASP B 331 7.57 -19.28 -14.68
N VAL B 332 8.20 -18.13 -14.58
CA VAL B 332 8.53 -17.36 -15.77
C VAL B 332 9.72 -17.98 -16.44
N SER B 333 10.78 -18.25 -15.68
CA SER B 333 12.02 -18.77 -16.25
C SER B 333 11.80 -20.13 -16.88
N LYS B 334 10.79 -20.85 -16.40
CA LYS B 334 10.55 -22.19 -16.91
C LYS B 334 9.59 -22.17 -18.07
N ASN B 335 8.47 -21.48 -17.93
CA ASN B 335 7.37 -21.61 -18.90
C ASN B 335 7.12 -20.45 -19.85
N ALA B 336 7.61 -19.26 -19.50
CA ALA B 336 7.26 -18.09 -20.28
C ALA B 336 8.07 -18.08 -21.55
N ASP B 337 7.39 -17.71 -22.62
CA ASP B 337 7.90 -17.76 -24.00
C ASP B 337 8.81 -16.56 -24.42
N LEU B 338 9.88 -16.34 -23.66
CA LEU B 338 10.76 -15.19 -23.81
C LEU B 338 12.01 -15.58 -24.54
N ASP B 339 12.68 -14.60 -25.13
CA ASP B 339 13.86 -14.84 -25.94
C ASP B 339 15.10 -14.78 -25.08
N PHE B 340 15.05 -13.94 -24.07
CA PHE B 340 16.03 -13.99 -23.02
C PHE B 340 15.41 -13.51 -21.72
N LEU B 341 16.17 -13.64 -20.64
CA LEU B 341 15.62 -13.47 -19.32
C LEU B 341 16.22 -12.25 -18.73
N TYR B 342 15.43 -11.56 -17.91
CA TYR B 342 15.82 -10.31 -17.33
C TYR B 342 15.30 -10.30 -15.93
N SER B 343 16.15 -9.90 -14.99
CA SER B 343 15.76 -9.79 -13.59
C SER B 343 16.40 -8.58 -12.97
N GLU B 344 15.57 -7.79 -12.32
CA GLU B 344 16.00 -6.69 -11.47
C GLU B 344 16.33 -7.24 -10.08
N ILE B 345 17.53 -6.97 -9.60
CA ILE B 345 17.92 -7.42 -8.26
C ILE B 345 17.70 -6.33 -7.25
N TRP B 346 17.18 -6.71 -6.10
CA TRP B 346 17.17 -5.80 -4.96
C TRP B 346 17.97 -6.40 -3.78
N TYR B 347 17.31 -6.71 -2.68
CA TYR B 347 18.05 -6.99 -1.47
C TYR B 347 18.03 -8.47 -1.05
N LEU B 348 17.60 -9.35 -1.94
CA LEU B 348 17.55 -10.76 -1.63
C LEU B 348 18.65 -11.57 -2.32
N SER B 349 19.70 -10.92 -2.80
CA SER B 349 20.85 -11.66 -3.27
C SER B 349 22.09 -10.83 -3.08
N ASP B 350 22.31 -10.41 -1.84
CA ASP B 350 23.31 -9.39 -1.56
C ASP B 350 24.75 -9.86 -1.67
N SER B 351 24.98 -11.16 -1.56
CA SER B 351 26.36 -11.66 -1.64
C SER B 351 26.68 -12.07 -3.08
N TYR B 352 27.93 -11.85 -3.47
CA TYR B 352 28.43 -12.34 -4.73
C TYR B 352 27.93 -13.77 -4.99
N ASN B 353 27.86 -14.58 -3.93
CA ASN B 353 27.48 -15.98 -4.06
C ASN B 353 25.99 -16.19 -4.21
N GLN B 354 25.22 -15.54 -3.34
CA GLN B 354 23.77 -15.60 -3.42
C GLN B 354 23.32 -15.27 -4.84
N LEU B 355 23.99 -14.29 -5.44
CA LEU B 355 23.67 -13.84 -6.78
C LEU B 355 24.11 -14.85 -7.82
N LYS B 356 25.31 -15.40 -7.66
CA LYS B 356 25.78 -16.46 -8.55
C LYS B 356 24.86 -17.70 -8.55
N ASN B 357 24.28 -18.02 -7.42
CA ASN B 357 23.34 -19.14 -7.41
C ASN B 357 22.01 -18.79 -8.07
N TYR B 358 21.68 -17.49 -8.10
CA TYR B 358 20.44 -17.07 -8.72
C TYR B 358 20.53 -17.03 -10.26
N ILE B 359 21.61 -16.46 -10.77
CA ILE B 359 21.92 -16.61 -12.16
C ILE B 359 21.85 -18.10 -12.56
N GLU B 360 22.53 -18.97 -11.80
CA GLU B 360 22.60 -20.44 -12.08
C GLU B 360 21.23 -21.04 -12.20
N GLN B 361 20.33 -20.63 -11.31
CA GLN B 361 18.95 -21.08 -11.41
C GLN B 361 18.25 -20.61 -12.71
N LEU B 362 18.42 -19.33 -13.04
CA LEU B 362 17.86 -18.79 -14.26
C LEU B 362 18.40 -19.53 -15.48
N ARG B 363 19.72 -19.70 -15.54
CA ARG B 363 20.34 -20.42 -16.67
C ARG B 363 19.76 -21.82 -16.81
N ALA B 364 19.77 -22.58 -15.72
CA ALA B 364 19.23 -23.93 -15.73
C ALA B 364 17.73 -23.93 -16.04
N ASN B 365 16.93 -23.15 -15.32
CA ASN B 365 15.48 -23.11 -15.57
C ASN B 365 15.13 -22.85 -17.04
N GLY B 366 15.74 -21.84 -17.66
CA GLY B 366 15.42 -21.44 -19.02
C GLY B 366 16.23 -22.07 -20.15
N GLY B 367 16.82 -23.24 -19.93
CA GLY B 367 17.57 -23.95 -20.98
C GLY B 367 18.84 -23.28 -21.47
N ASN B 368 19.55 -22.61 -20.57
CA ASN B 368 20.73 -21.79 -20.89
C ASN B 368 20.46 -20.60 -21.88
N LYS B 369 19.17 -20.21 -22.02
CA LYS B 369 18.80 -18.87 -22.48
C LYS B 369 19.64 -17.78 -21.77
N ALA B 370 20.12 -16.80 -22.53
CA ALA B 370 20.86 -15.67 -21.98
C ALA B 370 20.05 -14.99 -20.91
N VAL B 371 20.77 -14.60 -19.87
CA VAL B 371 20.25 -13.86 -18.73
C VAL B 371 20.91 -12.48 -18.66
N VAL B 372 20.07 -11.46 -18.51
CA VAL B 372 20.52 -10.08 -18.28
C VAL B 372 19.99 -9.71 -16.91
N LEU B 373 20.85 -9.05 -16.15
CA LEU B 373 20.50 -8.52 -14.85
C LEU B 373 20.51 -7.00 -14.82
N ALA B 374 19.50 -6.43 -14.20
CA ALA B 374 19.52 -5.03 -13.80
C ALA B 374 19.88 -5.03 -12.32
N ALA B 375 21.02 -4.45 -11.99
CA ALA B 375 21.52 -4.47 -10.63
C ALA B 375 22.23 -3.14 -10.39
N TYR B 376 21.48 -2.16 -9.88
CA TYR B 376 21.95 -0.74 -9.86
C TYR B 376 23.14 -0.51 -8.91
N MET B 377 24.34 -0.36 -9.46
CA MET B 377 25.55 -0.35 -8.64
C MET B 377 25.68 0.86 -7.76
N ASN B 378 26.15 0.65 -6.53
CA ASN B 378 26.39 1.74 -5.55
C ASN B 378 25.09 2.49 -5.21
N TYR B 379 23.97 1.80 -5.25
CA TYR B 379 22.66 2.42 -5.16
C TYR B 379 22.41 3.19 -3.87
N ALA B 380 22.89 2.66 -2.76
CA ALA B 380 22.62 3.30 -1.47
C ALA B 380 23.75 4.25 -1.16
N ASP B 381 24.83 4.14 -1.93
CA ASP B 381 26.08 4.79 -1.62
C ASP B 381 26.22 6.16 -2.25
N ASN B 382 26.68 7.11 -1.44
CA ASN B 382 26.96 8.49 -1.84
C ASN B 382 28.45 8.60 -2.17
N ALA B 383 28.83 7.83 -3.19
CA ALA B 383 30.22 7.66 -3.54
C ALA B 383 30.70 8.80 -4.40
N GLY B 384 32.00 9.06 -4.32
CA GLY B 384 32.64 10.15 -5.03
C GLY B 384 33.20 11.16 -4.05
N THR B 385 33.95 12.11 -4.58
CA THR B 385 34.66 13.04 -3.73
C THR B 385 33.75 14.00 -2.97
N ARG B 386 33.96 14.05 -1.66
CA ARG B 386 33.14 14.82 -0.77
C ARG B 386 33.75 16.15 -0.54
N TYR B 387 32.94 17.18 -0.64
CA TYR B 387 33.30 18.49 -0.18
C TYR B 387 32.31 18.80 0.95
N GLU B 388 32.85 18.89 2.15
CA GLU B 388 32.02 19.18 3.33
C GLU B 388 31.39 20.57 3.23
N ALA B 389 30.13 20.70 3.64
CA ALA B 389 29.45 22.00 3.63
C ALA B 389 30.03 22.98 4.67
N GLU B 390 30.46 22.46 5.79
CA GLU B 390 31.05 23.26 6.85
C GLU B 390 32.51 23.63 6.58
N SER B 391 33.06 23.15 5.46
CA SER B 391 34.35 23.63 4.99
C SER B 391 34.19 24.64 3.87
N ALA B 392 32.96 24.87 3.42
CA ALA B 392 32.69 25.74 2.27
C ALA B 392 32.65 27.23 2.65
N SER B 393 32.13 28.05 1.74
CA SER B 393 31.94 29.49 1.95
C SER B 393 30.48 29.88 2.18
N MET B 394 30.05 29.86 3.44
CA MET B 394 28.68 30.19 3.82
C MET B 394 28.53 31.71 3.99
N THR B 395 27.57 32.29 3.28
CA THR B 395 27.15 33.66 3.51
C THR B 395 25.77 33.61 4.18
N ASN B 396 25.69 34.14 5.41
CA ASN B 396 24.45 34.30 6.20
C ASN B 396 23.99 33.13 7.00
N VAL B 397 24.86 32.15 7.19
CA VAL B 397 24.46 30.89 7.80
C VAL B 397 25.66 30.24 8.49
N SER B 398 25.39 29.53 9.58
CA SER B 398 26.42 29.04 10.49
C SER B 398 26.49 27.50 10.43
N THR B 399 27.46 26.90 11.12
CA THR B 399 27.53 25.44 11.18
C THR B 399 27.06 24.93 12.54
N ASN B 400 26.65 23.66 12.58
CA ASN B 400 26.17 23.05 13.81
C ASN B 400 26.55 21.57 13.88
N THR B 401 26.21 20.94 15.00
CA THR B 401 26.43 19.50 15.20
C THR B 401 25.29 18.84 16.02
N ASN B 402 24.08 19.39 15.93
CA ASN B 402 22.99 18.99 16.85
C ASN B 402 21.80 18.21 16.21
N HIS B 403 22.11 17.37 15.23
CA HIS B 403 21.17 16.41 14.67
C HIS B 403 22.15 15.38 14.09
N ALA B 404 22.38 14.27 14.78
CA ALA B 404 23.48 13.36 14.40
C ALA B 404 23.19 12.68 13.05
N GLY B 405 24.20 11.99 12.54
CA GLY B 405 24.12 11.32 11.25
C GLY B 405 24.84 12.03 10.11
N TYR B 406 25.46 13.16 10.42
CA TYR B 406 26.18 13.99 9.44
C TYR B 406 27.61 13.49 9.27
N THR B 407 28.27 13.97 8.22
CA THR B 407 29.67 13.60 7.97
C THR B 407 30.62 14.74 8.37
N GLY B 408 31.90 14.38 8.55
CA GLY B 408 32.92 15.31 9.03
C GLY B 408 32.52 16.06 10.30
N SER B 409 32.91 17.33 10.37
CA SER B 409 32.79 18.11 11.61
C SER B 409 31.37 18.63 11.88
N GLY B 410 30.53 18.68 10.85
CA GLY B 410 29.13 19.02 11.05
C GLY B 410 28.37 19.29 9.77
N PHE B 411 27.63 20.39 9.80
CA PHE B 411 26.78 20.73 8.71
C PHE B 411 26.32 22.16 8.87
N VAL B 412 25.65 22.66 7.84
CA VAL B 412 25.19 24.02 7.80
C VAL B 412 23.72 24.02 8.19
N ASP B 413 23.34 24.87 9.14
CA ASP B 413 21.95 24.93 9.60
C ASP B 413 21.16 26.03 8.92
N GLN B 414 19.87 26.10 9.24
CA GLN B 414 18.99 27.23 8.93
C GLN B 414 19.30 27.91 7.62
N PHE B 415 19.36 27.11 6.56
CA PHE B 415 19.51 27.65 5.24
C PHE B 415 18.09 28.02 4.79
N ALA B 416 17.57 29.10 5.39
CA ALA B 416 16.13 29.35 5.44
C ALA B 416 15.62 30.64 4.79
N SER B 417 16.48 31.63 4.52
CA SER B 417 16.00 32.97 4.11
C SER B 417 16.79 33.64 2.98
N THR B 418 16.12 34.55 2.27
CA THR B 418 16.71 35.32 1.14
C THR B 418 18.15 35.81 1.39
N GLY B 419 18.93 35.81 0.33
CA GLY B 419 20.35 36.15 0.40
C GLY B 419 21.28 35.14 1.05
N ASP B 420 20.76 34.04 1.61
CA ASP B 420 21.64 32.97 2.09
C ASP B 420 22.32 32.25 0.92
N LYS B 421 23.43 31.60 1.25
CA LYS B 421 24.43 31.21 0.27
C LYS B 421 25.43 30.18 0.84
N VAL B 422 25.70 29.14 0.04
CA VAL B 422 26.82 28.26 0.31
C VAL B 422 27.57 28.01 -1.00
N SER B 423 28.88 28.24 -0.96
CA SER B 423 29.72 28.18 -2.15
C SER B 423 30.86 27.19 -1.97
N PHE B 424 30.95 26.28 -2.93
CA PHE B 424 31.83 25.14 -2.88
C PHE B 424 32.95 25.35 -3.88
N ALA B 425 34.17 25.43 -3.37
CA ALA B 425 35.32 25.56 -4.23
C ALA B 425 35.79 24.15 -4.56
N ILE B 426 35.34 23.64 -5.72
CA ILE B 426 35.72 22.31 -6.18
C ILE B 426 36.69 22.37 -7.32
N ASN B 427 37.32 21.22 -7.54
CA ASN B 427 38.25 21.00 -8.60
C ASN B 427 37.90 19.75 -9.39
N ALA B 428 37.85 19.87 -10.71
CA ALA B 428 37.51 18.75 -11.57
C ALA B 428 38.76 18.16 -12.22
N PRO B 429 39.07 16.87 -11.94
CA PRO B 429 40.30 16.25 -12.47
C PRO B 429 40.43 16.24 -13.99
N GLU B 430 39.31 16.14 -14.69
CA GLU B 430 39.34 16.04 -16.15
C GLU B 430 38.02 16.56 -16.73
N ALA B 431 38.07 17.04 -17.97
CA ALA B 431 36.85 17.45 -18.64
C ALA B 431 35.82 16.30 -18.63
N GLY B 432 34.55 16.66 -18.66
CA GLY B 432 33.49 15.68 -18.70
C GLY B 432 32.36 16.11 -17.79
N TYR B 433 31.39 15.20 -17.62
CA TYR B 433 30.19 15.47 -16.82
C TYR B 433 30.37 15.11 -15.35
N TYR B 434 29.78 15.92 -14.48
CA TYR B 434 29.92 15.71 -13.05
C TYR B 434 28.58 15.80 -12.36
N SER B 435 28.26 14.79 -11.54
CA SER B 435 27.00 14.75 -10.79
C SER B 435 27.18 15.52 -9.49
N LEU B 436 26.49 16.65 -9.35
CA LEU B 436 26.65 17.44 -8.14
C LEU B 436 25.62 16.87 -7.18
N VAL B 437 26.06 16.32 -6.06
CA VAL B 437 25.18 15.57 -5.20
C VAL B 437 25.18 16.17 -3.80
N PHE B 438 23.98 16.48 -3.31
CA PHE B 438 23.81 17.15 -2.05
C PHE B 438 23.18 16.29 -0.97
N ARG B 439 23.92 16.12 0.11
CA ARG B 439 23.35 15.53 1.31
C ARG B 439 22.66 16.62 2.13
N TYR B 440 21.43 16.33 2.56
CA TYR B 440 20.63 17.33 3.19
C TYR B 440 19.63 16.80 4.18
N GLY B 441 19.09 17.72 4.97
CA GLY B 441 18.03 17.46 5.94
C GLY B 441 16.89 18.39 5.60
N ASN B 442 15.66 17.94 5.82
CA ASN B 442 14.46 18.81 5.68
C ASN B 442 13.29 18.20 6.49
N ASN B 443 12.81 18.96 7.48
CA ASN B 443 11.65 18.59 8.29
C ASN B 443 10.67 19.78 8.39
N THR B 444 10.53 20.51 7.29
CA THR B 444 9.64 21.66 7.26
C THR B 444 8.21 21.19 7.05
N GLY B 445 8.05 19.99 6.51
CA GLY B 445 6.74 19.45 6.19
C GLY B 445 6.33 19.75 4.77
N ALA B 446 7.00 20.70 4.12
CA ALA B 446 6.87 20.81 2.68
C ALA B 446 8.23 20.58 2.00
N ASN B 447 8.18 20.44 0.67
CA ASN B 447 9.35 20.61 -0.18
C ASN B 447 10.03 21.95 0.10
N SER B 448 11.35 21.92 0.27
CA SER B 448 12.16 23.13 0.34
C SER B 448 12.92 23.23 -0.97
N THR B 449 13.28 24.46 -1.38
CA THR B 449 14.03 24.67 -2.64
C THR B 449 15.15 25.67 -2.47
N LEU B 450 16.14 25.57 -3.36
CA LEU B 450 17.29 26.48 -3.46
C LEU B 450 17.71 26.60 -4.91
N ASN B 451 18.35 27.71 -5.27
CA ASN B 451 18.80 27.88 -6.65
C ASN B 451 20.28 27.54 -6.80
N LEU B 452 20.58 26.85 -7.88
CA LEU B 452 21.89 26.29 -8.10
C LEU B 452 22.66 27.08 -9.13
N TYR B 453 23.81 27.58 -8.71
CA TYR B 453 24.67 28.35 -9.57
C TYR B 453 25.99 27.58 -9.76
N VAL B 454 26.38 27.39 -11.02
CA VAL B 454 27.69 26.86 -11.32
C VAL B 454 28.55 27.90 -12.07
N ASP B 455 29.72 28.20 -11.50
CA ASP B 455 30.64 29.23 -12.03
C ASP B 455 29.85 30.48 -12.34
N GLY B 456 29.20 31.02 -11.32
CA GLY B 456 28.43 32.25 -11.46
C GLY B 456 27.08 32.19 -12.16
N ASN B 457 26.84 31.20 -13.04
CA ASN B 457 25.57 31.09 -13.77
C ASN B 457 24.52 30.12 -13.15
N PHE B 458 23.25 30.50 -13.22
CA PHE B 458 22.14 29.69 -12.71
C PHE B 458 21.93 28.42 -13.57
N VAL B 459 21.89 27.23 -12.95
CA VAL B 459 21.71 25.98 -13.68
C VAL B 459 20.29 25.47 -13.68
N GLN B 460 19.70 25.42 -12.48
CA GLN B 460 18.28 25.05 -12.25
C GLN B 460 17.90 25.28 -10.81
N LYS B 461 16.60 25.15 -10.55
CA LYS B 461 16.09 25.10 -9.19
C LYS B 461 16.08 23.66 -8.66
N LEU B 462 16.57 23.47 -7.46
CA LEU B 462 16.62 22.16 -6.83
C LEU B 462 15.56 22.03 -5.76
N TYR B 463 14.81 20.93 -5.80
CA TYR B 463 13.75 20.66 -4.83
C TYR B 463 14.20 19.61 -3.81
N PHE B 464 14.19 20.00 -2.55
CA PHE B 464 14.59 19.11 -1.46
C PHE B 464 13.38 18.48 -0.75
N PHE B 465 13.39 17.14 -0.66
CA PHE B 465 12.21 16.38 -0.24
C PHE B 465 12.07 16.39 1.26
N ASN B 466 10.81 16.40 1.73
CA ASN B 466 10.56 16.39 3.16
C ASN B 466 10.83 15.03 3.82
N GLN B 467 11.24 15.07 5.07
CA GLN B 467 11.61 13.85 5.77
C GLN B 467 10.89 13.79 7.11
N SER B 468 10.92 12.62 7.74
CA SER B 468 10.25 12.39 9.03
C SER B 468 10.80 13.30 10.13
N SER B 469 12.12 13.37 10.21
CA SER B 469 12.85 14.04 11.27
C SER B 469 13.87 15.02 10.65
N TRP B 470 14.33 15.97 11.45
CA TRP B 470 15.56 16.71 11.11
C TRP B 470 16.80 15.81 11.14
N GLY B 471 16.75 14.72 11.90
CA GLY B 471 17.83 13.72 11.97
C GLY B 471 17.91 12.77 10.79
N THR B 472 16.93 12.84 9.87
CA THR B 472 16.91 12.02 8.64
C THR B 472 17.67 12.73 7.50
N TRP B 473 18.79 12.11 7.09
CA TRP B 473 19.64 12.66 6.00
C TRP B 473 19.41 11.90 4.71
N LYS B 474 19.36 12.61 3.60
CA LYS B 474 19.18 12.03 2.27
C LYS B 474 20.11 12.68 1.25
N HIS B 475 20.54 11.91 0.24
CA HIS B 475 21.40 12.45 -0.82
C HIS B 475 20.81 12.33 -2.20
N ASP B 476 19.48 12.49 -2.31
CA ASP B 476 18.76 12.14 -3.56
C ASP B 476 18.36 13.36 -4.38
N VAL B 477 19.14 14.44 -4.23
CA VAL B 477 18.95 15.67 -5.03
C VAL B 477 20.27 16.04 -5.67
N TRP B 478 20.26 16.22 -6.99
CA TRP B 478 21.46 16.27 -7.79
C TRP B 478 21.19 17.03 -9.09
N SER B 479 22.26 17.27 -9.83
CA SER B 479 22.21 17.92 -11.12
C SER B 479 23.52 17.52 -11.77
N GLN B 480 23.45 17.10 -13.03
CA GLN B 480 24.64 16.72 -13.76
C GLN B 480 25.00 17.92 -14.62
N VAL B 481 26.28 18.30 -14.60
CA VAL B 481 26.73 19.48 -15.38
C VAL B 481 28.06 19.16 -16.03
N PRO B 482 28.26 19.71 -17.24
CA PRO B 482 29.52 19.58 -17.97
C PRO B 482 30.54 20.55 -17.39
N LEU B 483 31.80 20.14 -17.36
CA LEU B 483 32.85 20.91 -16.72
C LEU B 483 34.23 20.73 -17.39
N THR B 484 34.96 21.84 -17.48
CA THR B 484 36.37 21.82 -17.86
C THR B 484 37.25 21.35 -16.68
N GLN B 485 38.35 20.68 -16.99
CA GLN B 485 39.33 20.34 -15.97
C GLN B 485 39.61 21.59 -15.19
N GLY B 486 39.86 21.45 -13.89
CA GLY B 486 40.36 22.55 -13.05
C GLY B 486 39.32 23.16 -12.15
N ALA B 487 39.63 24.32 -11.58
CA ALA B 487 38.78 24.88 -10.54
C ALA B 487 37.42 25.28 -11.07
N HIS B 488 36.43 25.15 -10.20
CA HIS B 488 35.08 25.63 -10.46
C HIS B 488 34.38 26.00 -9.15
N THR B 489 33.35 26.80 -9.30
CA THR B 489 32.49 27.18 -8.18
C THR B 489 31.12 26.46 -8.31
N VAL B 490 30.64 25.93 -7.20
CA VAL B 490 29.26 25.45 -7.12
C VAL B 490 28.64 26.14 -5.93
N GLU B 491 27.58 26.91 -6.15
CA GLU B 491 26.85 27.46 -5.02
C GLU B 491 25.34 27.38 -5.13
N LEU B 492 24.73 27.28 -3.96
CA LEU B 492 23.29 27.39 -3.84
C LEU B 492 23.07 28.71 -3.18
N ARG B 493 22.07 29.41 -3.69
CA ARG B 493 21.61 30.63 -3.06
C ARG B 493 20.14 30.49 -2.66
N TYR B 494 19.82 30.93 -1.45
CA TYR B 494 18.43 31.19 -1.09
C TYR B 494 18.15 32.57 -1.67
N GLU B 495 17.17 32.65 -2.56
CA GLU B 495 16.78 33.90 -3.18
C GLU B 495 15.29 33.94 -3.03
N SER B 496 14.66 35.06 -3.39
CA SER B 496 13.20 35.16 -3.36
C SER B 496 12.66 34.23 -4.44
N GLY B 497 11.58 33.52 -4.13
CA GLY B 497 11.08 32.41 -4.97
C GLY B 497 11.38 31.07 -4.32
N ASN B 498 12.57 30.94 -3.72
CA ASN B 498 12.87 29.78 -2.90
C ASN B 498 11.98 29.72 -1.66
N VAL B 499 11.77 28.49 -1.18
CA VAL B 499 10.85 28.18 -0.08
C VAL B 499 11.46 27.15 0.86
N GLY B 500 11.01 27.18 2.09
CA GLY B 500 11.39 26.17 3.03
C GLY B 500 12.74 26.44 3.62
N ALA B 501 13.46 25.38 3.90
CA ALA B 501 14.70 25.46 4.65
C ALA B 501 15.42 24.16 4.48
N VAL B 502 16.70 24.16 4.80
CA VAL B 502 17.52 22.99 4.57
C VAL B 502 18.68 22.99 5.57
N ASN B 503 19.10 21.80 5.97
CA ASN B 503 20.38 21.62 6.59
C ASN B 503 21.28 21.05 5.50
N LEU B 504 22.45 21.63 5.31
CA LEU B 504 23.32 21.21 4.22
C LEU B 504 24.52 20.52 4.82
N ASP B 505 24.85 19.37 4.30
CA ASP B 505 25.86 18.57 4.94
C ASP B 505 27.09 18.43 4.05
N SER B 506 26.87 18.24 2.77
CA SER B 506 27.97 18.03 1.88
C SER B 506 27.55 18.20 0.45
N LEU B 507 28.56 18.44 -0.39
CA LEU B 507 28.47 18.30 -1.83
C LEU B 507 29.39 17.13 -2.21
N THR B 508 28.94 16.32 -3.14
CA THR B 508 29.69 15.18 -3.59
C THR B 508 29.64 15.07 -5.11
N LEU B 509 30.78 14.76 -5.71
CA LEU B 509 30.83 14.50 -7.12
C LEU B 509 30.44 13.03 -7.36
N GLY B 510 29.15 12.82 -7.58
CA GLY B 510 28.58 11.48 -7.73
C GLY B 510 29.37 10.69 -8.72
N THR B 511 30.10 9.70 -8.23
CA THR B 511 30.94 8.86 -9.07
C THR B 511 30.68 7.39 -8.73
N PHE B 512 30.53 6.55 -9.77
CA PHE B 512 30.52 5.11 -9.59
C PHE B 512 31.94 4.73 -9.20
N ASP B 513 32.04 3.69 -8.37
CA ASP B 513 33.31 3.20 -7.87
C ASP B 513 33.83 2.08 -8.78
N GLU B 514 34.83 2.45 -9.58
CA GLU B 514 35.55 1.48 -10.42
C GLU B 514 35.67 0.04 -9.85
N HIS B 515 35.99 -0.03 -8.56
CA HIS B 515 36.41 -1.28 -7.97
C HIS B 515 35.19 -2.15 -7.83
N SER B 516 34.19 -1.68 -7.11
CA SER B 516 32.97 -2.47 -6.96
C SER B 516 32.41 -2.93 -8.32
N VAL B 517 32.43 -2.00 -9.28
CA VAL B 517 31.75 -2.20 -10.53
C VAL B 517 32.40 -3.29 -11.37
N ARG B 518 33.73 -3.33 -11.40
CA ARG B 518 34.45 -4.40 -12.10
C ARG B 518 34.18 -5.74 -11.45
N LEU B 519 34.15 -5.75 -10.13
CA LEU B 519 33.90 -6.98 -9.43
C LEU B 519 32.51 -7.47 -9.72
N ALA B 520 31.54 -6.56 -9.64
CA ALA B 520 30.15 -6.94 -9.86
C ALA B 520 29.99 -7.57 -11.25
N ASP B 521 30.64 -6.99 -12.26
CA ASP B 521 30.45 -7.42 -13.62
C ASP B 521 31.14 -8.74 -13.88
N ALA B 522 32.35 -8.89 -13.32
CA ALA B 522 33.14 -10.11 -13.45
C ALA B 522 32.35 -11.25 -12.91
N MET B 523 31.83 -11.04 -11.70
CA MET B 523 30.98 -12.03 -11.07
C MET B 523 29.87 -12.43 -12.01
N MET B 524 29.14 -11.44 -12.51
CA MET B 524 27.96 -11.70 -13.35
C MET B 524 28.30 -12.46 -14.62
N SER B 525 29.31 -11.99 -15.32
CA SER B 525 29.67 -12.66 -16.54
C SER B 525 30.29 -14.03 -16.26
N ALA B 526 31.16 -14.12 -15.26
CA ALA B 526 31.71 -15.44 -14.87
C ALA B 526 30.59 -16.43 -14.60
N SER B 527 29.60 -15.95 -13.84
CA SER B 527 28.39 -16.70 -13.56
C SER B 527 27.51 -17.03 -14.77
N GLY B 528 27.69 -16.34 -15.90
CA GLY B 528 26.81 -16.53 -17.09
C GLY B 528 25.77 -15.43 -17.38
N ALA B 529 25.97 -14.25 -16.80
CA ALA B 529 25.03 -13.14 -17.02
C ALA B 529 25.62 -11.92 -17.73
N THR B 530 24.72 -11.10 -18.22
CA THR B 530 25.09 -9.78 -18.67
C THR B 530 24.35 -8.79 -17.81
N HIS B 531 24.79 -7.55 -17.90
CA HIS B 531 24.37 -6.48 -17.00
C HIS B 531 23.88 -5.34 -17.89
N ILE B 532 22.68 -4.87 -17.64
CA ILE B 532 22.24 -3.64 -18.30
C ILE B 532 22.71 -2.51 -17.42
N GLU B 533 23.74 -1.80 -17.88
CA GLU B 533 24.26 -0.72 -17.09
C GLU B 533 24.70 0.47 -17.86
N LEU B 534 24.72 0.43 -19.19
CA LEU B 534 25.09 1.63 -19.95
C LEU B 534 23.99 2.07 -20.86
N GLY B 535 23.91 3.38 -21.09
CA GLY B 535 22.85 3.95 -21.92
C GLY B 535 23.04 5.42 -22.25
N ASP B 536 22.07 5.96 -22.99
CA ASP B 536 22.12 7.33 -23.48
C ASP B 536 23.55 7.70 -23.93
N ASP B 537 24.11 8.79 -23.41
CA ASP B 537 25.39 9.32 -23.90
C ASP B 537 26.50 8.90 -22.97
N ASN B 538 26.71 7.60 -22.94
CA ASN B 538 27.73 7.00 -22.11
C ASN B 538 27.49 7.24 -20.61
N GLN B 539 26.23 7.05 -20.20
CA GLN B 539 25.83 7.07 -18.79
C GLN B 539 25.66 5.65 -18.25
N MET B 540 26.04 5.48 -16.98
CA MET B 540 25.85 4.23 -16.26
C MET B 540 24.59 4.36 -15.40
N LEU B 541 23.92 3.23 -15.17
CA LEU B 541 22.59 3.22 -14.59
C LEU B 541 22.62 3.20 -13.07
N PRO B 542 22.26 4.32 -12.44
CA PRO B 542 22.45 4.40 -10.99
C PRO B 542 21.19 4.11 -10.19
N HIS B 543 20.07 3.94 -10.88
CA HIS B 543 18.76 3.89 -10.23
C HIS B 543 17.79 3.25 -11.23
N GLU B 544 16.70 2.68 -10.71
CA GLU B 544 15.66 2.11 -11.53
C GLU B 544 15.00 3.10 -12.50
N TYR B 545 15.11 4.39 -12.22
CA TYR B 545 14.51 5.41 -13.07
C TYR B 545 15.66 5.91 -13.93
N TYR B 546 15.68 5.44 -15.17
CA TYR B 546 16.88 5.49 -16.03
C TYR B 546 17.37 6.87 -16.39
N PRO B 547 16.48 7.89 -16.39
CA PRO B 547 16.98 9.24 -16.68
C PRO B 547 17.73 9.80 -15.52
N ASN B 548 17.94 9.02 -14.46
CA ASN B 548 18.72 9.46 -13.31
C ASN B 548 20.21 9.53 -13.63
N ARG B 549 20.76 10.73 -13.42
CA ARG B 549 22.17 10.96 -13.67
C ARG B 549 22.90 11.36 -12.38
N SER B 550 22.51 10.74 -11.26
CA SER B 550 23.07 11.10 -9.95
C SER B 550 24.47 10.47 -9.69
N LYS B 551 25.06 9.83 -10.70
CA LYS B 551 26.44 9.34 -10.60
C LYS B 551 26.97 9.24 -12.00
N THR B 552 28.29 9.33 -12.14
CA THR B 552 28.92 9.39 -13.42
C THR B 552 30.19 8.56 -13.38
N MET B 553 30.52 7.90 -14.49
CA MET B 553 31.76 7.19 -14.58
C MET B 553 32.84 8.20 -14.93
N ARG B 554 34.02 8.09 -14.29
CA ARG B 554 35.19 8.86 -14.76
C ARG B 554 35.90 8.00 -15.80
N SER B 555 36.72 8.64 -16.62
CA SER B 555 37.44 7.98 -17.73
C SER B 555 38.10 6.64 -17.31
N SER B 556 38.60 6.58 -16.08
CA SER B 556 39.22 5.37 -15.56
C SER B 556 38.26 4.16 -15.57
N LEU B 557 37.01 4.40 -15.19
CA LEU B 557 36.03 3.34 -15.21
C LEU B 557 35.53 3.14 -16.63
N LYS B 558 35.48 4.23 -17.40
CA LYS B 558 35.03 4.10 -18.77
C LYS B 558 35.96 3.12 -19.48
N ASN B 559 37.26 3.24 -19.18
CA ASN B 559 38.25 2.33 -19.73
C ASN B 559 38.12 0.87 -19.27
N ALA B 560 37.86 0.63 -17.98
CA ALA B 560 37.60 -0.74 -17.50
C ALA B 560 36.43 -1.41 -18.22
N MET B 561 35.42 -0.60 -18.60
CA MET B 561 34.21 -1.13 -19.23
C MET B 561 34.39 -1.42 -20.70
N LYS B 562 35.32 -0.73 -21.36
CA LYS B 562 35.63 -1.01 -22.76
C LYS B 562 36.39 -2.33 -22.82
N ASP B 563 37.23 -2.55 -21.81
CA ASP B 563 37.97 -3.80 -21.69
C ASP B 563 36.99 -4.90 -21.35
N HIS B 564 36.18 -4.61 -20.33
CA HIS B 564 35.25 -5.59 -19.87
C HIS B 564 34.25 -5.98 -20.93
N TYR B 565 33.80 -5.03 -21.75
CA TYR B 565 32.77 -5.36 -22.77
C TYR B 565 33.37 -6.00 -24.01
N ASN B 566 34.62 -5.65 -24.34
CA ASN B 566 35.43 -6.48 -25.28
C ASN B 566 35.54 -7.90 -24.78
N PHE B 567 35.91 -8.05 -23.52
CA PHE B 567 36.05 -9.37 -22.93
C PHE B 567 34.80 -10.28 -22.97
N ILE B 568 33.61 -9.78 -22.68
CA ILE B 568 32.43 -10.66 -22.68
C ILE B 568 31.86 -10.87 -24.07
N THR B 569 32.44 -10.16 -25.02
CA THR B 569 32.10 -10.30 -26.41
C THR B 569 33.04 -11.32 -27.05
N ALA B 570 34.33 -11.12 -26.82
CA ALA B 570 35.35 -11.96 -27.41
C ALA B 570 35.19 -13.40 -26.95
N TYR B 571 35.07 -13.54 -25.64
CA TYR B 571 34.99 -14.83 -24.97
C TYR B 571 33.54 -15.29 -24.71
N GLU B 572 32.58 -14.73 -25.46
CA GLU B 572 31.17 -15.00 -25.17
C GLU B 572 30.85 -16.49 -25.23
N ASN B 573 31.49 -17.21 -26.15
CA ASN B 573 31.29 -18.66 -26.29
C ASN B 573 31.61 -19.46 -25.03
N LEU B 574 32.58 -18.97 -24.27
CA LEU B 574 32.99 -19.60 -23.01
C LEU B 574 32.19 -19.14 -21.80
N LEU B 575 31.44 -18.05 -21.93
CA LEU B 575 30.71 -17.49 -20.80
C LEU B 575 29.22 -17.77 -20.90
N PHE B 576 28.68 -17.88 -22.11
CA PHE B 576 27.25 -17.80 -22.32
C PHE B 576 26.63 -18.83 -23.27
N ASP B 577 27.44 -19.66 -23.91
CA ASP B 577 26.89 -20.65 -24.85
C ASP B 577 25.88 -21.58 -24.18
N SER B 578 25.10 -22.31 -24.99
CA SER B 578 24.15 -23.30 -24.48
C SER B 578 24.77 -24.38 -23.58
N ASP B 579 26.01 -24.76 -23.88
CA ASP B 579 26.74 -25.80 -23.12
C ASP B 579 27.76 -25.26 -22.06
N VAL B 580 27.75 -23.95 -21.79
CA VAL B 580 28.54 -23.40 -20.66
C VAL B 580 27.73 -23.61 -19.39
N VAL B 581 28.19 -24.54 -18.56
CA VAL B 581 27.41 -25.05 -17.43
C VAL B 581 28.32 -25.17 -16.21
N PRO B 582 27.74 -25.30 -14.99
CA PRO B 582 28.63 -25.38 -13.82
C PRO B 582 29.32 -26.73 -13.76
N ASN B 583 30.49 -26.75 -13.15
CA ASN B 583 31.18 -27.99 -12.81
C ASN B 583 31.21 -28.06 -11.30
N ASP B 584 30.06 -28.40 -10.72
CA ASP B 584 29.81 -28.22 -9.28
C ASP B 584 29.76 -29.52 -8.48
N THR B 585 29.72 -30.65 -9.17
CA THR B 585 30.06 -31.93 -8.56
C THR B 585 31.58 -32.08 -8.71
N GLY B 586 32.10 -33.31 -8.82
CA GLY B 586 33.56 -33.52 -8.88
C GLY B 586 34.29 -33.29 -7.56
N SER B 587 33.56 -32.84 -6.53
CA SER B 587 34.11 -32.46 -5.21
C SER B 587 35.43 -31.66 -5.29
N GLN B 588 35.42 -30.62 -6.13
CA GLN B 588 36.66 -29.92 -6.53
C GLN B 588 37.23 -28.98 -5.47
N PHE B 589 38.42 -28.47 -5.78
CA PHE B 589 39.14 -27.58 -4.92
C PHE B 589 40.20 -26.93 -5.82
N VAL B 590 40.56 -25.69 -5.51
CA VAL B 590 41.70 -25.04 -6.15
C VAL B 590 42.62 -24.50 -5.07
N ASN B 591 43.91 -24.79 -5.21
CA ASN B 591 44.90 -24.44 -4.19
C ASN B 591 45.81 -23.32 -4.67
N LEU B 592 45.92 -22.29 -3.83
CA LEU B 592 46.66 -21.09 -4.19
C LEU B 592 47.67 -20.77 -3.12
N THR B 593 48.94 -20.87 -3.48
CA THR B 593 50.01 -20.69 -2.52
C THR B 593 50.19 -19.21 -2.15
N GLY B 594 49.98 -18.92 -0.87
CA GLY B 594 50.24 -17.59 -0.32
C GLY B 594 48.98 -16.82 -0.02
N VAL B 595 47.86 -17.25 -0.62
CA VAL B 595 46.59 -16.53 -0.47
C VAL B 595 45.49 -17.52 -0.12
N SER B 596 44.53 -17.06 0.67
CA SER B 596 43.33 -17.86 0.91
C SER B 596 42.43 -17.87 -0.33
N ALA B 597 41.48 -18.80 -0.35
CA ALA B 597 40.64 -19.07 -1.50
C ALA B 597 39.30 -19.66 -1.08
N SER B 598 38.21 -19.01 -1.44
CA SER B 598 36.88 -19.57 -1.23
C SER B 598 36.34 -20.10 -2.54
N GLY B 599 35.29 -20.93 -2.44
CA GLY B 599 34.45 -21.34 -3.56
C GLY B 599 33.03 -20.79 -3.40
N ASP B 600 32.73 -20.21 -2.25
CA ASP B 600 31.42 -19.62 -1.97
C ASP B 600 31.55 -18.09 -1.95
N GLY B 601 32.55 -17.57 -2.67
CA GLY B 601 32.82 -16.14 -2.67
C GLY B 601 32.62 -15.47 -1.32
N SER B 602 33.44 -15.86 -0.35
CA SER B 602 33.46 -15.19 0.97
C SER B 602 34.63 -14.21 1.04
N ALA B 603 34.49 -13.21 1.93
CA ALA B 603 35.33 -12.00 1.96
C ALA B 603 36.83 -12.24 2.00
N ASN B 604 37.60 -11.20 1.68
CA ASN B 604 39.08 -11.25 1.71
C ASN B 604 39.69 -12.53 1.11
N THR B 605 39.23 -12.95 -0.06
CA THR B 605 39.86 -14.11 -0.70
C THR B 605 39.90 -13.97 -2.20
N VAL B 606 40.61 -14.88 -2.84
CA VAL B 606 40.42 -15.16 -4.24
C VAL B 606 39.26 -16.13 -4.28
N TRP B 607 38.46 -16.07 -5.33
CA TRP B 607 37.28 -16.89 -5.44
C TRP B 607 37.32 -17.62 -6.74
N TYR B 608 37.45 -18.94 -6.67
CA TYR B 608 37.34 -19.76 -7.86
C TYR B 608 35.87 -20.05 -8.14
N ILE B 609 35.45 -19.93 -9.40
CA ILE B 609 34.13 -20.40 -9.83
C ILE B 609 34.33 -21.42 -10.93
N ASN B 610 33.56 -22.50 -10.88
CA ASN B 610 33.82 -23.67 -11.69
C ASN B 610 32.76 -23.92 -12.72
N LYS B 611 33.13 -23.72 -13.98
CA LYS B 611 32.25 -24.00 -15.09
C LYS B 611 32.99 -24.90 -16.07
N ARG B 612 32.24 -25.45 -17.03
CA ARG B 612 32.82 -26.25 -18.11
C ARG B 612 31.93 -26.24 -19.36
N THR B 613 32.54 -26.55 -20.50
CA THR B 613 31.83 -26.85 -21.74
C THR B 613 32.30 -28.22 -22.22
N SER B 614 31.74 -28.71 -23.32
CA SER B 614 32.21 -29.99 -23.88
C SER B 614 33.72 -30.03 -24.04
N ASP B 615 34.31 -28.99 -24.60
CA ASP B 615 35.76 -28.96 -24.91
C ASP B 615 36.69 -28.31 -23.88
N TYR B 616 36.15 -27.65 -22.85
CA TYR B 616 37.01 -26.80 -21.98
C TYR B 616 36.72 -26.96 -20.50
N ASN B 617 37.79 -26.87 -19.72
CA ASN B 617 37.70 -26.74 -18.28
C ASN B 617 38.04 -25.30 -17.95
N ILE B 618 37.16 -24.68 -17.16
CA ILE B 618 37.18 -23.23 -17.01
C ILE B 618 37.13 -22.87 -15.57
N VAL B 619 38.12 -22.10 -15.13
CA VAL B 619 38.05 -21.51 -13.82
C VAL B 619 38.12 -19.98 -13.92
N HIS B 620 37.26 -19.33 -13.15
CA HIS B 620 37.30 -17.89 -13.00
C HIS B 620 37.83 -17.57 -11.61
N LEU B 621 38.72 -16.59 -11.52
CA LEU B 621 39.24 -16.13 -10.24
C LEU B 621 38.80 -14.71 -10.00
N ILE B 622 38.21 -14.46 -8.83
CA ILE B 622 37.70 -13.15 -8.56
C ILE B 622 38.24 -12.60 -7.25
N ASN B 623 39.18 -11.68 -7.40
CA ASN B 623 39.92 -11.13 -6.32
C ASN B 623 39.10 -10.26 -5.34
N LEU B 624 38.51 -10.94 -4.37
CA LEU B 624 37.91 -10.31 -3.20
C LEU B 624 38.92 -10.06 -2.06
N LEU B 625 40.22 -10.04 -2.37
CA LEU B 625 41.18 -9.79 -1.29
C LEU B 625 40.98 -8.34 -0.78
N GLY B 626 40.80 -8.22 0.53
CA GLY B 626 40.67 -6.91 1.18
C GLY B 626 39.32 -6.26 0.91
N ASN B 627 38.36 -7.08 0.50
CA ASN B 627 37.06 -6.60 0.13
C ASN B 627 36.02 -7.56 0.65
N ASP B 628 34.91 -7.01 1.14
CA ASP B 628 33.85 -7.85 1.72
C ASP B 628 33.16 -8.70 0.65
N ASN B 629 31.99 -9.24 1.00
CA ASN B 629 31.27 -10.12 0.06
C ASN B 629 29.96 -9.54 -0.53
N GLN B 630 29.75 -8.23 -0.40
CA GLN B 630 28.60 -7.60 -1.04
C GLN B 630 28.97 -7.13 -2.45
N TRP B 631 28.09 -7.44 -3.41
CA TRP B 631 28.32 -7.11 -4.83
C TRP B 631 28.00 -5.67 -5.17
N ARG B 632 26.99 -5.13 -4.50
CA ARG B 632 26.42 -3.83 -4.87
C ARG B 632 27.18 -2.64 -4.30
N ASN B 633 27.74 -2.79 -3.10
CA ASN B 633 28.42 -1.70 -2.38
C ASN B 633 29.84 -1.33 -2.91
N THR B 634 30.26 -0.11 -2.59
CA THR B 634 31.57 0.40 -2.97
C THR B 634 32.70 -0.37 -2.30
N ALA B 635 33.89 -0.25 -2.87
CA ALA B 635 34.97 -1.18 -2.57
C ALA B 635 36.29 -0.50 -2.57
N SER B 636 37.29 -1.23 -2.11
CA SER B 636 38.68 -0.79 -2.10
C SER B 636 39.41 -1.52 -3.20
N GLN B 637 40.48 -0.93 -3.66
CA GLN B 637 41.21 -1.57 -4.73
C GLN B 637 41.63 -2.89 -4.11
N PRO B 638 41.23 -4.03 -4.71
CA PRO B 638 41.70 -5.29 -4.13
C PRO B 638 43.22 -5.41 -4.20
N SER B 639 43.85 -6.11 -3.26
CA SER B 639 45.32 -6.22 -3.28
C SER B 639 45.73 -7.14 -4.42
N PHE B 640 46.45 -6.59 -5.39
CA PHE B 640 46.77 -7.35 -6.59
C PHE B 640 47.89 -8.33 -6.26
N GLN B 641 47.92 -9.42 -7.00
CA GLN B 641 48.85 -10.50 -6.76
C GLN B 641 49.70 -10.74 -8.01
N THR B 642 50.97 -11.07 -7.80
CA THR B 642 51.89 -11.25 -8.93
C THR B 642 52.61 -12.59 -8.77
N ASN B 643 52.87 -13.29 -9.88
CA ASN B 643 53.53 -14.61 -9.86
C ASN B 643 53.03 -15.44 -8.72
N LEU B 644 51.77 -15.79 -8.80
CA LEU B 644 51.10 -16.51 -7.73
C LEU B 644 50.89 -17.92 -8.25
N PRO B 645 51.26 -18.94 -7.44
CA PRO B 645 51.20 -20.33 -7.92
C PRO B 645 49.83 -20.96 -7.65
N ALA B 646 49.29 -21.61 -8.66
CA ALA B 646 47.98 -22.24 -8.57
C ALA B 646 48.01 -23.76 -8.84
N LYS B 647 47.08 -24.45 -8.20
CA LYS B 647 46.91 -25.89 -8.35
C LYS B 647 45.41 -26.22 -8.42
N ILE B 648 44.99 -26.90 -9.50
CA ILE B 648 43.58 -27.16 -9.78
C ILE B 648 43.32 -28.65 -9.76
N TYR B 649 42.39 -29.10 -8.92
CA TYR B 649 42.04 -30.53 -8.88
C TYR B 649 41.03 -30.83 -9.97
N ILE B 650 41.10 -32.02 -10.58
CA ILE B 650 40.38 -32.33 -11.83
C ILE B 650 39.28 -33.39 -11.62
N GLY B 651 39.40 -34.53 -12.33
CA GLY B 651 38.47 -35.67 -12.22
C GLY B 651 39.13 -36.91 -12.81
N ALA B 652 38.69 -38.09 -12.37
CA ALA B 652 39.28 -39.36 -12.81
C ALA B 652 39.58 -39.38 -14.33
N ASP B 653 38.54 -39.18 -15.15
CA ASP B 653 38.61 -39.38 -16.60
C ASP B 653 39.30 -38.28 -17.44
N GLU B 654 39.18 -37.03 -17.01
CA GLU B 654 39.56 -35.85 -17.82
C GLU B 654 41.08 -35.64 -18.03
N THR B 655 41.45 -35.20 -19.23
CA THR B 655 42.86 -34.99 -19.61
C THR B 655 43.08 -33.73 -20.49
N ILE B 656 43.99 -32.85 -20.06
CA ILE B 656 44.13 -31.48 -20.61
C ILE B 656 45.43 -31.22 -21.40
N SER B 657 45.33 -30.83 -22.68
CA SER B 657 46.54 -30.51 -23.46
C SER B 657 47.07 -29.11 -23.15
N ASP B 658 46.18 -28.11 -23.02
CA ASP B 658 46.65 -26.72 -22.88
C ASP B 658 45.93 -25.93 -21.79
N VAL B 659 46.62 -24.92 -21.28
CA VAL B 659 46.03 -24.00 -20.29
C VAL B 659 46.11 -22.59 -20.84
N TYR B 660 45.02 -21.86 -20.68
CA TYR B 660 44.89 -20.50 -21.18
C TYR B 660 44.34 -19.57 -20.12
N LEU B 661 44.90 -18.36 -20.06
CA LEU B 661 44.38 -17.33 -19.17
C LEU B 661 44.19 -16.01 -19.90
N ALA B 662 42.93 -15.57 -19.99
CA ALA B 662 42.56 -14.26 -20.51
C ALA B 662 41.89 -13.45 -19.41
N SER B 663 42.14 -12.15 -19.42
CA SER B 663 41.56 -11.25 -18.42
C SER B 663 41.58 -9.82 -18.87
N PRO B 664 40.43 -9.13 -18.79
CA PRO B 664 40.34 -7.73 -19.19
C PRO B 664 41.28 -6.77 -18.43
N ASP B 665 41.76 -7.18 -17.25
CA ASP B 665 42.72 -6.38 -16.48
C ASP B 665 44.14 -6.49 -17.08
N LEU B 666 44.28 -7.35 -18.09
CA LEU B 666 45.59 -7.78 -18.58
C LEU B 666 45.64 -7.82 -20.12
N SER B 667 46.36 -6.87 -20.70
CA SER B 667 46.55 -6.79 -22.15
C SER B 667 45.19 -6.80 -22.83
N GLY B 668 44.26 -6.00 -22.30
CA GLY B 668 42.92 -5.86 -22.89
C GLY B 668 42.16 -7.18 -23.07
N GLY B 669 42.57 -8.18 -22.29
CA GLY B 669 41.92 -9.47 -22.33
C GLY B 669 42.50 -10.45 -23.34
N GLU B 670 43.67 -10.13 -23.88
CA GLU B 670 44.33 -11.08 -24.79
C GLU B 670 44.66 -12.36 -24.02
N THR B 671 44.49 -13.49 -24.69
CA THR B 671 44.85 -14.78 -24.11
C THR B 671 46.36 -15.03 -24.19
N GLN B 672 47.02 -15.35 -23.08
CA GLN B 672 48.35 -15.95 -23.17
C GLN B 672 48.34 -17.40 -22.65
N GLU B 673 49.06 -18.28 -23.35
CA GLU B 673 49.19 -19.68 -22.97
C GLU B 673 50.15 -19.81 -21.80
N LEU B 674 49.86 -20.69 -20.86
CA LEU B 674 50.77 -20.90 -19.73
C LEU B 674 51.54 -22.22 -19.81
N ALA B 675 52.72 -22.21 -19.21
CA ALA B 675 53.46 -23.43 -18.97
C ALA B 675 52.97 -24.01 -17.63
N PHE B 676 52.99 -25.35 -17.56
CA PHE B 676 52.31 -26.15 -16.51
C PHE B 676 52.79 -27.61 -16.53
N THR B 677 52.26 -28.44 -15.63
CA THR B 677 52.51 -29.91 -15.63
C THR B 677 51.33 -30.72 -15.01
N SER B 678 51.20 -31.99 -15.41
CA SER B 678 50.18 -32.87 -14.83
C SER B 678 50.64 -33.42 -13.47
N GLY B 679 49.69 -33.89 -12.67
CA GLY B 679 50.00 -34.41 -11.34
C GLY B 679 49.13 -35.59 -10.89
N THR B 680 49.43 -36.10 -9.70
CA THR B 680 48.85 -37.37 -9.23
C THR B 680 49.08 -37.54 -7.72
N ASP B 681 48.03 -37.38 -6.88
CA ASP B 681 48.17 -37.52 -5.40
C ASP B 681 46.94 -37.10 -4.54
N ALA B 682 47.16 -37.06 -3.21
CA ALA B 682 46.41 -36.24 -2.21
C ALA B 682 44.87 -36.35 -2.18
N GLY B 683 44.16 -35.23 -2.36
CA GLY B 683 42.71 -35.24 -2.54
C GLY B 683 42.32 -35.91 -3.85
N GLY B 684 43.10 -35.63 -4.91
CA GLY B 684 42.89 -36.27 -6.22
C GLY B 684 43.98 -35.94 -7.24
N LYS B 685 43.57 -35.80 -8.49
CA LYS B 685 44.48 -35.41 -9.56
C LYS B 685 44.69 -33.92 -9.54
N TYR B 686 45.62 -33.42 -10.34
CA TYR B 686 45.88 -31.99 -10.35
C TYR B 686 46.65 -31.50 -11.58
N VAL B 687 46.47 -30.20 -11.87
CA VAL B 687 47.38 -29.47 -12.75
C VAL B 687 47.92 -28.29 -11.95
N SER B 688 49.17 -27.92 -12.25
CA SER B 688 49.87 -26.84 -11.56
C SER B 688 50.51 -25.86 -12.55
N PHE B 689 50.44 -24.57 -12.20
CA PHE B 689 51.06 -23.50 -12.99
C PHE B 689 51.03 -22.25 -12.13
N THR B 690 51.88 -21.30 -12.50
CA THR B 690 51.97 -20.03 -11.82
C THR B 690 51.11 -19.00 -12.60
N VAL B 691 50.13 -18.40 -11.92
CA VAL B 691 49.33 -17.32 -12.50
C VAL B 691 50.13 -16.01 -12.49
N PRO B 692 50.46 -15.43 -13.68
CA PRO B 692 51.38 -14.27 -13.69
C PRO B 692 50.86 -13.05 -12.94
N GLU B 693 49.57 -12.74 -13.10
CA GLU B 693 48.95 -11.60 -12.44
C GLU B 693 47.47 -11.83 -12.28
N LEU B 694 46.97 -11.42 -11.12
CA LEU B 694 45.54 -11.35 -10.83
C LEU B 694 45.20 -9.98 -10.25
N LYS B 695 44.35 -9.21 -10.92
CA LYS B 695 43.91 -7.91 -10.37
C LYS B 695 42.47 -7.98 -9.90
N TYR B 696 41.54 -8.16 -10.86
CA TYR B 696 40.11 -8.25 -10.56
C TYR B 696 39.55 -9.61 -10.95
N TRP B 697 39.82 -10.03 -12.17
CA TRP B 697 39.17 -11.21 -12.70
C TRP B 697 40.06 -11.92 -13.69
N ASN B 698 40.42 -13.17 -13.39
CA ASN B 698 41.10 -14.03 -14.37
C ASN B 698 40.19 -15.13 -14.86
N MET B 699 40.19 -15.38 -16.16
CA MET B 699 39.49 -16.55 -16.71
C MET B 699 40.48 -17.56 -17.25
N ILE B 700 40.74 -18.59 -16.44
CA ILE B 700 41.49 -19.75 -16.91
C ILE B 700 40.54 -20.64 -17.69
N TYR B 701 40.95 -21.01 -18.90
CA TYR B 701 40.26 -22.05 -19.63
C TYR B 701 41.26 -23.08 -20.16
N MET B 702 41.01 -24.34 -19.83
CA MET B 702 41.92 -25.44 -20.17
C MET B 702 41.21 -26.38 -21.17
N LEU B 703 42.01 -26.98 -22.05
CA LEU B 703 41.53 -27.74 -23.22
C LEU B 703 41.50 -29.26 -22.99
N GLU B 704 40.68 -29.99 -23.76
CA GLU B 704 40.70 -31.46 -23.82
C GLU B 704 40.73 -31.95 -25.27
#